data_7UBS
#
_entry.id   7UBS
#
_cell.length_a   46.880
_cell.length_b   205.510
_cell.length_c   93.860
_cell.angle_alpha   90.000
_cell.angle_beta   103.012
_cell.angle_gamma   90.000
#
_symmetry.space_group_name_H-M   'P 1 21 1'
#
loop_
_entity.id
_entity.type
_entity.pdbx_description
1 polymer 'Gametocyte surface protein P230'
2 polymer 230AS-26
3 water water
#
loop_
_entity_poly.entity_id
_entity_poly.type
_entity_poly.pdbx_seq_one_letter_code
_entity_poly.pdbx_strand_id
1 'polypeptide(L)'
;SVLQSGALPSVGVDELDKIDLSYETTESGDTAVSEDSYDKYASQNTNKEYVCDFTDQLKPTESGPKVKKCEVKVNEPLIK
VKIICPLKGSVEKLYDNIEYVPKKSPYVVLTKEETKLKEKLLSKLIYGLLISPTVNEKENNFKEGVIEFTLPPVVHKATV
FYFICDNSKTEDDNKKGNRGIVEVYVEPYGN
;
A,B,C,D
2 'polypeptide(L)'
;TGQVQLVQSGAEVKKPGASVKVSCKASGYTFTSYGISWVRQAPGQGLEWMGWISGYNGNTKYAQKLQGRVTMTTDTSTST
AYMELRSLRSDDTAVYYCARDKYIPVADPFDYWGQGTLVTVSSGGGGSGGGGSGGGGSGGGGSDIVMTQSPDSLAVSLGE
RATINCKSSQSVLYSSNNKNYLAWYQQKPGQPPKLLIYWASTRESGVPDRFSGSGSGTDFTLTISSLQAEDVAVYYCQQY
YSAPITFGQGTRLEIKGTHHHHHH
;
H,I,J,K
#
# COMPACT_ATOMS: atom_id res chain seq x y z
N ASP A 20 -0.29 5.90 9.44
CA ASP A 20 -1.33 6.89 9.15
C ASP A 20 -0.90 7.81 8.02
N LEU A 21 -1.43 7.57 6.83
CA LEU A 21 -1.11 8.35 5.64
C LEU A 21 -2.19 9.40 5.37
N SER A 22 -1.79 10.66 5.28
CA SER A 22 -2.65 11.69 4.71
C SER A 22 -2.61 11.59 3.19
N TYR A 23 -3.74 11.83 2.54
CA TYR A 23 -3.97 11.30 1.20
C TYR A 23 -4.23 12.37 0.15
N GLU A 24 -3.66 12.14 -1.04
CA GLU A 24 -4.08 12.80 -2.27
C GLU A 24 -4.18 11.74 -3.36
N THR A 25 -5.31 11.68 -4.04
CA THR A 25 -5.46 10.83 -5.22
C THR A 25 -5.34 11.70 -6.47
N THR A 26 -4.77 11.12 -7.53
CA THR A 26 -4.66 11.82 -8.80
C THR A 26 -5.90 11.57 -9.63
N GLU A 27 -6.34 12.62 -10.34
CA GLU A 27 -7.65 12.62 -11.01
C GLU A 27 -8.77 12.54 -9.99
N SER A 28 -8.66 13.33 -8.92
CA SER A 28 -9.65 13.27 -7.86
C SER A 28 -11.00 13.81 -8.32
N GLY A 29 -10.99 14.90 -9.09
CA GLY A 29 -12.21 15.59 -9.47
C GLY A 29 -12.36 15.90 -10.94
N ASP A 30 -11.43 15.42 -11.77
CA ASP A 30 -11.60 15.49 -13.22
C ASP A 30 -12.39 14.27 -13.71
N THR A 31 -13.52 14.02 -13.06
CA THR A 31 -14.30 12.80 -13.26
C THR A 31 -15.76 13.09 -12.98
N ALA A 32 -16.63 12.21 -13.48
CA ALA A 32 -18.07 12.32 -13.31
C ALA A 32 -18.56 11.39 -12.21
N VAL A 33 -19.66 11.76 -11.58
CA VAL A 33 -20.18 11.10 -10.37
C VAL A 33 -21.54 10.50 -10.70
N SER A 34 -21.64 9.17 -10.53
CA SER A 34 -22.91 8.46 -10.50
C SER A 34 -23.15 8.04 -9.06
N GLU A 35 -24.36 8.28 -8.56
CA GLU A 35 -24.70 8.04 -7.16
C GLU A 35 -25.20 6.61 -7.04
N ASP A 36 -24.36 5.71 -6.53
CA ASP A 36 -24.73 4.32 -6.32
C ASP A 36 -25.52 4.21 -5.02
N SER A 37 -26.80 3.81 -5.12
CA SER A 37 -27.63 3.74 -3.93
C SER A 37 -27.39 2.43 -3.18
N TYR A 38 -27.49 2.52 -1.85
CA TYR A 38 -27.30 1.35 -1.00
C TYR A 38 -28.60 0.55 -0.87
N ASP A 39 -28.47 -0.68 -0.40
CA ASP A 39 -29.58 -1.57 -0.14
C ASP A 39 -29.65 -1.78 1.37
N LYS A 40 -30.79 -1.44 1.97
CA LYS A 40 -30.94 -1.58 3.42
C LYS A 40 -31.81 -2.81 3.68
N TYR A 41 -31.27 -3.77 4.39
CA TYR A 41 -31.97 -4.96 4.81
C TYR A 41 -32.29 -4.86 6.30
N ALA A 42 -33.55 -5.13 6.66
CA ALA A 42 -34.02 -5.00 8.03
C ALA A 42 -34.55 -6.34 8.52
N SER A 43 -34.56 -6.48 9.84
CA SER A 43 -35.26 -7.57 10.52
C SER A 43 -34.66 -8.94 10.25
N GLN A 44 -33.41 -9.16 10.70
CA GLN A 44 -32.88 -10.51 10.89
C GLN A 44 -33.30 -11.10 12.25
N ASN A 45 -32.80 -10.52 13.33
CA ASN A 45 -33.36 -10.63 14.67
C ASN A 45 -33.51 -9.25 15.28
N THR A 46 -34.10 -8.34 14.50
CA THR A 46 -34.12 -6.90 14.78
C THR A 46 -32.76 -6.30 14.41
N ASN A 47 -32.18 -6.78 13.29
CA ASN A 47 -30.95 -6.24 12.72
C ASN A 47 -31.28 -5.43 11.47
N LYS A 48 -30.77 -4.20 11.38
CA LYS A 48 -30.86 -3.37 10.18
C LYS A 48 -29.47 -3.15 9.60
N GLU A 49 -29.30 -3.46 8.30
CA GLU A 49 -28.01 -3.46 7.64
C GLU A 49 -28.04 -2.61 6.38
N TYR A 50 -27.14 -1.64 6.29
CA TYR A 50 -26.91 -0.87 5.06
C TYR A 50 -25.72 -1.48 4.32
N VAL A 51 -25.87 -1.71 3.02
CA VAL A 51 -24.86 -2.38 2.20
C VAL A 51 -24.55 -1.54 0.97
N CYS A 52 -23.27 -1.27 0.75
CA CYS A 52 -22.80 -0.69 -0.51
C CYS A 52 -22.04 -1.79 -1.27
N ASP A 53 -22.57 -2.19 -2.42
CA ASP A 53 -22.07 -3.33 -3.19
C ASP A 53 -21.53 -2.82 -4.53
N PHE A 54 -20.21 -2.91 -4.71
CA PHE A 54 -19.55 -2.50 -5.94
C PHE A 54 -19.20 -3.69 -6.84
N THR A 55 -19.78 -4.86 -6.57
CA THR A 55 -19.37 -6.06 -7.28
C THR A 55 -19.50 -5.92 -8.79
N ASP A 56 -20.47 -5.15 -9.25
CA ASP A 56 -20.75 -5.06 -10.68
C ASP A 56 -20.78 -3.61 -11.15
N GLN A 57 -20.02 -2.74 -10.47
CA GLN A 57 -20.05 -1.31 -10.76
C GLN A 57 -18.68 -0.70 -11.05
N LEU A 58 -17.61 -1.48 -10.96
CA LEU A 58 -16.27 -0.95 -11.16
C LEU A 58 -15.56 -1.54 -12.36
N LYS A 59 -16.23 -2.39 -13.14
CA LYS A 59 -15.58 -3.02 -14.28
C LYS A 59 -15.15 -1.98 -15.31
N PRO A 60 -14.02 -2.19 -15.99
CA PRO A 60 -13.61 -1.23 -17.01
C PRO A 60 -14.73 -1.00 -18.01
N THR A 61 -15.01 0.27 -18.26
CA THR A 61 -16.06 0.69 -19.17
C THR A 61 -15.46 1.60 -20.24
N GLU A 62 -16.19 1.74 -21.34
CA GLU A 62 -15.69 2.55 -22.45
C GLU A 62 -15.57 4.01 -22.01
N SER A 63 -16.49 4.47 -21.16
CA SER A 63 -16.54 5.85 -20.70
C SER A 63 -15.73 6.11 -19.43
N GLY A 64 -15.03 5.11 -18.90
CA GLY A 64 -14.31 5.28 -17.66
C GLY A 64 -13.10 6.16 -17.80
N PRO A 65 -12.49 6.54 -16.65
CA PRO A 65 -12.94 6.21 -15.29
C PRO A 65 -14.02 7.15 -14.74
N LYS A 66 -15.04 6.57 -14.12
CA LYS A 66 -16.11 7.30 -13.44
C LYS A 66 -16.06 7.02 -11.94
N VAL A 67 -16.69 7.90 -11.18
CA VAL A 67 -16.79 7.75 -9.73
C VAL A 67 -18.19 7.24 -9.38
N LYS A 68 -18.24 6.17 -8.57
CA LYS A 68 -19.48 5.60 -8.05
C LYS A 68 -19.54 5.89 -6.56
N LYS A 69 -20.41 6.81 -6.15
CA LYS A 69 -20.50 7.26 -4.77
C LYS A 69 -21.73 6.63 -4.13
N CYS A 70 -21.51 5.91 -3.03
CA CYS A 70 -22.56 5.30 -2.22
C CYS A 70 -22.53 6.00 -0.87
N GLU A 71 -23.54 6.82 -0.60
CA GLU A 71 -23.62 7.56 0.65
C GLU A 71 -24.57 6.87 1.60
N VAL A 72 -24.15 6.70 2.86
CA VAL A 72 -24.94 6.09 3.91
C VAL A 72 -25.10 7.14 5.01
N LYS A 73 -26.35 7.50 5.29
CA LYS A 73 -26.70 8.41 6.37
C LYS A 73 -27.28 7.57 7.50
N VAL A 74 -26.69 7.66 8.68
CA VAL A 74 -27.08 6.86 9.84
C VAL A 74 -27.45 7.80 10.97
N ASN A 75 -28.61 7.56 11.58
CA ASN A 75 -28.99 8.35 12.75
C ASN A 75 -29.67 7.49 13.82
N GLU A 76 -29.45 6.18 13.79
CA GLU A 76 -30.01 5.25 14.78
C GLU A 76 -28.92 4.32 15.28
N PRO A 77 -29.10 3.76 16.47
CA PRO A 77 -28.07 2.89 17.05
C PRO A 77 -28.05 1.49 16.48
N LEU A 78 -26.87 0.86 16.57
CA LEU A 78 -26.64 -0.53 16.19
C LEU A 78 -26.88 -0.76 14.70
N ILE A 79 -26.77 0.28 13.89
CA ILE A 79 -26.86 0.14 12.44
C ILE A 79 -25.60 -0.58 11.95
N LYS A 80 -25.80 -1.56 11.07
CA LYS A 80 -24.72 -2.35 10.52
C LYS A 80 -24.43 -1.86 9.11
N VAL A 81 -23.16 -1.59 8.83
CA VAL A 81 -22.72 -1.10 7.54
C VAL A 81 -21.81 -2.15 6.91
N LYS A 82 -22.07 -2.48 5.66
CA LYS A 82 -21.36 -3.52 4.94
C LYS A 82 -20.94 -2.95 3.60
N ILE A 83 -19.68 -3.17 3.22
CA ILE A 83 -19.14 -2.69 1.96
C ILE A 83 -18.53 -3.88 1.24
N ILE A 84 -19.02 -4.16 0.03
CA ILE A 84 -18.58 -5.30 -0.76
C ILE A 84 -17.83 -4.76 -1.96
N CYS A 85 -16.56 -5.14 -2.08
CA CYS A 85 -15.71 -4.67 -3.16
C CYS A 85 -15.04 -5.85 -3.86
N PRO A 86 -14.88 -5.79 -5.17
CA PRO A 86 -14.30 -6.93 -5.90
C PRO A 86 -12.82 -7.09 -5.59
N LEU A 87 -12.32 -8.29 -5.84
CA LEU A 87 -10.94 -8.65 -5.55
C LEU A 87 -10.12 -8.74 -6.83
N LYS A 88 -8.85 -8.34 -6.72
CA LYS A 88 -7.88 -8.65 -7.76
C LYS A 88 -7.94 -10.15 -8.05
N GLY A 89 -8.13 -10.49 -9.31
CA GLY A 89 -8.19 -11.87 -9.72
C GLY A 89 -9.54 -12.54 -9.60
N SER A 90 -10.54 -11.88 -9.02
CA SER A 90 -11.88 -12.46 -9.03
C SER A 90 -12.35 -12.72 -10.46
N VAL A 91 -12.13 -11.76 -11.36
CA VAL A 91 -12.28 -11.94 -12.80
C VAL A 91 -10.95 -11.60 -13.45
N GLU A 92 -10.67 -12.23 -14.59
CA GLU A 92 -9.41 -12.02 -15.27
C GLU A 92 -9.35 -10.61 -15.87
N LYS A 93 -8.28 -9.89 -15.54
CA LYS A 93 -7.92 -8.62 -16.14
C LYS A 93 -8.84 -7.45 -15.81
N LEU A 94 -9.96 -7.71 -15.14
CA LEU A 94 -10.92 -6.65 -14.90
C LEU A 94 -10.63 -5.85 -13.63
N TYR A 95 -9.86 -6.41 -12.70
CA TYR A 95 -9.59 -5.75 -11.43
C TYR A 95 -8.14 -5.87 -11.00
N ASP A 96 -7.22 -5.93 -11.96
CA ASP A 96 -5.84 -6.28 -11.63
C ASP A 96 -5.08 -5.16 -10.92
N ASN A 97 -5.47 -3.89 -11.14
CA ASN A 97 -4.83 -2.76 -10.46
C ASN A 97 -5.77 -2.09 -9.46
N ILE A 98 -6.70 -2.85 -8.89
CA ILE A 98 -7.63 -2.27 -7.93
C ILE A 98 -6.87 -1.98 -6.64
N GLU A 99 -7.16 -0.84 -6.04
CA GLU A 99 -6.51 -0.41 -4.80
C GLU A 99 -7.59 0.08 -3.86
N TYR A 100 -7.52 -0.33 -2.60
CA TYR A 100 -8.55 0.02 -1.62
C TYR A 100 -7.92 0.90 -0.54
N VAL A 101 -8.61 1.99 -0.20
CA VAL A 101 -8.09 2.98 0.73
C VAL A 101 -9.13 3.23 1.82
N PRO A 102 -8.76 3.18 3.10
CA PRO A 102 -7.46 2.75 3.64
C PRO A 102 -7.26 1.25 3.53
N LYS A 103 -6.02 0.79 3.34
CA LYS A 103 -5.79 -0.65 3.23
C LYS A 103 -6.16 -1.38 4.51
N LYS A 104 -6.11 -0.68 5.65
CA LYS A 104 -6.42 -1.25 6.96
C LYS A 104 -7.84 -0.93 7.40
N SER A 105 -8.76 -0.78 6.45
CA SER A 105 -10.16 -0.59 6.77
C SER A 105 -10.70 -1.85 7.44
N PRO A 106 -11.73 -1.74 8.29
CA PRO A 106 -12.45 -0.54 8.76
C PRO A 106 -11.85 0.11 10.00
N TYR A 107 -10.70 -0.39 10.46
CA TYR A 107 -10.01 0.19 11.60
C TYR A 107 -9.50 1.60 11.30
N VAL A 108 -9.10 1.84 10.05
CA VAL A 108 -8.71 3.17 9.60
C VAL A 108 -9.71 3.61 8.55
N VAL A 109 -10.04 4.91 8.54
CA VAL A 109 -10.99 5.49 7.60
C VAL A 109 -10.40 6.79 7.08
N LEU A 110 -11.02 7.33 6.03
CA LEU A 110 -10.64 8.63 5.50
C LEU A 110 -11.58 9.72 6.05
N THR A 111 -11.01 10.89 6.32
CA THR A 111 -11.75 12.06 6.77
C THR A 111 -11.33 13.25 5.92
N LYS A 112 -12.22 14.24 5.81
CA LYS A 112 -11.98 15.40 4.95
C LYS A 112 -11.79 16.66 5.77
N GLU A 113 -10.92 16.59 6.77
CA GLU A 113 -10.55 17.77 7.55
C GLU A 113 -9.96 18.85 6.66
N GLU A 114 -10.38 20.09 6.88
CA GLU A 114 -10.03 21.21 5.97
C GLU A 114 -10.63 20.82 4.60
N THR A 115 -9.90 21.03 3.52
CA THR A 115 -10.18 20.34 2.26
C THR A 115 -9.35 19.07 2.12
N LYS A 116 -8.59 18.72 3.16
CA LYS A 116 -7.52 17.74 3.07
C LYS A 116 -8.01 16.37 3.53
N LEU A 117 -7.74 15.35 2.72
CA LEU A 117 -8.06 13.99 3.09
C LEU A 117 -7.00 13.47 4.06
N LYS A 118 -7.44 12.89 5.17
CA LYS A 118 -6.56 12.39 6.21
C LYS A 118 -7.11 11.08 6.75
N GLU A 119 -6.20 10.15 7.06
CA GLU A 119 -6.58 8.88 7.68
C GLU A 119 -6.66 9.05 9.18
N LYS A 120 -7.73 8.51 9.76
CA LYS A 120 -7.97 8.55 11.20
C LYS A 120 -8.49 7.19 11.65
N LEU A 121 -8.23 6.84 12.90
CA LEU A 121 -8.81 5.64 13.49
C LEU A 121 -10.30 5.87 13.77
N LEU A 122 -11.13 4.92 13.36
CA LEU A 122 -12.57 5.07 13.51
C LEU A 122 -13.00 5.11 14.97
N SER A 123 -12.34 4.34 15.84
CA SER A 123 -12.71 4.35 17.25
C SER A 123 -12.39 5.68 17.91
N LYS A 124 -11.39 6.40 17.39
CA LYS A 124 -11.09 7.74 17.89
C LYS A 124 -11.96 8.81 17.24
N LEU A 125 -12.59 8.48 16.11
CA LEU A 125 -13.54 9.36 15.44
C LEU A 125 -14.96 9.18 15.98
N ILE A 126 -15.32 7.95 16.32
CA ILE A 126 -16.59 7.63 16.99
C ILE A 126 -16.20 6.92 18.29
N TYR A 127 -16.31 7.65 19.41
CA TYR A 127 -15.93 7.10 20.69
C TYR A 127 -16.85 5.93 21.05
N GLY A 128 -16.26 4.77 21.30
CA GLY A 128 -16.99 3.59 21.67
C GLY A 128 -17.28 2.64 20.53
N LEU A 129 -16.95 3.01 19.29
CA LEU A 129 -17.15 2.09 18.18
C LEU A 129 -16.12 0.97 18.29
N LEU A 130 -16.59 -0.26 18.03
CA LEU A 130 -15.76 -1.45 18.12
C LEU A 130 -15.89 -2.23 16.83
N ILE A 131 -14.79 -2.91 16.48
CA ILE A 131 -14.68 -3.67 15.24
C ILE A 131 -14.41 -5.12 15.58
N SER A 132 -15.20 -6.01 15.01
CA SER A 132 -14.89 -7.43 15.12
C SER A 132 -13.91 -7.80 14.02
N PRO A 133 -12.84 -8.54 14.31
CA PRO A 133 -11.82 -8.80 13.28
C PRO A 133 -12.27 -9.78 12.19
N THR A 134 -13.47 -10.33 12.27
CA THR A 134 -13.96 -11.27 11.26
C THR A 134 -15.39 -10.92 10.85
N VAL A 135 -15.71 -11.18 9.60
CA VAL A 135 -17.06 -11.09 9.07
C VAL A 135 -17.40 -12.43 8.46
N ASN A 136 -18.40 -13.09 9.02
CA ASN A 136 -18.87 -14.38 8.51
C ASN A 136 -17.70 -15.32 8.24
N GLU A 137 -16.79 -15.42 9.21
CA GLU A 137 -15.67 -16.37 9.22
C GLU A 137 -14.65 -16.11 8.11
N LYS A 138 -14.64 -14.90 7.56
CA LYS A 138 -13.54 -14.35 6.79
C LYS A 138 -13.04 -13.10 7.51
N GLU A 139 -11.78 -12.75 7.27
CA GLU A 139 -11.21 -11.57 7.93
C GLU A 139 -11.92 -10.29 7.48
N ASN A 140 -12.05 -9.34 8.41
CA ASN A 140 -12.77 -8.09 8.17
C ASN A 140 -11.84 -7.06 7.50
N ASN A 141 -11.41 -7.41 6.29
CA ASN A 141 -10.48 -6.61 5.49
C ASN A 141 -10.94 -6.66 4.04
N PHE A 142 -10.58 -5.62 3.28
CA PHE A 142 -10.93 -5.59 1.86
C PHE A 142 -10.21 -6.67 1.06
N LYS A 143 -9.08 -7.20 1.57
CA LYS A 143 -8.45 -8.35 0.94
C LYS A 143 -9.43 -9.51 0.80
N GLU A 144 -10.35 -9.65 1.74
CA GLU A 144 -11.37 -10.69 1.71
C GLU A 144 -12.63 -10.26 0.96
N GLY A 145 -12.70 -9.01 0.53
CA GLY A 145 -13.79 -8.51 -0.29
C GLY A 145 -14.87 -7.75 0.43
N VAL A 146 -14.92 -7.80 1.76
CA VAL A 146 -15.99 -7.19 2.54
C VAL A 146 -15.42 -6.63 3.83
N ILE A 147 -15.88 -5.43 4.21
CA ILE A 147 -15.66 -4.92 5.56
C ILE A 147 -17.03 -4.66 6.17
N GLU A 148 -17.08 -4.66 7.50
CA GLU A 148 -18.30 -4.37 8.23
C GLU A 148 -17.96 -3.63 9.51
N PHE A 149 -18.88 -2.77 9.94
CA PHE A 149 -18.77 -2.16 11.26
C PHE A 149 -20.18 -1.81 11.71
N THR A 150 -20.44 -2.04 12.99
CA THR A 150 -21.70 -1.70 13.63
C THR A 150 -21.47 -0.47 14.49
N LEU A 151 -22.29 0.54 14.30
CA LEU A 151 -22.16 1.79 15.02
C LEU A 151 -22.68 1.63 16.45
N PRO A 152 -22.15 2.42 17.38
CA PRO A 152 -22.37 2.14 18.80
C PRO A 152 -23.75 2.56 19.28
N PRO A 153 -24.11 2.22 20.50
CA PRO A 153 -25.42 2.65 21.04
C PRO A 153 -25.59 4.15 21.12
N VAL A 154 -24.52 4.91 21.28
CA VAL A 154 -24.60 6.36 21.39
C VAL A 154 -23.50 6.98 20.54
N VAL A 155 -23.84 8.05 19.82
CA VAL A 155 -22.87 8.89 19.12
C VAL A 155 -23.11 10.33 19.55
N HIS A 156 -22.12 10.92 20.22
CA HIS A 156 -22.23 12.27 20.77
C HIS A 156 -22.08 13.34 19.71
N LYS A 157 -21.17 13.14 18.75
CA LYS A 157 -20.82 14.17 17.79
C LYS A 157 -20.99 13.61 16.38
N ALA A 158 -21.44 14.47 15.48
CA ALA A 158 -21.61 14.07 14.09
C ALA A 158 -20.26 13.95 13.41
N THR A 159 -20.15 12.98 12.50
CA THR A 159 -18.90 12.73 11.81
C THR A 159 -19.16 12.11 10.45
N VAL A 160 -18.28 12.42 9.50
CA VAL A 160 -18.33 11.90 8.14
C VAL A 160 -16.98 11.27 7.85
N PHE A 161 -16.99 10.02 7.40
CA PHE A 161 -15.78 9.32 6.99
C PHE A 161 -16.03 8.62 5.66
N TYR A 162 -14.94 8.17 5.04
CA TYR A 162 -14.98 7.68 3.67
C TYR A 162 -14.16 6.40 3.53
N PHE A 163 -14.53 5.59 2.52
CA PHE A 163 -13.75 4.46 2.05
C PHE A 163 -13.64 4.56 0.53
N ILE A 164 -12.55 4.04 -0.03
CA ILE A 164 -12.34 4.06 -1.47
C ILE A 164 -12.04 2.65 -1.97
N CYS A 165 -12.80 2.19 -2.96
CA CYS A 165 -12.53 0.93 -3.66
C CYS A 165 -12.23 1.33 -5.10
N ASP A 166 -10.97 1.63 -5.37
CA ASP A 166 -10.57 2.32 -6.58
C ASP A 166 -10.10 1.32 -7.62
N ASN A 167 -10.74 1.33 -8.79
CA ASN A 167 -10.29 0.55 -9.94
C ASN A 167 -10.02 1.46 -11.13
N SER A 168 -9.76 2.75 -10.87
CA SER A 168 -9.60 3.73 -11.95
C SER A 168 -8.24 3.58 -12.64
N LYS A 169 -7.24 3.06 -11.95
CA LYS A 169 -5.92 2.82 -12.53
C LYS A 169 -5.85 1.52 -13.31
N THR A 170 -6.97 0.81 -13.48
CA THR A 170 -7.01 -0.41 -14.26
C THR A 170 -7.47 -0.15 -15.69
N GLU A 171 -6.80 -0.77 -16.65
CA GLU A 171 -7.17 -0.64 -18.05
C GLU A 171 -7.24 -2.03 -18.68
N ASP A 172 -8.34 -2.30 -19.38
CA ASP A 172 -8.54 -3.52 -20.14
C ASP A 172 -9.00 -3.12 -21.54
N ASP A 173 -8.20 -3.45 -22.55
CA ASP A 173 -8.40 -2.95 -23.92
C ASP A 173 -8.21 -1.44 -23.86
N ASN A 174 -9.18 -0.64 -24.30
CA ASN A 174 -9.18 0.80 -24.09
C ASN A 174 -10.15 1.20 -22.99
N LYS A 175 -10.74 0.21 -22.31
CA LYS A 175 -11.72 0.45 -21.25
C LYS A 175 -10.96 0.65 -19.95
N LYS A 176 -11.35 1.66 -19.17
CA LYS A 176 -10.74 1.92 -17.87
C LYS A 176 -11.78 1.81 -16.77
N GLY A 177 -11.36 1.26 -15.62
CA GLY A 177 -12.24 1.02 -14.50
C GLY A 177 -12.66 2.29 -13.76
N ASN A 178 -13.55 2.09 -12.79
CA ASN A 178 -14.16 3.16 -12.02
C ASN A 178 -13.64 3.19 -10.59
N ARG A 179 -13.90 4.30 -9.91
CA ARG A 179 -13.55 4.48 -8.50
C ARG A 179 -14.84 4.47 -7.68
N GLY A 180 -14.93 3.55 -6.73
CA GLY A 180 -16.06 3.47 -5.84
C GLY A 180 -15.75 4.18 -4.54
N ILE A 181 -16.65 5.09 -4.15
CA ILE A 181 -16.51 5.84 -2.91
C ILE A 181 -17.72 5.57 -2.05
N VAL A 182 -17.48 5.22 -0.80
CA VAL A 182 -18.52 5.09 0.21
C VAL A 182 -18.34 6.26 1.17
N GLU A 183 -19.38 7.06 1.32
CA GLU A 183 -19.43 8.14 2.30
C GLU A 183 -20.38 7.72 3.41
N VAL A 184 -19.93 7.81 4.65
CA VAL A 184 -20.75 7.49 5.82
C VAL A 184 -20.94 8.78 6.60
N TYR A 185 -22.20 9.22 6.70
CA TYR A 185 -22.58 10.41 7.46
C TYR A 185 -23.25 9.91 8.74
N VAL A 186 -22.62 10.16 9.89
CA VAL A 186 -23.18 9.74 11.16
C VAL A 186 -23.73 10.98 11.86
N GLU A 187 -25.06 11.02 12.03
CA GLU A 187 -25.70 12.08 12.78
C GLU A 187 -25.69 11.73 14.28
N PRO A 188 -25.69 12.73 15.15
CA PRO A 188 -25.70 12.42 16.59
C PRO A 188 -26.98 11.71 16.97
N TYR A 189 -26.87 10.73 17.86
CA TYR A 189 -28.02 10.00 18.34
C TYR A 189 -27.70 9.42 19.71
N GLY A 190 -28.74 8.99 20.41
CA GLY A 190 -28.65 8.53 21.76
C GLY A 190 -28.76 9.64 22.78
N ASN A 191 -29.03 10.86 22.32
CA ASN A 191 -29.45 11.97 23.16
C ASN A 191 -28.67 12.14 24.45
N ILE B 19 -0.26 10.00 -7.89
CA ILE B 19 -0.75 9.86 -6.53
C ILE B 19 0.34 10.32 -5.55
N ASP B 20 -0.09 10.93 -4.46
CA ASP B 20 0.86 11.48 -3.49
C ASP B 20 0.26 11.39 -2.09
N LEU B 21 0.78 10.44 -1.30
CA LEU B 21 0.35 10.29 0.08
C LEU B 21 1.31 11.10 0.95
N SER B 22 0.78 12.04 1.72
CA SER B 22 1.55 12.67 2.77
C SER B 22 1.60 11.74 3.97
N TYR B 23 2.73 11.72 4.67
CA TYR B 23 3.06 10.58 5.51
C TYR B 23 3.25 10.91 6.98
N GLU B 24 2.75 10.01 7.82
CA GLU B 24 3.10 9.95 9.24
C GLU B 24 3.36 8.48 9.57
N THR B 25 4.51 8.19 10.15
CA THR B 25 4.78 6.84 10.65
C THR B 25 4.63 6.80 12.16
N THR B 26 4.16 5.67 12.66
CA THR B 26 4.01 5.45 14.09
C THR B 26 5.33 4.88 14.60
N GLU B 27 5.73 5.31 15.80
CA GLU B 27 7.09 5.04 16.29
C GLU B 27 8.13 5.75 15.44
N SER B 28 7.87 7.02 15.11
CA SER B 28 8.77 7.76 14.25
C SER B 28 10.09 8.09 14.96
N GLY B 29 10.02 8.51 16.22
CA GLY B 29 11.19 9.00 16.92
C GLY B 29 11.39 8.43 18.32
N ASP B 30 10.55 7.49 18.71
CA ASP B 30 10.77 6.74 19.95
C ASP B 30 11.68 5.54 19.68
N THR B 31 12.81 5.79 19.01
CA THR B 31 13.67 4.73 18.53
C THR B 31 15.11 5.23 18.48
N ALA B 32 16.06 4.29 18.47
CA ALA B 32 17.48 4.61 18.45
C ALA B 32 18.03 4.46 17.04
N VAL B 33 19.10 5.21 16.75
CA VAL B 33 19.62 5.37 15.40
C VAL B 33 21.03 4.82 15.34
N SER B 34 21.25 3.82 14.48
CA SER B 34 22.57 3.39 14.05
C SER B 34 22.75 3.86 12.61
N GLU B 35 23.86 4.52 12.33
CA GLU B 35 24.10 5.07 11.00
C GLU B 35 24.83 4.00 10.18
N ASP B 36 24.10 3.39 9.25
CA ASP B 36 24.62 2.39 8.33
C ASP B 36 25.39 3.06 7.20
N SER B 37 26.68 2.77 7.09
CA SER B 37 27.50 3.39 6.06
C SER B 37 27.25 2.75 4.70
N TYR B 38 27.32 3.57 3.66
CA TYR B 38 27.16 3.08 2.30
C TYR B 38 28.49 2.57 1.76
N ASP B 39 28.41 1.79 0.70
CA ASP B 39 29.57 1.24 0.01
C ASP B 39 29.64 1.90 -1.36
N LYS B 40 30.77 2.54 -1.65
CA LYS B 40 30.99 3.20 -2.92
C LYS B 40 31.92 2.34 -3.78
N TYR B 41 31.41 1.93 -4.93
CA TYR B 41 32.15 1.19 -5.94
C TYR B 41 32.46 2.15 -7.08
N ALA B 42 33.63 2.00 -7.69
CA ALA B 42 33.98 2.87 -8.80
C ALA B 42 34.45 2.12 -10.04
N SER B 43 34.18 2.75 -11.20
CA SER B 43 34.91 2.53 -12.46
C SER B 43 34.80 1.10 -13.01
N GLN B 44 33.59 0.77 -13.48
CA GLN B 44 33.47 -0.34 -14.43
C GLN B 44 33.86 0.13 -15.83
N ASN B 45 33.12 1.11 -16.37
CA ASN B 45 33.64 1.95 -17.46
C ASN B 45 34.20 3.20 -16.79
N THR B 46 33.31 4.05 -16.26
CA THR B 46 33.68 5.15 -15.38
C THR B 46 32.55 5.40 -14.40
N ASN B 47 31.97 4.34 -13.85
CA ASN B 47 30.76 4.44 -13.07
C ASN B 47 31.07 4.40 -11.57
N LYS B 48 30.57 5.40 -10.86
CA LYS B 48 30.68 5.48 -9.41
C LYS B 48 29.29 5.24 -8.84
N GLU B 49 29.17 4.27 -7.94
CA GLU B 49 27.89 3.81 -7.44
C GLU B 49 27.92 3.79 -5.92
N TYR B 50 26.95 4.46 -5.32
CA TYR B 50 26.72 4.38 -3.89
C TYR B 50 25.62 3.37 -3.63
N VAL B 51 25.85 2.46 -2.69
CA VAL B 51 24.93 1.36 -2.40
C VAL B 51 24.62 1.38 -0.90
N CYS B 52 23.34 1.42 -0.58
CA CYS B 52 22.84 1.21 0.78
C CYS B 52 22.19 -0.16 0.79
N ASP B 53 22.76 -1.09 1.57
CA ASP B 53 22.35 -2.49 1.58
C ASP B 53 21.79 -2.84 2.95
N PHE B 54 20.49 -3.09 3.00
CA PHE B 54 19.82 -3.48 4.24
C PHE B 54 19.58 -4.99 4.32
N THR B 55 20.23 -5.77 3.45
CA THR B 55 19.95 -7.21 3.39
C THR B 55 20.18 -7.89 4.73
N ASP B 56 21.10 -7.37 5.55
CA ASP B 56 21.48 -8.02 6.80
C ASP B 56 21.37 -7.08 7.99
N GLN B 57 20.50 -6.05 7.91
CA GLN B 57 20.42 -5.05 8.96
C GLN B 57 19.03 -4.85 9.53
N LEU B 58 18.01 -5.52 9.00
CA LEU B 58 16.64 -5.32 9.42
C LEU B 58 16.04 -6.55 10.09
N LYS B 59 16.83 -7.60 10.31
CA LYS B 59 16.32 -8.81 10.91
C LYS B 59 15.85 -8.52 12.33
N PRO B 60 14.78 -9.18 12.79
CA PRO B 60 14.30 -8.94 14.16
C PRO B 60 15.37 -9.15 15.23
N THR B 61 15.45 -8.19 16.19
CA THR B 61 16.39 -8.23 17.31
C THR B 61 15.67 -7.97 18.64
N GLU B 62 16.30 -8.43 19.75
CA GLU B 62 15.67 -8.27 21.07
C GLU B 62 15.50 -6.79 21.43
N SER B 63 16.47 -5.99 21.04
CA SER B 63 16.49 -4.57 21.32
C SER B 63 15.78 -3.77 20.25
N GLY B 64 15.23 -4.43 19.25
CA GLY B 64 14.53 -3.75 18.19
C GLY B 64 13.19 -3.24 18.67
N PRO B 65 12.54 -2.39 17.88
CA PRO B 65 13.02 -1.93 16.57
C PRO B 65 14.06 -0.82 16.67
N LYS B 66 15.07 -0.92 15.81
CA LYS B 66 16.12 0.07 15.68
C LYS B 66 15.96 0.77 14.34
N VAL B 67 16.51 1.98 14.25
CA VAL B 67 16.54 2.71 12.99
C VAL B 67 17.96 2.62 12.44
N LYS B 68 18.09 2.15 11.21
CA LYS B 68 19.35 2.06 10.48
C LYS B 68 19.32 3.11 9.38
N LYS B 69 20.08 4.19 9.55
CA LYS B 69 20.06 5.31 8.62
C LYS B 69 21.30 5.27 7.73
N CYS B 70 21.10 5.27 6.43
CA CYS B 70 22.16 5.31 5.44
C CYS B 70 22.03 6.66 4.72
N GLU B 71 22.93 7.58 5.01
CA GLU B 71 22.92 8.91 4.43
C GLU B 71 23.91 8.96 3.27
N VAL B 72 23.45 9.47 2.13
CA VAL B 72 24.26 9.57 0.92
C VAL B 72 24.30 11.02 0.49
N LYS B 73 25.50 11.59 0.41
CA LYS B 73 25.69 12.95 -0.09
C LYS B 73 26.27 12.89 -1.50
N VAL B 74 25.60 13.55 -2.44
CA VAL B 74 26.00 13.56 -3.83
C VAL B 74 26.24 15.00 -4.28
N ASN B 75 27.40 15.26 -4.87
CA ASN B 75 27.70 16.58 -5.43
C ASN B 75 28.47 16.48 -6.74
N GLU B 76 28.37 15.37 -7.45
CA GLU B 76 29.06 15.15 -8.71
C GLU B 76 28.08 14.60 -9.73
N PRO B 77 28.33 14.79 -11.02
CA PRO B 77 27.39 14.30 -12.02
C PRO B 77 27.49 12.81 -12.27
N LEU B 78 26.36 12.23 -12.69
CA LEU B 78 26.26 10.84 -13.12
C LEU B 78 26.57 9.87 -11.98
N ILE B 79 26.37 10.31 -10.74
CA ILE B 79 26.45 9.39 -9.60
C ILE B 79 25.25 8.46 -9.63
N LYS B 80 25.52 7.17 -9.41
CA LYS B 80 24.49 6.13 -9.40
C LYS B 80 24.22 5.70 -7.96
N VAL B 81 22.96 5.72 -7.56
CA VAL B 81 22.54 5.39 -6.20
C VAL B 81 21.72 4.11 -6.24
N LYS B 82 22.05 3.16 -5.37
CA LYS B 82 21.41 1.86 -5.34
C LYS B 82 21.00 1.56 -3.91
N ILE B 83 19.80 1.02 -3.74
CA ILE B 83 19.26 0.68 -2.42
C ILE B 83 18.80 -0.77 -2.47
N ILE B 84 19.32 -1.59 -1.56
CA ILE B 84 18.98 -3.01 -1.50
C ILE B 84 18.19 -3.24 -0.23
N CYS B 85 16.95 -3.70 -0.39
CA CYS B 85 16.03 -3.90 0.72
C CYS B 85 15.49 -5.32 0.62
N PRO B 86 15.44 -6.07 1.72
CA PRO B 86 15.02 -7.47 1.64
C PRO B 86 13.54 -7.59 1.33
N LEU B 87 13.19 -8.77 0.79
CA LEU B 87 11.82 -9.07 0.36
C LEU B 87 11.11 -9.97 1.35
N LYS B 88 9.81 -9.74 1.49
CA LYS B 88 8.96 -10.66 2.25
C LYS B 88 9.08 -12.07 1.67
N GLY B 89 9.36 -13.03 2.55
CA GLY B 89 9.48 -14.42 2.15
C GLY B 89 10.83 -14.82 1.61
N SER B 90 11.72 -13.86 1.38
CA SER B 90 13.10 -14.22 1.03
C SER B 90 13.70 -15.08 2.13
N VAL B 91 13.48 -14.70 3.38
CA VAL B 91 13.71 -15.56 4.54
C VAL B 91 12.36 -15.72 5.21
N GLU B 92 12.13 -16.91 5.78
CA GLU B 92 10.82 -17.23 6.32
C GLU B 92 10.55 -16.47 7.62
N LYS B 93 9.43 -15.76 7.66
CA LYS B 93 8.87 -15.09 8.82
C LYS B 93 9.71 -13.90 9.30
N LEU B 94 10.87 -13.64 8.70
CA LEU B 94 11.71 -12.55 9.15
C LEU B 94 11.33 -11.21 8.55
N TYR B 95 10.57 -11.20 7.45
CA TYR B 95 10.19 -9.97 6.78
C TYR B 95 8.72 -10.01 6.39
N ASP B 96 7.90 -10.71 7.17
CA ASP B 96 6.52 -10.96 6.74
C ASP B 96 5.68 -9.69 6.76
N ASN B 97 6.01 -8.74 7.64
CA ASN B 97 5.28 -7.48 7.72
C ASN B 97 6.12 -6.31 7.24
N ILE B 98 7.12 -6.56 6.39
CA ILE B 98 8.01 -5.51 5.91
C ILE B 98 7.28 -4.60 4.92
N GLU B 99 7.54 -3.30 5.02
CA GLU B 99 6.91 -2.30 4.18
C GLU B 99 7.94 -1.29 3.70
N TYR B 100 7.86 -0.91 2.43
CA TYR B 100 8.79 0.05 1.83
C TYR B 100 8.01 1.28 1.38
N VAL B 101 8.56 2.46 1.67
CA VAL B 101 7.91 3.74 1.42
C VAL B 101 8.89 4.69 0.71
N PRO B 102 8.49 5.35 -0.39
CA PRO B 102 7.22 5.22 -1.10
C PRO B 102 7.12 3.91 -1.86
N LYS B 103 5.90 3.39 -2.01
CA LYS B 103 5.71 2.14 -2.73
C LYS B 103 6.10 2.27 -4.19
N LYS B 104 6.06 3.48 -4.74
CA LYS B 104 6.40 3.74 -6.13
C LYS B 104 7.81 4.30 -6.30
N SER B 105 8.73 3.94 -5.40
CA SER B 105 10.11 4.35 -5.54
C SER B 105 10.74 3.69 -6.76
N PRO B 106 11.75 4.32 -7.39
CA PRO B 106 12.34 5.62 -7.06
C PRO B 106 11.66 6.76 -7.78
N TYR B 107 10.57 6.48 -8.48
CA TYR B 107 9.90 7.57 -9.17
C TYR B 107 9.29 8.55 -8.17
N VAL B 108 8.83 8.07 -7.03
CA VAL B 108 8.33 8.91 -5.94
C VAL B 108 9.27 8.78 -4.75
N VAL B 109 9.53 9.90 -4.08
CA VAL B 109 10.41 9.96 -2.92
C VAL B 109 9.73 10.74 -1.82
N LEU B 110 10.27 10.64 -0.62
CA LEU B 110 9.81 11.37 0.55
C LEU B 110 10.64 12.63 0.75
N THR B 111 9.99 13.72 1.14
CA THR B 111 10.68 14.94 1.51
C THR B 111 10.10 15.45 2.82
N LYS B 112 10.93 16.17 3.58
CA LYS B 112 10.49 16.67 4.88
C LYS B 112 10.22 18.17 4.84
N GLU B 113 9.29 18.61 4.00
CA GLU B 113 8.86 20.00 4.01
C GLU B 113 8.24 20.38 5.35
N GLU B 114 8.64 21.54 5.86
CA GLU B 114 8.26 21.95 7.22
C GLU B 114 8.84 20.88 8.16
N THR B 115 8.08 20.41 9.15
CA THR B 115 8.40 19.17 9.83
C THR B 115 7.66 17.98 9.24
N LYS B 116 6.91 18.17 8.16
CA LYS B 116 5.96 17.20 7.65
C LYS B 116 6.56 16.41 6.49
N LEU B 117 6.43 15.08 6.57
CA LEU B 117 6.87 14.22 5.47
C LEU B 117 5.84 14.23 4.34
N LYS B 118 6.32 14.40 3.11
CA LYS B 118 5.46 14.47 1.93
C LYS B 118 6.09 13.69 0.79
N GLU B 119 5.26 13.02 0.01
CA GLU B 119 5.74 12.33 -1.19
C GLU B 119 5.75 13.31 -2.36
N LYS B 120 6.83 13.28 -3.12
CA LYS B 120 6.98 14.11 -4.31
C LYS B 120 7.67 13.31 -5.39
N LEU B 121 7.43 13.69 -6.63
CA LEU B 121 8.11 13.05 -7.74
C LEU B 121 9.56 13.48 -7.76
N LEU B 122 10.47 12.51 -7.88
CA LEU B 122 11.89 12.85 -7.90
C LEU B 122 12.21 13.72 -9.10
N SER B 123 11.54 13.51 -10.23
CA SER B 123 11.78 14.31 -11.42
C SER B 123 11.34 15.76 -11.24
N LYS B 124 10.33 16.01 -10.40
CA LYS B 124 9.95 17.38 -10.09
C LYS B 124 10.82 18.01 -9.02
N LEU B 125 11.56 17.19 -8.27
CA LEU B 125 12.45 17.67 -7.21
C LEU B 125 13.82 18.02 -7.78
N ILE B 126 14.29 17.25 -8.75
CA ILE B 126 15.53 17.50 -9.47
C ILE B 126 15.16 17.62 -10.95
N TYR B 127 15.18 18.84 -11.46
CA TYR B 127 14.82 19.07 -12.87
C TYR B 127 15.77 18.32 -13.78
N GLY B 128 15.23 17.42 -14.59
CA GLY B 128 16.01 16.68 -15.56
C GLY B 128 16.44 15.29 -15.15
N LEU B 129 16.16 14.87 -13.92
CA LEU B 129 16.47 13.51 -13.52
C LEU B 129 15.50 12.54 -14.21
N LEU B 130 16.04 11.42 -14.67
CA LEU B 130 15.26 10.43 -15.38
C LEU B 130 15.47 9.07 -14.72
N ILE B 131 14.43 8.24 -14.81
CA ILE B 131 14.42 6.92 -14.18
C ILE B 131 14.27 5.88 -15.28
N SER B 132 15.13 4.89 -15.28
CA SER B 132 14.95 3.74 -16.15
C SER B 132 14.05 2.73 -15.47
N PRO B 133 13.07 2.15 -16.16
CA PRO B 133 12.14 1.24 -15.49
C PRO B 133 12.71 -0.13 -15.17
N THR B 134 13.95 -0.43 -15.53
CA THR B 134 14.53 -1.73 -15.22
C THR B 134 15.93 -1.58 -14.65
N VAL B 135 16.29 -2.52 -13.76
CA VAL B 135 17.63 -2.66 -13.21
C VAL B 135 18.05 -4.11 -13.34
N ASN B 136 19.16 -4.36 -14.04
CA ASN B 136 19.69 -5.71 -14.22
C ASN B 136 18.57 -6.70 -14.58
N GLU B 137 17.79 -6.32 -15.58
CA GLU B 137 16.72 -7.12 -16.17
C GLU B 137 15.57 -7.36 -15.22
N LYS B 138 15.50 -6.63 -14.10
CA LYS B 138 14.35 -6.67 -13.22
C LYS B 138 13.72 -5.29 -13.19
N GLU B 139 12.43 -5.24 -12.82
CA GLU B 139 11.77 -3.94 -12.70
C GLU B 139 12.42 -3.11 -11.62
N ASN B 140 12.48 -1.80 -11.84
CA ASN B 140 13.13 -0.85 -10.93
C ASN B 140 12.16 -0.46 -9.81
N ASN B 141 11.82 -1.45 -8.99
CA ASN B 141 10.87 -1.28 -7.91
C ASN B 141 11.37 -2.08 -6.71
N PHE B 142 10.90 -1.70 -5.51
CA PHE B 142 11.26 -2.46 -4.31
C PHE B 142 10.64 -3.86 -4.29
N LYS B 143 9.56 -4.09 -5.06
CA LYS B 143 9.02 -5.44 -5.18
C LYS B 143 10.08 -6.42 -5.64
N GLU B 144 11.04 -5.96 -6.45
CA GLU B 144 12.14 -6.78 -6.93
C GLU B 144 13.36 -6.71 -6.03
N GLY B 145 13.33 -5.92 -4.96
CA GLY B 145 14.39 -5.90 -3.98
C GLY B 145 15.41 -4.80 -4.16
N VAL B 146 15.39 -4.11 -5.29
CA VAL B 146 16.42 -3.13 -5.61
C VAL B 146 15.80 -1.97 -6.39
N ILE B 147 16.22 -0.76 -6.06
CA ILE B 147 15.94 0.40 -6.88
C ILE B 147 17.26 1.09 -7.20
N GLU B 148 17.26 1.84 -8.30
CA GLU B 148 18.43 2.60 -8.72
C GLU B 148 17.97 3.88 -9.40
N PHE B 149 18.80 4.92 -9.29
CA PHE B 149 18.60 6.14 -10.05
C PHE B 149 19.95 6.84 -10.19
N THR B 150 20.17 7.44 -11.36
CA THR B 150 21.38 8.20 -11.66
C THR B 150 21.09 9.69 -11.67
N LEU B 151 21.90 10.45 -10.96
CA LEU B 151 21.66 11.89 -10.94
C LEU B 151 22.16 12.54 -12.22
N PRO B 152 21.53 13.65 -12.63
CA PRO B 152 21.76 14.18 -13.98
C PRO B 152 23.07 14.93 -14.09
N PRO B 153 23.44 15.36 -15.30
CA PRO B 153 24.70 16.13 -15.46
C PRO B 153 24.72 17.45 -14.71
N VAL B 154 23.57 18.08 -14.50
CA VAL B 154 23.48 19.38 -13.82
C VAL B 154 22.35 19.34 -12.80
N VAL B 155 22.62 19.84 -11.60
CA VAL B 155 21.62 19.99 -10.55
C VAL B 155 21.69 21.43 -10.07
N HIS B 156 20.62 22.20 -10.28
CA HIS B 156 20.70 23.62 -9.99
C HIS B 156 20.57 23.93 -8.51
N LYS B 157 19.70 23.19 -7.80
CA LYS B 157 19.32 23.52 -6.43
C LYS B 157 19.53 22.33 -5.51
N ALA B 158 19.86 22.63 -4.25
CA ALA B 158 20.07 21.58 -3.26
C ALA B 158 18.73 20.95 -2.89
N THR B 159 18.75 19.63 -2.63
CA THR B 159 17.53 18.91 -2.31
C THR B 159 17.87 17.73 -1.40
N VAL B 160 16.94 17.39 -0.52
CA VAL B 160 17.06 16.23 0.35
C VAL B 160 15.78 15.41 0.24
N PHE B 161 15.92 14.13 -0.08
CA PHE B 161 14.77 13.22 -0.09
C PHE B 161 15.15 11.91 0.58
N TYR B 162 14.15 11.06 0.81
CA TYR B 162 14.30 9.87 1.62
C TYR B 162 13.58 8.67 1.01
N PHE B 163 14.04 7.49 1.39
CA PHE B 163 13.34 6.25 1.15
C PHE B 163 13.28 5.51 2.49
N ILE B 164 12.24 4.70 2.66
CA ILE B 164 12.05 3.91 3.88
C ILE B 164 11.87 2.45 3.50
N CYS B 165 12.70 1.59 4.08
CA CYS B 165 12.59 0.13 3.97
C CYS B 165 12.28 -0.36 5.38
N ASP B 166 10.99 -0.40 5.72
CA ASP B 166 10.54 -0.57 7.10
C ASP B 166 10.18 -2.01 7.39
N ASN B 167 10.85 -2.60 8.38
CA ASN B 167 10.55 -3.94 8.88
C ASN B 167 10.22 -3.90 10.37
N SER B 168 9.82 -2.73 10.87
CA SER B 168 9.63 -2.56 12.31
C SER B 168 8.35 -3.22 12.81
N LYS B 169 7.35 -3.38 11.95
CA LYS B 169 6.12 -4.03 12.38
C LYS B 169 6.20 -5.55 12.30
N THR B 170 7.36 -6.10 11.93
CA THR B 170 7.53 -7.55 11.83
C THR B 170 8.02 -8.07 13.18
N GLU B 171 7.47 -9.21 13.59
CA GLU B 171 7.80 -9.80 14.88
C GLU B 171 8.14 -11.28 14.68
N ASP B 172 9.25 -11.70 15.26
CA ASP B 172 9.69 -13.09 15.27
C ASP B 172 10.05 -13.43 16.72
N ASP B 173 9.26 -14.32 17.34
CA ASP B 173 9.34 -14.59 18.78
C ASP B 173 8.98 -13.30 19.50
N ASN B 174 9.85 -12.74 20.36
CA ASN B 174 9.66 -11.41 20.92
C ASN B 174 10.54 -10.35 20.27
N LYS B 175 11.31 -10.71 19.26
CA LYS B 175 12.16 -9.76 18.56
C LYS B 175 11.37 -9.05 17.47
N LYS B 176 11.60 -7.74 17.36
CA LYS B 176 10.95 -6.89 16.37
C LYS B 176 11.99 -6.39 15.38
N GLY B 177 11.60 -6.33 14.10
CA GLY B 177 12.52 -5.92 13.07
C GLY B 177 12.83 -4.43 13.13
N ASN B 178 13.76 -4.01 12.27
CA ASN B 178 14.24 -2.64 12.24
C ASN B 178 13.73 -1.90 11.01
N ARG B 179 13.84 -0.58 11.06
CA ARG B 179 13.45 0.30 9.96
C ARG B 179 14.70 0.90 9.34
N GLY B 180 14.90 0.68 8.05
CA GLY B 180 16.03 1.23 7.33
C GLY B 180 15.62 2.51 6.60
N ILE B 181 16.39 3.57 6.81
CA ILE B 181 16.13 4.86 6.20
C ILE B 181 17.30 5.25 5.33
N VAL B 182 17.01 5.64 4.10
CA VAL B 182 18.01 6.21 3.20
C VAL B 182 17.70 7.69 3.04
N GLU B 183 18.68 8.52 3.37
CA GLU B 183 18.62 9.95 3.10
C GLU B 183 19.60 10.26 1.97
N VAL B 184 19.12 10.97 0.96
CA VAL B 184 19.94 11.39 -0.17
C VAL B 184 20.06 12.91 -0.11
N TYR B 185 21.28 13.40 0.07
CA TYR B 185 21.57 14.83 0.09
C TYR B 185 22.29 15.18 -1.20
N VAL B 186 21.61 15.91 -2.09
CA VAL B 186 22.16 16.28 -3.37
C VAL B 186 22.55 17.75 -3.32
N GLU B 187 23.88 18.03 -3.44
CA GLU B 187 24.31 19.42 -3.52
C GLU B 187 24.26 19.92 -4.96
N PRO B 188 24.07 21.21 -5.16
CA PRO B 188 24.09 21.75 -6.53
C PRO B 188 25.45 21.56 -7.17
N TYR B 189 25.44 21.27 -8.47
CA TYR B 189 26.67 21.17 -9.24
C TYR B 189 26.34 21.40 -10.70
N GLY B 190 27.37 21.72 -11.49
CA GLY B 190 27.13 21.99 -12.90
C GLY B 190 26.68 23.38 -13.25
N ASN B 191 26.85 24.35 -12.37
CA ASN B 191 26.32 25.70 -12.58
C ASN B 191 24.81 25.60 -12.78
N ASN C 47 -25.96 13.68 -17.24
CA ASN C 47 -26.81 14.08 -16.13
C ASN C 47 -26.57 13.24 -14.89
N LYS C 48 -26.81 13.84 -13.72
CA LYS C 48 -26.83 13.11 -12.46
C LYS C 48 -27.64 11.84 -12.61
N GLU C 49 -27.06 10.73 -12.16
CA GLU C 49 -27.66 9.41 -12.30
C GLU C 49 -27.64 8.69 -10.95
N TYR C 50 -28.78 8.09 -10.59
CA TYR C 50 -28.90 7.22 -9.44
C TYR C 50 -29.06 5.79 -9.93
N VAL C 51 -28.36 4.85 -9.30
CA VAL C 51 -28.32 3.47 -9.76
C VAL C 51 -28.68 2.54 -8.61
N CYS C 52 -29.63 1.64 -8.86
CA CYS C 52 -29.95 0.52 -7.98
C CYS C 52 -29.50 -0.75 -8.69
N ASP C 53 -28.47 -1.41 -8.13
CA ASP C 53 -27.90 -2.60 -8.75
C ASP C 53 -28.08 -3.80 -7.82
N PHE C 54 -28.88 -4.77 -8.25
CA PHE C 54 -29.13 -6.00 -7.51
C PHE C 54 -28.33 -7.17 -8.06
N THR C 55 -27.30 -6.91 -8.88
CA THR C 55 -26.68 -7.97 -9.66
C THR C 55 -26.32 -9.17 -8.80
N ASP C 56 -25.83 -8.93 -7.59
CA ASP C 56 -25.42 -10.01 -6.71
C ASP C 56 -26.25 -10.12 -5.44
N GLN C 57 -27.18 -9.18 -5.20
CA GLN C 57 -27.84 -9.09 -3.91
C GLN C 57 -29.03 -10.03 -3.75
N LEU C 58 -29.43 -10.75 -4.80
CA LEU C 58 -30.65 -11.55 -4.75
C LEU C 58 -30.39 -13.06 -4.86
N LYS C 59 -29.14 -13.48 -4.85
CA LYS C 59 -28.84 -14.90 -4.97
C LYS C 59 -29.44 -15.65 -3.78
N PRO C 60 -29.86 -16.90 -3.98
CA PRO C 60 -30.40 -17.67 -2.84
C PRO C 60 -29.39 -17.77 -1.71
N THR C 61 -29.89 -17.68 -0.48
CA THR C 61 -29.07 -17.72 0.72
C THR C 61 -29.77 -18.51 1.80
N GLU C 62 -28.98 -19.01 2.75
CA GLU C 62 -29.53 -19.82 3.84
C GLU C 62 -30.62 -19.06 4.58
N SER C 63 -30.33 -17.83 4.99
CA SER C 63 -31.27 -17.04 5.78
C SER C 63 -32.47 -16.56 4.97
N GLY C 64 -32.46 -16.75 3.65
CA GLY C 64 -33.51 -16.24 2.81
C GLY C 64 -34.85 -16.90 3.06
N PRO C 65 -35.92 -16.35 2.49
CA PRO C 65 -35.87 -15.16 1.63
C PRO C 65 -35.71 -13.85 2.40
N LYS C 66 -34.81 -12.99 1.94
CA LYS C 66 -34.59 -11.68 2.54
C LYS C 66 -35.12 -10.59 1.63
N VAL C 67 -35.32 -9.41 2.20
CA VAL C 67 -35.80 -8.25 1.47
C VAL C 67 -34.67 -7.24 1.38
N LYS C 68 -34.30 -6.86 0.16
CA LYS C 68 -33.30 -5.85 -0.09
C LYS C 68 -34.01 -4.63 -0.67
N LYS C 69 -34.00 -3.52 0.07
CA LYS C 69 -34.68 -2.31 -0.35
C LYS C 69 -33.67 -1.28 -0.81
N CYS C 70 -33.91 -0.73 -1.99
CA CYS C 70 -33.08 0.32 -2.60
C CYS C 70 -34.00 1.53 -2.76
N GLU C 71 -33.74 2.60 -2.01
CA GLU C 71 -34.55 3.79 -2.08
C GLU C 71 -33.80 4.90 -2.80
N VAL C 72 -34.50 5.58 -3.71
CA VAL C 72 -33.96 6.70 -4.46
C VAL C 72 -34.81 7.92 -4.14
N LYS C 73 -34.19 8.96 -3.60
CA LYS C 73 -34.87 10.22 -3.29
C LYS C 73 -34.45 11.25 -4.33
N VAL C 74 -35.44 11.80 -5.03
CA VAL C 74 -35.20 12.75 -6.11
C VAL C 74 -35.87 14.08 -5.78
N ASN C 75 -35.09 15.17 -5.78
CA ASN C 75 -35.64 16.49 -5.53
C ASN C 75 -35.08 17.55 -6.47
N GLU C 76 -34.48 17.15 -7.59
CA GLU C 76 -33.93 18.08 -8.57
C GLU C 76 -34.28 17.60 -9.98
N PRO C 77 -34.22 18.49 -10.96
CA PRO C 77 -34.65 18.13 -12.32
C PRO C 77 -33.65 17.23 -13.02
N LEU C 78 -34.16 16.52 -14.04
CA LEU C 78 -33.34 15.74 -14.97
C LEU C 78 -32.48 14.70 -14.26
N ILE C 79 -33.05 14.03 -13.26
CA ILE C 79 -32.37 12.93 -12.60
C ILE C 79 -32.67 11.65 -13.37
N LYS C 80 -31.63 10.87 -13.62
CA LYS C 80 -31.74 9.60 -14.34
C LYS C 80 -31.66 8.46 -13.34
N VAL C 81 -32.66 7.58 -13.36
CA VAL C 81 -32.72 6.45 -12.46
C VAL C 81 -32.49 5.18 -13.27
N LYS C 82 -31.50 4.40 -12.88
CA LYS C 82 -31.14 3.16 -13.54
C LYS C 82 -31.26 2.02 -12.55
N ILE C 83 -32.03 0.99 -12.92
CA ILE C 83 -32.31 -0.16 -12.07
C ILE C 83 -31.80 -1.40 -12.78
N ILE C 84 -30.94 -2.16 -12.11
CA ILE C 84 -30.32 -3.36 -12.67
C ILE C 84 -30.78 -4.56 -11.85
N CYS C 85 -31.45 -5.49 -12.51
CA CYS C 85 -32.04 -6.67 -11.88
C CYS C 85 -31.52 -7.89 -12.63
N PRO C 86 -31.09 -8.95 -11.94
CA PRO C 86 -30.50 -10.09 -12.64
C PRO C 86 -31.50 -10.79 -13.55
N LEU C 87 -30.98 -11.37 -14.62
CA LEU C 87 -31.80 -12.05 -15.61
C LEU C 87 -31.84 -13.55 -15.35
N LYS C 88 -32.97 -14.17 -15.71
CA LYS C 88 -33.06 -15.62 -15.69
C LYS C 88 -32.04 -16.19 -16.68
N GLY C 89 -31.12 -17.02 -16.17
CA GLY C 89 -30.08 -17.60 -16.98
C GLY C 89 -28.73 -16.93 -16.89
N SER C 90 -28.66 -15.72 -16.33
CA SER C 90 -27.36 -15.05 -16.20
C SER C 90 -26.37 -15.96 -15.46
N VAL C 91 -26.84 -16.58 -14.37
CA VAL C 91 -26.14 -17.68 -13.73
C VAL C 91 -27.15 -18.80 -13.54
N GLU C 92 -26.74 -20.04 -13.83
CA GLU C 92 -27.69 -21.13 -13.85
C GLU C 92 -28.18 -21.49 -12.45
N LYS C 93 -29.48 -21.77 -12.36
CA LYS C 93 -30.15 -22.23 -11.15
C LYS C 93 -30.36 -21.14 -10.09
N LEU C 94 -29.77 -19.96 -10.29
CA LEU C 94 -29.86 -18.93 -9.28
C LEU C 94 -31.08 -18.04 -9.44
N TYR C 95 -31.55 -17.85 -10.68
CA TYR C 95 -32.68 -16.98 -10.97
C TYR C 95 -33.69 -17.67 -11.87
N ASP C 96 -33.90 -18.97 -11.66
CA ASP C 96 -34.81 -19.73 -12.50
C ASP C 96 -36.23 -19.19 -12.43
N ASN C 97 -36.70 -18.87 -11.23
CA ASN C 97 -38.09 -18.44 -11.02
C ASN C 97 -38.17 -16.97 -10.62
N ILE C 98 -37.28 -16.15 -11.15
CA ILE C 98 -37.27 -14.72 -10.85
C ILE C 98 -38.40 -14.04 -11.62
N GLU C 99 -39.04 -13.07 -10.99
CA GLU C 99 -40.12 -12.30 -11.59
C GLU C 99 -39.91 -10.82 -11.32
N TYR C 100 -40.17 -10.00 -12.33
CA TYR C 100 -40.07 -8.55 -12.24
C TYR C 100 -41.47 -7.97 -12.20
N VAL C 101 -41.65 -6.92 -11.39
CA VAL C 101 -42.96 -6.33 -11.21
C VAL C 101 -42.85 -4.81 -11.12
N PRO C 102 -43.60 -4.04 -11.91
CA PRO C 102 -44.50 -4.51 -12.98
C PRO C 102 -43.73 -5.07 -14.16
N LYS C 103 -44.30 -6.05 -14.87
CA LYS C 103 -43.63 -6.62 -16.03
C LYS C 103 -43.33 -5.56 -17.07
N LYS C 104 -44.21 -4.55 -17.20
CA LYS C 104 -44.08 -3.51 -18.20
C LYS C 104 -43.42 -2.24 -17.65
N SER C 105 -42.51 -2.40 -16.70
CA SER C 105 -41.73 -1.27 -16.20
C SER C 105 -40.81 -0.76 -17.29
N PRO C 106 -40.42 0.53 -17.24
CA PRO C 106 -40.82 1.57 -16.27
C PRO C 106 -42.08 2.33 -16.70
N TYR C 107 -42.70 1.91 -17.79
CA TYR C 107 -43.95 2.53 -18.22
C TYR C 107 -45.03 2.36 -17.17
N VAL C 108 -45.11 1.17 -16.57
CA VAL C 108 -46.02 0.87 -15.48
C VAL C 108 -45.21 0.74 -14.20
N VAL C 109 -45.73 1.29 -13.11
CA VAL C 109 -45.07 1.25 -11.81
C VAL C 109 -46.07 0.81 -10.76
N LEU C 110 -45.56 0.57 -9.55
CA LEU C 110 -46.38 0.23 -8.39
C LEU C 110 -46.48 1.44 -7.47
N THR C 111 -47.66 1.62 -6.87
CA THR C 111 -47.85 2.62 -5.84
C THR C 111 -48.76 2.05 -4.76
N LYS C 112 -48.54 2.49 -3.52
CA LYS C 112 -49.27 2.03 -2.34
C LYS C 112 -50.20 3.13 -1.87
N GLU C 113 -51.44 3.14 -2.38
CA GLU C 113 -52.49 3.99 -1.84
C GLU C 113 -52.97 3.37 -0.54
N GLU C 114 -52.70 4.04 0.59
CA GLU C 114 -53.00 3.44 1.88
C GLU C 114 -52.49 2.00 1.95
N THR C 115 -53.37 1.04 2.27
CA THR C 115 -52.94 -0.33 2.48
C THR C 115 -52.87 -1.18 1.21
N LYS C 116 -53.32 -0.69 0.06
CA LYS C 116 -53.38 -1.51 -1.13
C LYS C 116 -52.31 -1.09 -2.14
N LEU C 117 -51.65 -2.09 -2.74
CA LEU C 117 -50.65 -1.86 -3.77
C LEU C 117 -51.32 -1.97 -5.14
N LYS C 118 -51.11 -0.98 -5.99
CA LYS C 118 -51.78 -0.91 -7.29
C LYS C 118 -50.77 -0.57 -8.38
N GLU C 119 -51.11 -0.98 -9.61
CA GLU C 119 -50.31 -0.64 -10.78
C GLU C 119 -50.86 0.62 -11.45
N LYS C 120 -49.96 1.52 -11.83
CA LYS C 120 -50.35 2.78 -12.45
C LYS C 120 -49.31 3.18 -13.49
N LEU C 121 -49.76 3.90 -14.51
CA LEU C 121 -48.85 4.43 -15.51
C LEU C 121 -48.02 5.57 -14.93
N LEU C 122 -46.70 5.47 -15.08
CA LEU C 122 -45.81 6.49 -14.51
C LEU C 122 -46.06 7.85 -15.13
N SER C 123 -46.27 7.89 -16.46
CA SER C 123 -46.52 9.17 -17.14
C SER C 123 -47.82 9.80 -16.70
N LYS C 124 -48.74 9.02 -16.14
CA LYS C 124 -49.94 9.59 -15.54
C LYS C 124 -49.73 9.88 -14.07
N LEU C 125 -48.76 9.23 -13.43
CA LEU C 125 -48.40 9.54 -12.06
C LEU C 125 -47.59 10.82 -11.96
N ILE C 126 -46.76 11.10 -12.97
CA ILE C 126 -45.93 12.30 -13.01
C ILE C 126 -46.19 12.96 -14.36
N TYR C 127 -46.89 14.09 -14.35
CA TYR C 127 -47.25 14.76 -15.59
C TYR C 127 -45.99 15.20 -16.33
N GLY C 128 -45.95 14.92 -17.62
CA GLY C 128 -44.83 15.31 -18.46
C GLY C 128 -43.68 14.33 -18.50
N LEU C 129 -43.70 13.28 -17.68
CA LEU C 129 -42.64 12.29 -17.71
C LEU C 129 -42.76 11.46 -18.98
N LEU C 130 -41.63 11.23 -19.64
CA LEU C 130 -41.59 10.47 -20.88
C LEU C 130 -40.59 9.33 -20.73
N ILE C 131 -40.91 8.21 -21.38
CA ILE C 131 -40.10 7.01 -21.37
C ILE C 131 -39.54 6.81 -22.77
N SER C 132 -38.26 6.54 -22.87
CA SER C 132 -37.67 6.11 -24.13
C SER C 132 -37.69 4.59 -24.20
N PRO C 133 -38.11 3.99 -25.33
CA PRO C 133 -38.27 2.52 -25.34
C PRO C 133 -36.95 1.75 -25.33
N THR C 134 -35.80 2.41 -25.43
CA THR C 134 -34.53 1.72 -25.47
C THR C 134 -33.55 2.36 -24.50
N VAL C 135 -32.63 1.53 -24.00
CA VAL C 135 -31.50 1.95 -23.19
C VAL C 135 -30.26 1.42 -23.89
N ASN C 136 -29.47 2.32 -24.49
CA ASN C 136 -28.25 1.96 -25.20
C ASN C 136 -28.52 0.84 -26.19
N GLU C 137 -29.48 1.10 -27.08
CA GLU C 137 -29.80 0.19 -28.18
C GLU C 137 -30.22 -1.19 -27.68
N LYS C 138 -30.81 -1.24 -26.50
CA LYS C 138 -31.51 -2.42 -25.99
C LYS C 138 -32.85 -1.98 -25.42
N GLU C 139 -33.84 -2.86 -25.50
CA GLU C 139 -35.19 -2.49 -25.08
C GLU C 139 -35.20 -2.13 -23.59
N ASN C 140 -35.94 -1.08 -23.26
CA ASN C 140 -36.01 -0.54 -21.91
C ASN C 140 -37.05 -1.34 -21.13
N ASN C 141 -36.64 -2.52 -20.67
CA ASN C 141 -37.55 -3.49 -20.06
C ASN C 141 -36.75 -4.47 -19.21
N PHE C 142 -37.35 -4.92 -18.12
CA PHE C 142 -36.62 -5.83 -17.22
C PHE C 142 -36.22 -7.13 -17.92
N LYS C 143 -36.89 -7.50 -19.02
CA LYS C 143 -36.46 -8.66 -19.79
C LYS C 143 -35.01 -8.54 -20.24
N GLU C 144 -34.52 -7.32 -20.48
CA GLU C 144 -33.13 -7.09 -20.85
C GLU C 144 -32.23 -6.86 -19.65
N GLY C 145 -32.79 -6.84 -18.44
CA GLY C 145 -32.02 -6.74 -17.21
C GLY C 145 -31.89 -5.35 -16.64
N VAL C 146 -32.21 -4.31 -17.42
CA VAL C 146 -32.03 -2.92 -16.99
C VAL C 146 -33.20 -2.09 -17.48
N ILE C 147 -33.66 -1.18 -16.62
CA ILE C 147 -34.62 -0.14 -17.02
C ILE C 147 -34.06 1.21 -16.62
N GLU C 148 -34.52 2.25 -17.32
CA GLU C 148 -34.11 3.60 -17.02
C GLU C 148 -35.22 4.58 -17.35
N PHE C 149 -35.27 5.66 -16.59
CA PHE C 149 -36.19 6.75 -16.86
C PHE C 149 -35.57 8.03 -16.30
N THR C 150 -35.82 9.13 -16.97
CA THR C 150 -35.32 10.45 -16.58
C THR C 150 -36.51 11.28 -16.12
N LEU C 151 -36.44 11.80 -14.91
CA LEU C 151 -37.55 12.56 -14.37
C LEU C 151 -37.63 13.92 -15.04
N PRO C 152 -38.83 14.48 -15.17
CA PRO C 152 -39.00 15.68 -16.00
C PRO C 152 -38.43 16.91 -15.32
N PRO C 153 -38.29 18.02 -16.04
CA PRO C 153 -37.76 19.24 -15.41
C PRO C 153 -38.67 19.81 -14.32
N VAL C 154 -39.96 19.51 -14.31
CA VAL C 154 -40.90 20.04 -13.33
C VAL C 154 -41.76 18.90 -12.80
N VAL C 155 -41.83 18.80 -11.47
CA VAL C 155 -42.74 17.89 -10.78
C VAL C 155 -43.54 18.70 -9.78
N HIS C 156 -44.87 18.58 -9.87
CA HIS C 156 -45.76 19.42 -9.09
C HIS C 156 -46.03 18.87 -7.69
N LYS C 157 -46.26 17.56 -7.58
CA LYS C 157 -46.66 16.94 -6.33
C LYS C 157 -45.72 15.78 -6.01
N ALA C 158 -45.49 15.57 -4.72
CA ALA C 158 -44.66 14.46 -4.27
C ALA C 158 -45.31 13.14 -4.66
N THR C 159 -44.48 12.16 -5.00
CA THR C 159 -44.95 10.91 -5.55
C THR C 159 -44.00 9.81 -5.14
N VAL C 160 -44.56 8.66 -4.76
CA VAL C 160 -43.80 7.47 -4.41
C VAL C 160 -44.29 6.31 -5.27
N PHE C 161 -43.36 5.62 -5.92
CA PHE C 161 -43.67 4.42 -6.68
C PHE C 161 -42.54 3.42 -6.49
N TYR C 162 -42.82 2.16 -6.86
CA TYR C 162 -41.95 1.05 -6.53
C TYR C 162 -41.72 0.15 -7.74
N PHE C 163 -40.60 -0.57 -7.71
CA PHE C 163 -40.36 -1.70 -8.58
C PHE C 163 -39.97 -2.89 -7.72
N ILE C 164 -40.26 -4.09 -8.20
CA ILE C 164 -39.94 -5.32 -7.49
C ILE C 164 -39.15 -6.21 -8.43
N CYS C 165 -38.03 -6.73 -7.93
CA CYS C 165 -37.20 -7.73 -8.60
C CYS C 165 -37.24 -8.93 -7.65
N ASP C 166 -38.26 -9.78 -7.81
CA ASP C 166 -38.59 -10.81 -6.83
C ASP C 166 -38.03 -12.15 -7.28
N ASN C 167 -37.07 -12.67 -6.52
CA ASN C 167 -36.47 -13.97 -6.77
C ASN C 167 -36.85 -14.99 -5.71
N SER C 168 -37.90 -14.71 -4.93
CA SER C 168 -38.25 -15.53 -3.78
C SER C 168 -38.81 -16.90 -4.15
N LYS C 169 -39.19 -17.13 -5.40
CA LYS C 169 -39.73 -18.42 -5.82
C LYS C 169 -38.66 -19.38 -6.32
N THR C 170 -37.40 -18.98 -6.35
CA THR C 170 -36.30 -19.82 -6.80
C THR C 170 -35.65 -20.48 -5.60
N GLU C 171 -35.40 -21.79 -5.70
CA GLU C 171 -34.87 -22.59 -4.60
C GLU C 171 -33.65 -23.36 -5.06
N ASP C 172 -32.48 -22.99 -4.51
CA ASP C 172 -31.24 -23.71 -4.72
C ASP C 172 -30.85 -24.38 -3.41
N ASP C 173 -30.70 -25.70 -3.43
CA ASP C 173 -30.49 -26.50 -2.21
C ASP C 173 -31.66 -26.17 -1.30
N ASN C 174 -31.43 -25.80 -0.04
CA ASN C 174 -32.48 -25.28 0.83
C ASN C 174 -32.43 -23.75 0.91
N LYS C 175 -31.65 -23.11 0.04
CA LYS C 175 -31.60 -21.66 -0.03
C LYS C 175 -32.74 -21.14 -0.90
N LYS C 176 -33.25 -19.96 -0.55
CA LYS C 176 -34.34 -19.32 -1.27
C LYS C 176 -33.89 -17.93 -1.69
N GLY C 177 -34.31 -17.52 -2.88
CA GLY C 177 -33.91 -16.23 -3.39
C GLY C 177 -34.53 -15.08 -2.63
N ASN C 178 -33.97 -13.90 -2.83
CA ASN C 178 -34.41 -12.70 -2.13
C ASN C 178 -35.32 -11.86 -3.00
N ARG C 179 -36.02 -10.93 -2.37
CA ARG C 179 -36.93 -10.01 -3.04
C ARG C 179 -36.30 -8.62 -3.00
N GLY C 180 -36.07 -8.04 -4.17
CA GLY C 180 -35.48 -6.71 -4.28
C GLY C 180 -36.58 -5.69 -4.52
N ILE C 181 -36.56 -4.64 -3.70
CA ILE C 181 -37.57 -3.59 -3.76
C ILE C 181 -36.87 -2.28 -4.04
N VAL C 182 -37.31 -1.57 -5.08
CA VAL C 182 -36.84 -0.24 -5.39
C VAL C 182 -37.96 0.73 -5.05
N GLU C 183 -37.63 1.74 -4.24
CA GLU C 183 -38.55 2.83 -3.92
C GLU C 183 -38.02 4.13 -4.48
N VAL C 184 -38.84 4.83 -5.26
CA VAL C 184 -38.47 6.12 -5.83
C VAL C 184 -39.35 7.17 -5.17
N TYR C 185 -38.74 8.02 -4.34
CA TYR C 185 -39.44 9.10 -3.64
C TYR C 185 -39.10 10.40 -4.36
N VAL C 186 -40.08 10.96 -5.07
CA VAL C 186 -39.91 12.18 -5.82
C VAL C 186 -40.60 13.32 -5.08
N GLU C 187 -39.86 14.36 -4.73
CA GLU C 187 -40.43 15.56 -4.13
C GLU C 187 -40.59 16.65 -5.16
N PRO C 188 -41.52 17.58 -4.95
CA PRO C 188 -41.72 18.64 -5.94
C PRO C 188 -40.47 19.48 -6.13
N TYR C 189 -40.22 19.85 -7.39
CA TYR C 189 -39.12 20.73 -7.73
C TYR C 189 -39.48 21.44 -9.02
N GLY C 190 -38.82 22.56 -9.27
CA GLY C 190 -39.06 23.34 -10.47
C GLY C 190 -40.20 24.33 -10.39
N ASN C 191 -40.75 24.56 -9.21
CA ASN C 191 -41.76 25.60 -9.03
C ASN C 191 -41.31 26.64 -8.01
N ASN D 45 21.02 4.36 26.72
CA ASN D 45 22.37 3.97 27.09
C ASN D 45 23.12 3.37 25.93
N THR D 46 23.16 4.09 24.81
CA THR D 46 23.93 3.67 23.65
C THR D 46 24.65 4.86 23.05
N ASN D 47 25.83 4.59 22.48
CA ASN D 47 26.61 5.59 21.77
C ASN D 47 26.25 5.59 20.29
N LYS D 48 26.38 6.75 19.66
CA LYS D 48 26.33 6.84 18.20
C LYS D 48 27.19 5.74 17.62
N GLU D 49 26.63 4.99 16.67
CA GLU D 49 27.29 3.82 16.11
C GLU D 49 27.27 3.88 14.60
N TYR D 50 28.43 3.61 13.99
CA TYR D 50 28.57 3.49 12.54
C TYR D 50 28.88 2.04 12.20
N VAL D 51 28.23 1.53 11.17
CA VAL D 51 28.33 0.12 10.81
C VAL D 51 28.72 -0.01 9.34
N CYS D 52 29.75 -0.81 9.08
CA CYS D 52 30.11 -1.26 7.73
C CYS D 52 29.80 -2.74 7.64
N ASP D 53 28.82 -3.11 6.82
CA ASP D 53 28.37 -4.49 6.68
C ASP D 53 28.63 -4.99 5.27
N PHE D 54 29.51 -5.98 5.14
CA PHE D 54 29.84 -6.59 3.85
C PHE D 54 29.14 -7.92 3.63
N THR D 55 28.12 -8.25 4.44
CA THR D 55 27.55 -9.59 4.43
C THR D 55 27.13 -10.02 3.03
N ASP D 56 26.60 -9.10 2.24
CA ASP D 56 26.10 -9.44 0.91
C ASP D 56 26.89 -8.79 -0.23
N GLN D 57 27.79 -7.87 0.07
CA GLN D 57 28.46 -7.10 -0.96
C GLN D 57 29.69 -7.80 -1.54
N LEU D 58 30.08 -8.96 -1.01
CA LEU D 58 31.32 -9.60 -1.40
C LEU D 58 31.12 -10.93 -2.13
N LYS D 59 29.88 -11.31 -2.41
CA LYS D 59 29.65 -12.57 -3.09
C LYS D 59 30.27 -12.55 -4.48
N PRO D 60 30.77 -13.68 -4.97
CA PRO D 60 31.34 -13.70 -6.33
C PRO D 60 30.33 -13.28 -7.38
N THR D 61 30.81 -12.51 -8.36
CA THR D 61 29.97 -12.00 -9.44
C THR D 61 30.79 -11.99 -10.73
N GLU D 62 30.08 -12.03 -11.86
CA GLU D 62 30.75 -12.06 -13.16
C GLU D 62 31.68 -10.86 -13.32
N SER D 63 31.18 -9.66 -13.00
CA SER D 63 31.95 -8.45 -13.19
C SER D 63 33.11 -8.32 -12.21
N GLY D 64 33.18 -9.19 -11.20
CA GLY D 64 34.22 -9.14 -10.20
C GLY D 64 35.57 -9.53 -10.75
N PRO D 65 36.65 -9.30 -9.96
CA PRO D 65 36.61 -8.71 -8.61
C PRO D 65 36.42 -7.19 -8.60
N LYS D 66 35.53 -6.71 -7.74
CA LYS D 66 35.26 -5.30 -7.56
C LYS D 66 35.76 -4.86 -6.20
N VAL D 67 35.89 -3.55 -6.01
CA VAL D 67 36.29 -2.97 -4.74
C VAL D 67 35.11 -2.22 -4.16
N LYS D 68 34.71 -2.59 -2.95
CA LYS D 68 33.64 -1.93 -2.21
C LYS D 68 34.26 -1.17 -1.06
N LYS D 69 34.14 0.16 -1.09
CA LYS D 69 34.72 1.01 -0.06
C LYS D 69 33.64 1.53 0.86
N CYS D 70 33.86 1.35 2.16
CA CYS D 70 32.97 1.84 3.22
C CYS D 70 33.78 2.79 4.08
N GLU D 71 33.46 4.09 4.02
CA GLU D 71 34.19 5.09 4.77
C GLU D 71 33.38 5.62 5.94
N VAL D 72 34.04 5.78 7.07
CA VAL D 72 33.45 6.32 8.30
C VAL D 72 34.21 7.58 8.66
N LYS D 73 33.52 8.70 8.74
CA LYS D 73 34.12 9.98 9.14
C LYS D 73 33.67 10.28 10.55
N VAL D 74 34.64 10.44 11.45
CA VAL D 74 34.39 10.64 12.87
C VAL D 74 34.95 12.01 13.26
N ASN D 75 34.09 12.86 13.85
CA ASN D 75 34.53 14.15 14.35
C ASN D 75 33.91 14.48 15.70
N GLU D 76 33.38 13.48 16.40
CA GLU D 76 32.74 13.64 17.69
C GLU D 76 33.22 12.53 18.61
N PRO D 77 33.11 12.73 19.92
CA PRO D 77 33.64 11.74 20.87
C PRO D 77 32.74 10.52 21.02
N LEU D 78 33.38 9.42 21.44
CA LEU D 78 32.70 8.18 21.84
C LEU D 78 31.82 7.61 20.72
N ILE D 79 32.33 7.63 19.51
CA ILE D 79 31.66 6.99 18.38
C ILE D 79 32.10 5.54 18.31
N LYS D 80 31.13 4.65 18.12
CA LYS D 80 31.36 3.21 18.03
C LYS D 80 31.31 2.76 16.57
N VAL D 81 32.36 2.11 16.11
CA VAL D 81 32.49 1.62 14.74
C VAL D 81 32.39 0.11 14.76
N LYS D 82 31.47 -0.43 13.97
CA LYS D 82 31.26 -1.87 13.86
C LYS D 82 31.46 -2.33 12.42
N ILE D 83 32.32 -3.32 12.23
CA ILE D 83 32.67 -3.84 10.91
C ILE D 83 32.26 -5.31 10.86
N ILE D 84 31.44 -5.66 9.87
CA ILE D 84 30.91 -7.01 9.73
C ILE D 84 31.41 -7.58 8.41
N CYS D 85 32.20 -8.65 8.49
CA CYS D 85 32.82 -9.26 7.34
C CYS D 85 32.44 -10.73 7.32
N PRO D 86 31.96 -11.25 6.20
CA PRO D 86 31.48 -12.65 6.18
C PRO D 86 32.60 -13.63 6.47
N LEU D 87 32.23 -14.73 7.09
CA LEU D 87 33.18 -15.77 7.48
C LEU D 87 33.25 -16.86 6.41
N LYS D 88 34.43 -17.45 6.27
CA LYS D 88 34.60 -18.62 5.42
C LYS D 88 33.75 -19.76 5.97
N GLY D 89 32.84 -20.26 5.13
CA GLY D 89 31.94 -21.33 5.51
C GLY D 89 30.54 -20.88 5.90
N SER D 90 30.34 -19.59 6.13
CA SER D 90 29.01 -19.08 6.46
C SER D 90 28.02 -19.44 5.35
N VAL D 91 28.43 -19.25 4.11
CA VAL D 91 27.71 -19.77 2.95
C VAL D 91 28.72 -20.51 2.08
N GLU D 92 28.34 -21.67 1.59
CA GLU D 92 29.30 -22.54 0.92
C GLU D 92 29.66 -22.00 -0.46
N LYS D 93 30.95 -22.06 -0.77
CA LYS D 93 31.52 -21.67 -2.04
C LYS D 93 31.57 -20.16 -2.27
N LEU D 94 30.96 -19.37 -1.39
CA LEU D 94 30.93 -17.94 -1.62
C LEU D 94 32.14 -17.22 -1.01
N TYR D 95 32.67 -17.73 0.10
CA TYR D 95 33.75 -17.08 0.82
C TYR D 95 34.85 -18.09 1.13
N ASP D 96 35.09 -19.00 0.19
CA ASP D 96 36.05 -20.08 0.44
C ASP D 96 37.45 -19.54 0.72
N ASN D 97 37.88 -18.55 -0.07
CA ASN D 97 39.23 -18.01 0.03
C ASN D 97 39.25 -16.58 0.54
N ILE D 98 38.30 -16.23 1.40
CA ILE D 98 38.20 -14.87 1.94
C ILE D 98 39.28 -14.67 3.00
N GLU D 99 39.86 -13.48 3.01
CA GLU D 99 40.90 -13.13 3.97
C GLU D 99 40.60 -11.75 4.54
N TYR D 100 40.77 -11.60 5.85
CA TYR D 100 40.61 -10.32 6.51
C TYR D 100 41.98 -9.79 6.94
N VAL D 101 42.15 -8.48 6.82
CA VAL D 101 43.45 -7.84 7.09
C VAL D 101 43.23 -6.51 7.80
N PRO D 102 43.94 -6.25 8.92
CA PRO D 102 44.89 -7.11 9.63
C PRO D 102 44.25 -8.28 10.35
N LYS D 103 44.96 -9.41 10.44
CA LYS D 103 44.44 -10.58 11.12
C LYS D 103 44.12 -10.28 12.58
N LYS D 104 44.89 -9.39 13.20
CA LYS D 104 44.74 -9.03 14.61
C LYS D 104 43.93 -7.75 14.79
N SER D 105 42.96 -7.49 13.91
CA SER D 105 42.09 -6.35 14.09
C SER D 105 41.22 -6.57 15.34
N PRO D 106 40.77 -5.48 15.99
CA PRO D 106 41.08 -4.08 15.69
C PRO D 106 42.31 -3.59 16.42
N TYR D 107 42.99 -4.49 17.12
CA TYR D 107 44.21 -4.08 17.81
C TYR D 107 45.25 -3.59 16.81
N VAL D 108 45.36 -4.26 15.66
CA VAL D 108 46.24 -3.83 14.58
C VAL D 108 45.37 -3.31 13.43
N VAL D 109 45.79 -2.20 12.85
CA VAL D 109 45.08 -1.56 11.76
C VAL D 109 46.07 -1.26 10.64
N LEU D 110 45.55 -0.80 9.52
CA LEU D 110 46.34 -0.39 8.36
C LEU D 110 46.35 1.13 8.26
N THR D 111 47.49 1.68 7.87
CA THR D 111 47.63 3.11 7.60
C THR D 111 48.49 3.30 6.36
N LYS D 112 48.28 4.42 5.67
CA LYS D 112 49.03 4.72 4.45
C LYS D 112 50.06 5.80 4.76
N GLU D 113 51.19 5.34 5.31
CA GLU D 113 52.38 6.18 5.45
C GLU D 113 53.11 6.26 4.11
N GLU D 114 53.41 7.48 3.66
CA GLU D 114 53.92 7.73 2.31
C GLU D 114 52.88 7.12 1.36
N THR D 115 53.32 6.42 0.32
CA THR D 115 52.42 5.67 -0.56
C THR D 115 52.28 4.23 -0.08
N LYS D 116 52.96 3.88 1.00
CA LYS D 116 53.15 2.50 1.43
C LYS D 116 52.18 2.12 2.53
N LEU D 117 51.70 0.89 2.46
CA LEU D 117 50.75 0.35 3.42
C LEU D 117 51.49 -0.31 4.57
N LYS D 118 51.16 0.08 5.79
CA LYS D 118 51.82 -0.43 6.98
C LYS D 118 50.80 -0.80 8.05
N GLU D 119 51.16 -1.75 8.89
CA GLU D 119 50.35 -2.16 10.03
C GLU D 119 50.84 -1.44 11.28
N LYS D 120 49.90 -0.94 12.08
CA LYS D 120 50.22 -0.18 13.27
C LYS D 120 49.19 -0.48 14.35
N LEU D 121 49.62 -0.40 15.60
CA LEU D 121 48.71 -0.61 16.72
C LEU D 121 47.78 0.59 16.85
N LEU D 122 46.47 0.31 16.92
CA LEU D 122 45.49 1.39 16.98
C LEU D 122 45.71 2.24 18.23
N SER D 123 46.00 1.60 19.36
CA SER D 123 46.25 2.35 20.60
C SER D 123 47.48 3.23 20.51
N LYS D 124 48.42 2.94 19.60
CA LYS D 124 49.54 3.83 19.36
C LYS D 124 49.25 4.88 18.29
N LEU D 125 48.28 4.61 17.41
CA LEU D 125 47.85 5.59 16.42
C LEU D 125 46.98 6.67 17.03
N ILE D 126 46.15 6.31 18.02
CA ILE D 126 45.26 7.26 18.69
C ILE D 126 45.49 7.09 20.18
N TYR D 127 46.10 8.10 20.80
CA TYR D 127 46.43 8.02 22.22
C TYR D 127 45.16 7.92 23.04
N GLY D 128 45.13 6.94 23.95
CA GLY D 128 44.01 6.75 24.84
C GLY D 128 42.93 5.83 24.32
N LEU D 129 43.02 5.40 23.06
CA LEU D 129 42.03 4.46 22.54
C LEU D 129 42.27 3.08 23.16
N LEU D 130 41.18 2.45 23.59
CA LEU D 130 41.22 1.16 24.25
C LEU D 130 40.33 0.18 23.51
N ILE D 131 40.73 -1.08 23.51
CA ILE D 131 40.00 -2.16 22.84
C ILE D 131 39.48 -3.10 23.92
N SER D 132 38.23 -3.45 23.82
CA SER D 132 37.72 -4.54 24.65
C SER D 132 37.86 -5.86 23.89
N PRO D 133 38.36 -6.91 24.52
CA PRO D 133 38.65 -8.16 23.78
C PRO D 133 37.41 -8.93 23.34
N THR D 134 36.21 -8.52 23.73
CA THR D 134 35.00 -9.26 23.38
C THR D 134 33.92 -8.30 22.89
N VAL D 135 33.04 -8.82 22.05
CA VAL D 135 31.84 -8.11 21.61
C VAL D 135 30.66 -9.02 21.95
N ASN D 136 29.87 -8.63 22.93
CA ASN D 136 28.68 -9.38 23.33
C ASN D 136 29.02 -10.86 23.50
N GLU D 137 29.98 -11.12 24.38
CA GLU D 137 30.36 -12.49 24.72
C GLU D 137 30.87 -13.27 23.52
N LYS D 138 31.47 -12.57 22.57
CA LYS D 138 32.25 -13.17 21.50
C LYS D 138 33.55 -12.39 21.35
N GLU D 139 34.60 -13.09 20.96
CA GLU D 139 35.91 -12.46 20.86
C GLU D 139 35.89 -11.37 19.79
N ASN D 140 36.54 -10.24 20.10
CA ASN D 140 36.56 -9.05 19.25
C ASN D 140 37.65 -9.23 18.20
N ASN D 141 37.32 -10.01 17.18
CA ASN D 141 38.28 -10.43 16.16
C ASN D 141 37.50 -10.90 14.94
N PHE D 142 38.08 -10.66 13.76
CA PHE D 142 37.38 -11.03 12.52
C PHE D 142 37.11 -12.52 12.46
N LYS D 143 37.82 -13.33 13.26
CA LYS D 143 37.54 -14.76 13.32
C LYS D 143 36.09 -15.03 13.68
N GLU D 144 35.48 -14.15 14.49
CA GLU D 144 34.08 -14.28 14.87
C GLU D 144 33.15 -13.57 13.90
N GLY D 145 33.69 -12.89 12.89
CA GLY D 145 32.90 -12.23 11.87
C GLY D 145 32.67 -10.75 12.11
N VAL D 146 32.98 -10.25 13.30
CA VAL D 146 32.68 -8.88 13.68
C VAL D 146 33.83 -8.33 14.52
N ILE D 147 34.16 -7.06 14.30
CA ILE D 147 35.03 -6.31 15.20
C ILE D 147 34.30 -5.02 15.57
N GLU D 148 34.66 -4.47 16.72
CA GLU D 148 34.09 -3.20 17.18
C GLU D 148 35.16 -2.45 17.98
N PHE D 149 35.09 -1.12 17.92
CA PHE D 149 35.95 -0.27 18.74
C PHE D 149 35.28 1.08 18.90
N THR D 150 35.47 1.69 20.06
CA THR D 150 34.87 2.98 20.40
C THR D 150 35.98 4.02 20.50
N LEU D 151 35.83 5.12 19.77
CA LEU D 151 36.86 6.13 19.75
C LEU D 151 36.85 6.94 21.05
N PRO D 152 38.00 7.41 21.51
CA PRO D 152 38.09 7.99 22.86
C PRO D 152 37.42 9.36 22.93
N PRO D 153 37.20 9.88 24.14
CA PRO D 153 36.57 11.21 24.27
C PRO D 153 37.38 12.35 23.71
N VAL D 154 38.70 12.19 23.55
CA VAL D 154 39.57 13.23 23.03
C VAL D 154 40.50 12.61 21.99
N VAL D 155 40.58 13.25 20.81
CA VAL D 155 41.56 12.90 19.79
C VAL D 155 42.30 14.18 19.41
N HIS D 156 43.63 14.14 19.51
CA HIS D 156 44.44 15.34 19.26
C HIS D 156 44.83 15.50 17.79
N LYS D 157 45.13 14.42 17.09
CA LYS D 157 45.65 14.51 15.73
C LYS D 157 44.77 13.73 14.76
N ALA D 158 44.59 14.29 13.57
CA ALA D 158 43.81 13.63 12.53
C ALA D 158 44.51 12.33 12.11
N THR D 159 43.71 11.30 11.84
CA THR D 159 44.26 9.97 11.62
C THR D 159 43.32 9.21 10.69
N VAL D 160 43.89 8.48 9.75
CA VAL D 160 43.15 7.62 8.83
C VAL D 160 43.71 6.22 8.96
N PHE D 161 42.83 5.23 9.10
CA PHE D 161 43.26 3.83 9.09
C PHE D 161 42.25 2.97 8.35
N TYR D 162 42.67 1.77 8.00
CA TYR D 162 41.90 0.93 7.10
C TYR D 162 41.82 -0.51 7.61
N PHE D 163 40.77 -1.21 7.18
CA PHE D 163 40.61 -2.65 7.32
C PHE D 163 40.29 -3.21 5.95
N ILE D 164 40.63 -4.48 5.73
CA ILE D 164 40.38 -5.15 4.46
C ILE D 164 39.61 -6.44 4.74
N CYS D 165 38.53 -6.65 4.02
CA CYS D 165 37.77 -7.91 4.01
C CYS D 165 37.82 -8.38 2.55
N ASP D 166 38.86 -9.15 2.22
CA ASP D 166 39.22 -9.47 0.84
C ASP D 166 38.68 -10.83 0.46
N ASN D 167 37.73 -10.85 -0.49
CA ASN D 167 37.21 -12.07 -1.06
C ASN D 167 37.56 -12.22 -2.54
N SER D 168 38.54 -11.44 -3.01
CA SER D 168 38.85 -11.42 -4.44
C SER D 168 39.51 -12.70 -4.91
N LYS D 169 40.02 -13.52 -4.00
CA LYS D 169 40.68 -14.77 -4.37
C LYS D 169 39.71 -15.95 -4.39
N THR D 170 38.43 -15.74 -4.11
CA THR D 170 37.45 -16.81 -4.14
C THR D 170 36.76 -16.81 -5.50
N GLU D 171 36.68 -17.98 -6.12
CA GLU D 171 36.13 -18.12 -7.46
C GLU D 171 35.10 -19.23 -7.47
N ASP D 172 33.84 -18.86 -7.68
CA ASP D 172 32.73 -19.79 -7.85
C ASP D 172 32.30 -19.72 -9.31
N ASP D 173 32.29 -20.85 -10.00
CA ASP D 173 32.12 -20.91 -11.45
C ASP D 173 33.27 -20.08 -12.04
N ASN D 174 33.02 -19.16 -12.96
CA ASN D 174 34.03 -18.21 -13.43
C ASN D 174 33.86 -16.83 -12.79
N LYS D 175 32.99 -16.73 -11.79
CA LYS D 175 32.79 -15.48 -11.05
C LYS D 175 33.84 -15.36 -9.95
N LYS D 176 34.21 -14.12 -9.64
CA LYS D 176 35.21 -13.83 -8.62
C LYS D 176 34.64 -12.89 -7.57
N GLY D 177 35.03 -13.11 -6.31
CA GLY D 177 34.55 -12.31 -5.22
C GLY D 177 35.15 -10.91 -5.19
N ASN D 178 34.54 -10.05 -4.37
CA ASN D 178 34.94 -8.65 -4.28
C ASN D 178 35.86 -8.42 -3.09
N ARG D 179 36.49 -7.25 -3.08
CA ARG D 179 37.39 -6.82 -2.01
C ARG D 179 36.75 -5.67 -1.25
N GLY D 180 36.57 -5.86 0.06
CA GLY D 180 35.95 -4.84 0.91
C GLY D 180 37.00 -4.04 1.67
N ILE D 181 36.91 -2.72 1.54
CA ILE D 181 37.83 -1.81 2.20
C ILE D 181 37.03 -0.87 3.10
N VAL D 182 37.42 -0.81 4.36
CA VAL D 182 36.85 0.10 5.35
C VAL D 182 37.89 1.18 5.63
N GLU D 183 37.47 2.45 5.53
CA GLU D 183 38.32 3.58 5.88
C GLU D 183 37.71 4.34 7.05
N VAL D 184 38.51 4.55 8.10
CA VAL D 184 38.08 5.29 9.28
C VAL D 184 38.88 6.59 9.31
N TYR D 185 38.21 7.71 9.00
CA TYR D 185 38.83 9.03 8.98
C TYR D 185 38.40 9.77 10.24
N VAL D 186 39.33 9.94 11.18
CA VAL D 186 39.05 10.59 12.45
C VAL D 186 39.61 12.00 12.41
N GLU D 187 38.78 12.94 12.60
CA GLU D 187 39.21 14.33 12.65
C GLU D 187 39.39 14.74 14.11
N PRO D 188 40.24 15.73 14.38
CA PRO D 188 40.49 16.11 15.78
C PRO D 188 39.22 16.58 16.45
N TYR D 189 39.05 16.19 17.72
CA TYR D 189 37.93 16.62 18.53
C TYR D 189 38.34 16.54 19.99
N GLY D 190 37.57 17.23 20.84
CA GLY D 190 37.82 17.23 22.26
C GLY D 190 38.81 18.25 22.75
N ASN D 191 39.20 19.21 21.91
CA ASN D 191 40.05 20.34 22.33
C ASN D 191 41.36 19.81 22.88
N GLN E 3 -18.95 1.32 40.82
CA GLN E 3 -18.06 0.27 40.25
C GLN E 3 -18.86 -0.86 39.61
N VAL E 4 -18.39 -1.33 38.46
CA VAL E 4 -19.10 -2.37 37.73
C VAL E 4 -19.27 -3.59 38.62
N GLN E 5 -20.49 -4.12 38.67
CA GLN E 5 -20.79 -5.30 39.46
C GLN E 5 -21.78 -6.17 38.71
N LEU E 6 -21.61 -7.48 38.81
CA LEU E 6 -22.53 -8.45 38.24
C LEU E 6 -22.82 -9.45 39.35
N VAL E 7 -24.08 -9.49 39.81
CA VAL E 7 -24.49 -10.31 40.93
C VAL E 7 -25.48 -11.34 40.39
N GLN E 8 -25.18 -12.61 40.62
CA GLN E 8 -25.94 -13.72 40.06
C GLN E 8 -26.80 -14.36 41.13
N SER E 9 -27.78 -15.14 40.68
CA SER E 9 -28.70 -15.82 41.56
C SER E 9 -28.02 -17.00 42.27
N GLY E 10 -28.70 -17.52 43.29
CA GLY E 10 -28.12 -18.56 44.10
C GLY E 10 -28.11 -19.91 43.40
N ALA E 11 -27.42 -20.85 44.04
CA ALA E 11 -27.27 -22.18 43.47
C ALA E 11 -28.61 -22.90 43.44
N GLU E 12 -28.76 -23.79 42.46
CA GLU E 12 -29.99 -24.55 42.28
C GLU E 12 -29.65 -26.00 41.98
N VAL E 13 -30.48 -26.91 42.47
CA VAL E 13 -30.40 -28.33 42.14
C VAL E 13 -31.65 -28.70 41.36
N LYS E 14 -31.45 -29.41 40.24
CA LYS E 14 -32.54 -29.79 39.34
C LYS E 14 -32.40 -31.27 38.97
N LYS E 15 -33.52 -31.94 38.81
CA LYS E 15 -33.47 -33.29 38.27
C LYS E 15 -33.24 -33.22 36.75
N PRO E 16 -32.62 -34.25 36.17
CA PRO E 16 -32.45 -34.26 34.71
C PRO E 16 -33.78 -34.15 34.00
N GLY E 17 -33.79 -33.39 32.90
CA GLY E 17 -34.99 -33.14 32.15
C GLY E 17 -35.73 -31.88 32.52
N ALA E 18 -35.34 -31.23 33.62
CA ALA E 18 -35.95 -29.99 34.04
C ALA E 18 -35.20 -28.82 33.41
N SER E 19 -35.64 -27.60 33.73
CA SER E 19 -35.00 -26.39 33.25
C SER E 19 -34.57 -25.55 34.44
N VAL E 20 -33.64 -24.63 34.19
CA VAL E 20 -33.13 -23.72 35.21
C VAL E 20 -32.94 -22.36 34.57
N LYS E 21 -33.26 -21.29 35.31
CA LYS E 21 -33.05 -19.93 34.84
C LYS E 21 -32.19 -19.19 35.86
N VAL E 22 -30.99 -18.80 35.43
CA VAL E 22 -30.06 -18.03 36.26
C VAL E 22 -30.18 -16.56 35.88
N SER E 23 -30.12 -15.69 36.87
CA SER E 23 -30.21 -14.25 36.67
C SER E 23 -28.85 -13.61 36.89
N CYS E 24 -28.67 -12.44 36.29
CA CYS E 24 -27.43 -11.66 36.41
C CYS E 24 -27.82 -10.19 36.50
N LYS E 25 -27.71 -9.62 37.69
CA LYS E 25 -28.09 -8.23 37.94
C LYS E 25 -26.85 -7.35 37.83
N ALA E 26 -26.88 -6.41 36.90
CA ALA E 26 -25.77 -5.53 36.64
C ALA E 26 -26.00 -4.17 37.26
N SER E 27 -24.92 -3.50 37.65
CA SER E 27 -24.99 -2.17 38.21
C SER E 27 -23.64 -1.49 38.01
N GLY E 28 -23.64 -0.17 38.09
CA GLY E 28 -22.43 0.60 37.94
C GLY E 28 -22.10 1.02 36.52
N TYR E 29 -22.98 0.78 35.56
CA TYR E 29 -22.75 1.19 34.19
C TYR E 29 -24.08 1.20 33.47
N THR E 30 -24.06 1.74 32.25
CA THR E 30 -25.27 1.83 31.42
C THR E 30 -25.51 0.48 30.75
N PHE E 31 -26.55 -0.23 31.21
CA PHE E 31 -26.78 -1.59 30.74
C PHE E 31 -26.96 -1.63 29.23
N THR E 32 -27.62 -0.62 28.66
CA THR E 32 -27.96 -0.66 27.24
C THR E 32 -26.77 -0.39 26.33
N SER E 33 -25.63 0.03 26.89
CA SER E 33 -24.44 0.30 26.08
C SER E 33 -23.51 -0.90 25.98
N TYR E 34 -23.88 -2.02 26.57
CA TYR E 34 -23.02 -3.19 26.63
C TYR E 34 -23.86 -4.41 26.28
N GLY E 35 -23.29 -5.58 26.51
CA GLY E 35 -23.99 -6.84 26.39
C GLY E 35 -23.56 -7.77 27.51
N ILE E 36 -24.13 -8.95 27.51
CA ILE E 36 -23.84 -9.98 28.50
C ILE E 36 -23.48 -11.25 27.75
N SER E 37 -22.35 -11.85 28.12
CA SER E 37 -21.97 -13.17 27.65
C SER E 37 -22.06 -14.16 28.80
N TRP E 38 -22.46 -15.38 28.49
CA TRP E 38 -22.58 -16.43 29.49
C TRP E 38 -21.51 -17.48 29.21
N VAL E 39 -20.79 -17.87 30.26
CA VAL E 39 -19.72 -18.86 30.20
C VAL E 39 -19.92 -19.83 31.35
N ARG E 40 -19.80 -21.12 31.06
CA ARG E 40 -19.96 -22.15 32.08
C ARG E 40 -18.67 -22.96 32.21
N GLN E 41 -18.52 -23.58 33.38
CA GLN E 41 -17.32 -24.34 33.73
C GLN E 41 -17.72 -25.56 34.54
N ALA E 42 -17.58 -26.75 33.96
CA ALA E 42 -17.81 -27.96 34.73
C ALA E 42 -16.75 -28.11 35.82
N PRO E 43 -17.08 -28.74 36.96
CA PRO E 43 -16.12 -28.80 38.07
C PRO E 43 -14.75 -29.31 37.66
N GLY E 44 -13.72 -28.47 37.89
CA GLY E 44 -12.37 -28.85 37.55
C GLY E 44 -12.06 -28.93 36.08
N GLN E 45 -12.84 -28.27 35.23
CA GLN E 45 -12.64 -28.36 33.79
C GLN E 45 -12.52 -26.96 33.20
N GLY E 46 -12.47 -26.85 31.88
CA GLY E 46 -12.21 -25.58 31.23
C GLY E 46 -13.47 -24.73 31.09
N LEU E 47 -13.34 -23.66 30.32
CA LEU E 47 -14.40 -22.68 30.14
C LEU E 47 -14.99 -22.78 28.73
N GLU E 48 -16.32 -22.75 28.65
CA GLU E 48 -17.03 -22.83 27.39
C GLU E 48 -17.96 -21.62 27.28
N TRP E 49 -17.91 -20.94 26.14
CA TRP E 49 -18.79 -19.79 25.89
C TRP E 49 -20.15 -20.30 25.44
N MET E 50 -21.20 -19.80 26.09
CA MET E 50 -22.57 -20.23 25.81
C MET E 50 -23.33 -19.31 24.85
N GLY E 51 -23.02 -18.04 24.85
CA GLY E 51 -23.71 -17.11 23.99
C GLY E 51 -23.59 -15.69 24.49
N TRP E 52 -24.25 -14.79 23.76
CA TRP E 52 -24.16 -13.35 23.97
C TRP E 52 -25.53 -12.75 23.74
N ILE E 53 -25.83 -11.69 24.48
CA ILE E 53 -27.09 -10.96 24.33
C ILE E 53 -26.80 -9.47 24.35
N SER E 54 -27.43 -8.74 23.43
CA SER E 54 -27.28 -7.30 23.40
C SER E 54 -28.06 -6.66 24.55
N GLY E 55 -27.45 -5.67 25.18
CA GLY E 55 -28.17 -4.90 26.18
C GLY E 55 -29.09 -3.84 25.63
N TYR E 56 -29.01 -3.57 24.32
CA TYR E 56 -29.82 -2.51 23.73
C TYR E 56 -31.13 -3.05 23.18
N ASN E 57 -31.08 -4.13 22.39
CA ASN E 57 -32.28 -4.67 21.75
C ASN E 57 -32.51 -6.15 22.01
N GLY E 58 -31.71 -6.79 22.85
CA GLY E 58 -31.96 -8.19 23.18
C GLY E 58 -31.59 -9.17 22.10
N ASN E 59 -30.93 -8.73 21.03
CA ASN E 59 -30.47 -9.67 20.03
C ASN E 59 -29.44 -10.61 20.64
N THR E 60 -29.44 -11.85 20.16
CA THR E 60 -28.64 -12.90 20.76
C THR E 60 -27.76 -13.58 19.73
N LYS E 61 -26.67 -14.16 20.23
CA LYS E 61 -25.84 -15.07 19.44
C LYS E 61 -25.47 -16.23 20.34
N TYR E 62 -25.88 -17.44 19.95
CA TYR E 62 -25.70 -18.65 20.75
C TYR E 62 -24.62 -19.53 20.12
N ALA E 63 -23.95 -20.32 20.95
CA ALA E 63 -23.06 -21.35 20.44
C ALA E 63 -23.90 -22.49 19.83
N GLN E 64 -23.46 -22.98 18.67
CA GLN E 64 -24.25 -23.98 17.95
C GLN E 64 -24.52 -25.20 18.83
N LYS E 65 -23.65 -25.46 19.80
CA LYS E 65 -23.81 -26.61 20.70
C LYS E 65 -25.14 -26.52 21.48
N LEU E 66 -25.47 -25.36 22.03
CA LEU E 66 -26.62 -25.20 22.89
C LEU E 66 -27.88 -24.69 22.17
N GLN E 67 -27.79 -24.45 20.86
CA GLN E 67 -28.95 -23.95 20.13
C GLN E 67 -30.12 -24.89 20.34
N GLY E 68 -31.30 -24.32 20.62
CA GLY E 68 -32.45 -25.12 20.98
C GLY E 68 -32.71 -25.15 22.49
N ARG E 69 -31.65 -25.29 23.29
CA ARG E 69 -31.79 -25.46 24.73
C ARG E 69 -31.66 -24.18 25.54
N VAL E 70 -30.96 -23.18 25.01
CA VAL E 70 -30.58 -22.00 25.78
C VAL E 70 -31.40 -20.81 25.29
N THR E 71 -31.88 -20.01 26.24
CA THR E 71 -32.61 -18.78 25.96
C THR E 71 -32.02 -17.68 26.83
N MET E 72 -31.61 -16.58 26.22
CA MET E 72 -31.10 -15.42 26.94
C MET E 72 -32.03 -14.24 26.74
N THR E 73 -32.32 -13.53 27.84
CA THR E 73 -33.20 -12.37 27.81
C THR E 73 -32.64 -11.30 28.73
N THR E 74 -33.13 -10.07 28.55
CA THR E 74 -32.74 -8.95 29.38
C THR E 74 -33.99 -8.21 29.86
N ASP E 75 -33.83 -7.50 30.98
CA ASP E 75 -34.84 -6.60 31.51
C ASP E 75 -34.16 -5.24 31.67
N THR E 76 -34.38 -4.35 30.71
CA THR E 76 -33.71 -3.07 30.73
C THR E 76 -34.08 -2.24 31.95
N SER E 77 -35.33 -2.32 32.39
CA SER E 77 -35.75 -1.51 33.52
C SER E 77 -34.99 -1.87 34.78
N THR E 78 -34.56 -3.12 34.91
CA THR E 78 -33.81 -3.59 36.08
C THR E 78 -32.37 -3.97 35.78
N SER E 79 -31.90 -3.76 34.55
CA SER E 79 -30.51 -4.04 34.17
C SER E 79 -30.09 -5.46 34.55
N THR E 80 -30.97 -6.41 34.30
CA THR E 80 -30.78 -7.80 34.67
C THR E 80 -30.81 -8.66 33.42
N ALA E 81 -29.89 -9.61 33.35
CA ALA E 81 -29.83 -10.60 32.28
C ALA E 81 -30.19 -11.96 32.84
N TYR E 82 -30.87 -12.77 32.02
CA TYR E 82 -31.34 -14.08 32.42
C TYR E 82 -30.83 -15.12 31.42
N MET E 83 -30.51 -16.30 31.92
CA MET E 83 -30.11 -17.42 31.07
C MET E 83 -30.91 -18.64 31.49
N GLU E 84 -31.70 -19.18 30.57
CA GLU E 84 -32.48 -20.38 30.82
C GLU E 84 -31.96 -21.52 29.97
N LEU E 85 -31.63 -22.63 30.61
CA LEU E 85 -31.20 -23.85 29.93
C LEU E 85 -32.28 -24.91 30.12
N ARG E 86 -32.69 -25.54 29.02
CA ARG E 86 -33.76 -26.54 29.03
C ARG E 86 -33.19 -27.94 28.88
N SER E 87 -34.02 -28.93 29.20
CA SER E 87 -33.68 -30.34 29.05
C SER E 87 -32.30 -30.63 29.65
N LEU E 88 -32.19 -30.33 30.94
CA LEU E 88 -30.92 -30.47 31.64
C LEU E 88 -30.46 -31.93 31.67
N ARG E 89 -29.20 -32.14 31.35
CA ARG E 89 -28.55 -33.43 31.51
C ARG E 89 -27.56 -33.36 32.66
N SER E 90 -27.12 -34.53 33.12
CA SER E 90 -26.17 -34.58 34.23
C SER E 90 -24.87 -33.85 33.88
N ASP E 91 -24.46 -33.88 32.61
CA ASP E 91 -23.22 -33.23 32.21
C ASP E 91 -23.35 -31.71 32.13
N ASP E 92 -24.53 -31.16 32.41
CA ASP E 92 -24.68 -29.71 32.54
C ASP E 92 -24.31 -29.22 33.93
N THR E 93 -23.96 -30.12 34.85
CA THR E 93 -23.49 -29.70 36.16
C THR E 93 -22.26 -28.84 35.96
N ALA E 94 -22.34 -27.58 36.39
CA ALA E 94 -21.24 -26.64 36.15
C ALA E 94 -21.54 -25.37 36.92
N VAL E 95 -20.52 -24.54 37.03
CA VAL E 95 -20.68 -23.16 37.49
C VAL E 95 -20.95 -22.31 36.26
N TYR E 96 -22.06 -21.59 36.28
CA TYR E 96 -22.45 -20.72 35.16
C TYR E 96 -22.12 -19.28 35.51
N TYR E 97 -21.38 -18.62 34.64
CA TYR E 97 -20.93 -17.24 34.84
C TYR E 97 -21.59 -16.32 33.83
N CYS E 98 -21.95 -15.11 34.26
CA CYS E 98 -22.22 -14.02 33.35
C CYS E 98 -21.01 -13.10 33.35
N ALA E 99 -20.70 -12.53 32.19
CA ALA E 99 -19.59 -11.60 32.06
C ALA E 99 -20.04 -10.45 31.18
N ARG E 100 -19.62 -9.23 31.54
CA ARG E 100 -19.97 -8.08 30.73
C ARG E 100 -19.22 -8.13 29.41
N ASP E 101 -19.94 -7.86 28.33
CA ASP E 101 -19.39 -7.84 26.98
C ASP E 101 -19.68 -6.48 26.36
N LYS E 102 -19.22 -6.28 25.13
CA LYS E 102 -19.45 -5.03 24.41
C LYS E 102 -20.77 -5.12 23.64
N TYR E 103 -21.17 -4.03 23.00
CA TYR E 103 -22.44 -3.99 22.28
C TYR E 103 -22.42 -4.87 21.03
N ILE E 104 -21.25 -5.35 20.62
CA ILE E 104 -21.15 -6.44 19.65
C ILE E 104 -20.25 -7.49 20.30
N PRO E 105 -20.46 -8.77 20.05
CA PRO E 105 -19.55 -9.80 20.57
C PRO E 105 -18.29 -9.87 19.74
N VAL E 106 -17.31 -10.63 20.25
CA VAL E 106 -16.08 -10.92 19.52
C VAL E 106 -15.35 -9.62 19.21
N ALA E 107 -15.17 -8.77 20.22
CA ALA E 107 -14.41 -7.54 20.04
C ALA E 107 -13.41 -7.33 21.16
N ASP E 108 -13.70 -7.86 22.34
CA ASP E 108 -12.85 -7.67 23.51
C ASP E 108 -12.99 -8.88 24.42
N PRO E 109 -12.06 -9.06 25.36
CA PRO E 109 -12.20 -10.16 26.34
C PRO E 109 -13.09 -9.75 27.50
N PHE E 110 -13.21 -10.60 28.51
CA PHE E 110 -14.13 -10.42 29.62
C PHE E 110 -13.36 -9.91 30.83
N ASP E 111 -13.57 -8.64 31.18
CA ASP E 111 -12.91 -8.06 32.34
C ASP E 111 -13.74 -8.15 33.61
N TYR E 112 -15.07 -8.15 33.52
CA TYR E 112 -15.94 -8.15 34.67
C TYR E 112 -16.84 -9.38 34.67
N TRP E 113 -16.83 -10.12 35.77
CA TRP E 113 -17.51 -11.40 35.88
C TRP E 113 -18.44 -11.42 37.08
N GLY E 114 -19.50 -12.20 36.97
CA GLY E 114 -20.28 -12.53 38.14
C GLY E 114 -19.57 -13.56 39.00
N GLN E 115 -20.12 -13.79 40.20
CA GLN E 115 -19.50 -14.75 41.10
C GLN E 115 -19.78 -16.18 40.68
N GLY E 116 -20.70 -16.38 39.75
CA GLY E 116 -21.00 -17.73 39.32
C GLY E 116 -22.18 -18.33 40.06
N THR E 117 -22.92 -19.18 39.36
CA THR E 117 -24.06 -19.89 39.90
C THR E 117 -23.83 -21.38 39.65
N LEU E 118 -23.75 -22.16 40.72
CA LEU E 118 -23.59 -23.61 40.59
C LEU E 118 -24.95 -24.22 40.29
N VAL E 119 -25.01 -25.01 39.22
CA VAL E 119 -26.21 -25.76 38.84
C VAL E 119 -25.85 -27.23 38.92
N THR E 120 -26.50 -27.95 39.83
CA THR E 120 -26.25 -29.37 40.02
C THR E 120 -27.42 -30.15 39.46
N VAL E 121 -27.13 -31.07 38.54
CA VAL E 121 -28.12 -31.94 37.93
C VAL E 121 -27.83 -33.36 38.42
N SER E 122 -28.82 -33.97 39.07
CA SER E 122 -28.70 -35.34 39.56
C SER E 122 -28.97 -36.33 38.42
N ASP E 144 -14.28 -23.35 13.65
CA ASP E 144 -14.05 -22.98 15.04
C ASP E 144 -12.57 -23.04 15.40
N ILE E 145 -12.07 -21.98 16.02
CA ILE E 145 -10.67 -21.91 16.38
C ILE E 145 -10.43 -22.72 17.66
N VAL E 146 -9.49 -23.64 17.59
CA VAL E 146 -9.15 -24.52 18.70
C VAL E 146 -7.93 -23.94 19.42
N MET E 147 -8.01 -23.86 20.74
CA MET E 147 -6.93 -23.35 21.57
C MET E 147 -6.32 -24.52 22.32
N THR E 148 -5.00 -24.70 22.18
CA THR E 148 -4.27 -25.79 22.80
C THR E 148 -3.14 -25.20 23.63
N GLN E 149 -3.17 -25.44 24.94
CA GLN E 149 -2.14 -24.98 25.86
C GLN E 149 -1.18 -26.13 26.13
N SER E 150 0.12 -25.84 26.07
CA SER E 150 1.10 -26.92 26.00
C SER E 150 1.14 -27.74 27.29
N PRO E 151 1.53 -27.17 28.45
CA PRO E 151 1.60 -28.03 29.64
C PRO E 151 0.26 -28.09 30.34
N ASP E 152 -0.29 -29.30 30.53
CA ASP E 152 -1.54 -29.41 31.28
C ASP E 152 -1.32 -29.08 32.75
N SER E 153 -0.15 -29.47 33.30
CA SER E 153 0.19 -29.17 34.67
C SER E 153 1.64 -28.72 34.72
N LEU E 154 1.94 -27.83 35.67
CA LEU E 154 3.27 -27.25 35.80
C LEU E 154 3.58 -27.03 37.27
N ALA E 155 4.77 -27.49 37.69
CA ALA E 155 5.27 -27.28 39.05
C ALA E 155 6.55 -26.47 38.97
N VAL E 156 6.58 -25.35 39.70
CA VAL E 156 7.70 -24.42 39.68
C VAL E 156 8.02 -24.04 41.13
N SER E 157 9.27 -23.64 41.34
CA SER E 157 9.71 -23.21 42.66
C SER E 157 9.44 -21.73 42.87
N LEU E 158 9.28 -21.35 44.14
CA LEU E 158 9.11 -19.95 44.47
C LEU E 158 10.29 -19.13 43.96
N GLY E 159 9.99 -18.01 43.31
CA GLY E 159 10.97 -17.07 42.81
C GLY E 159 11.53 -17.38 41.44
N GLU E 160 11.15 -18.49 40.80
CA GLU E 160 11.68 -18.88 39.50
C GLU E 160 10.60 -18.72 38.42
N ARG E 161 11.04 -18.91 37.18
CA ARG E 161 10.23 -18.67 35.99
C ARG E 161 9.24 -19.80 35.72
N ALA E 162 8.02 -19.42 35.32
CA ALA E 162 7.01 -20.33 34.81
C ALA E 162 6.59 -19.88 33.41
N THR E 163 6.46 -20.85 32.50
CA THR E 163 6.09 -20.58 31.12
C THR E 163 4.87 -21.41 30.74
N ILE E 164 3.88 -20.77 30.14
CA ILE E 164 2.69 -21.43 29.62
C ILE E 164 2.54 -21.05 28.15
N ASN E 165 2.36 -22.05 27.29
CA ASN E 165 2.22 -21.82 25.85
C ASN E 165 0.78 -22.03 25.44
N CYS E 166 0.38 -21.33 24.37
CA CYS E 166 -0.98 -21.44 23.84
C CYS E 166 -0.90 -21.43 22.31
N LYS E 167 -1.47 -22.47 21.70
CA LYS E 167 -1.52 -22.59 20.24
C LYS E 167 -2.96 -22.49 19.75
N SER E 168 -3.20 -21.59 18.79
CA SER E 168 -4.49 -21.52 18.11
C SER E 168 -4.44 -22.25 16.77
N SER E 169 -5.57 -22.88 16.42
CA SER E 169 -5.65 -23.65 15.19
C SER E 169 -5.55 -22.77 13.95
N GLN E 170 -5.80 -21.47 14.07
CA GLN E 170 -5.58 -20.55 12.97
C GLN E 170 -5.18 -19.20 13.56
N SER E 171 -4.63 -18.36 12.70
CA SER E 171 -4.11 -17.08 13.17
C SER E 171 -5.21 -16.23 13.78
N VAL E 172 -4.89 -15.57 14.89
CA VAL E 172 -5.76 -14.62 15.53
C VAL E 172 -5.20 -13.20 15.39
N LEU E 173 -4.30 -12.99 14.44
CA LEU E 173 -3.73 -11.67 14.18
C LEU E 173 -4.60 -10.95 13.17
N TYR E 174 -5.15 -9.81 13.56
CA TYR E 174 -6.00 -8.98 12.71
C TYR E 174 -5.11 -8.06 11.88
N SER E 175 -5.20 -8.17 10.56
CA SER E 175 -4.33 -7.41 9.69
C SER E 175 -4.62 -5.91 9.73
N SER E 176 -5.87 -5.52 10.01
CA SER E 176 -6.22 -4.10 9.94
C SER E 176 -5.66 -3.29 11.10
N ASN E 177 -5.29 -3.93 12.21
CA ASN E 177 -4.68 -3.20 13.31
C ASN E 177 -3.46 -3.92 13.88
N ASN E 178 -3.03 -5.01 13.25
CA ASN E 178 -1.81 -5.71 13.66
C ASN E 178 -1.85 -6.08 15.13
N LYS E 179 -3.03 -6.47 15.61
CA LYS E 179 -3.20 -6.89 16.99
C LYS E 179 -3.68 -8.34 17.04
N ASN E 180 -3.15 -9.09 17.99
CA ASN E 180 -3.55 -10.46 18.23
C ASN E 180 -4.73 -10.46 19.18
N TYR E 181 -5.82 -11.08 18.78
CA TYR E 181 -7.04 -11.14 19.59
C TYR E 181 -6.97 -12.33 20.54
N LEU E 182 -6.09 -12.15 21.54
CA LEU E 182 -5.72 -13.17 22.50
C LEU E 182 -5.73 -12.61 23.91
N ALA E 183 -6.31 -13.36 24.85
CA ALA E 183 -6.37 -12.93 26.24
C ALA E 183 -5.88 -14.04 27.15
N TRP E 184 -5.35 -13.67 28.31
CA TRP E 184 -4.94 -14.61 29.32
C TRP E 184 -5.71 -14.37 30.60
N TYR E 185 -6.11 -15.46 31.25
CA TYR E 185 -6.90 -15.40 32.46
C TYR E 185 -6.22 -16.18 33.57
N GLN E 186 -6.49 -15.73 34.80
CA GLN E 186 -6.07 -16.42 36.01
C GLN E 186 -7.32 -16.75 36.80
N GLN E 187 -7.51 -18.02 37.14
CA GLN E 187 -8.63 -18.45 37.95
C GLN E 187 -8.13 -19.19 39.19
N LYS E 188 -8.43 -18.65 40.35
CA LYS E 188 -8.13 -19.25 41.63
C LYS E 188 -9.34 -20.07 42.09
N PRO E 189 -9.14 -21.03 42.98
CA PRO E 189 -10.27 -21.89 43.41
C PRO E 189 -11.44 -21.08 43.97
N GLY E 190 -12.64 -21.41 43.51
CA GLY E 190 -13.87 -20.81 44.00
C GLY E 190 -14.18 -19.42 43.51
N GLN E 191 -13.36 -18.87 42.63
CA GLN E 191 -13.48 -17.50 42.15
C GLN E 191 -13.70 -17.48 40.65
N PRO E 192 -14.30 -16.42 40.11
CA PRO E 192 -14.40 -16.27 38.65
C PRO E 192 -13.03 -16.07 38.03
N PRO E 193 -12.90 -16.35 36.72
CA PRO E 193 -11.66 -16.00 36.02
C PRO E 193 -11.38 -14.50 36.11
N LYS E 194 -10.09 -14.18 36.28
CA LYS E 194 -9.61 -12.79 36.29
C LYS E 194 -8.79 -12.55 35.02
N LEU E 195 -9.10 -11.47 34.32
CA LEU E 195 -8.37 -11.11 33.11
C LEU E 195 -7.00 -10.53 33.45
N LEU E 196 -5.96 -11.11 32.86
CA LEU E 196 -4.59 -10.65 33.04
C LEU E 196 -4.07 -9.85 31.84
N ILE E 197 -4.19 -10.43 30.64
CA ILE E 197 -3.57 -9.89 29.44
C ILE E 197 -4.60 -9.88 28.31
N TYR E 198 -4.62 -8.79 27.54
CA TYR E 198 -5.34 -8.72 26.28
C TYR E 198 -4.37 -8.22 25.21
N TRP E 199 -4.78 -8.33 23.95
CA TRP E 199 -3.89 -8.09 22.80
C TRP E 199 -2.60 -8.91 22.90
N ALA E 200 -2.65 -9.98 23.68
CA ALA E 200 -1.59 -10.98 23.84
C ALA E 200 -0.38 -10.50 24.62
N SER E 201 -0.24 -9.18 24.84
CA SER E 201 0.89 -8.70 25.62
C SER E 201 0.62 -7.48 26.48
N THR E 202 -0.61 -6.96 26.51
CA THR E 202 -0.94 -5.78 27.28
C THR E 202 -1.58 -6.22 28.60
N ARG E 203 -0.97 -5.83 29.71
CA ARG E 203 -1.54 -6.17 31.01
C ARG E 203 -2.75 -5.29 31.31
N GLU E 204 -3.78 -5.90 31.88
CA GLU E 204 -4.87 -5.13 32.43
C GLU E 204 -4.35 -4.31 33.61
N SER E 205 -5.03 -3.21 33.89
CA SER E 205 -4.62 -2.36 35.00
C SER E 205 -4.61 -3.18 36.29
N GLY E 206 -3.58 -2.99 37.10
CA GLY E 206 -3.43 -3.70 38.36
C GLY E 206 -2.72 -5.03 38.28
N VAL E 207 -2.45 -5.55 37.10
CA VAL E 207 -1.80 -6.85 36.95
C VAL E 207 -0.30 -6.69 37.20
N PRO E 208 0.30 -7.50 38.07
CA PRO E 208 1.72 -7.32 38.39
C PRO E 208 2.62 -7.45 37.16
N ASP E 209 3.80 -6.84 37.25
CA ASP E 209 4.70 -6.79 36.10
C ASP E 209 5.35 -8.13 35.78
N ARG E 210 5.41 -9.06 36.74
CA ARG E 210 5.98 -10.36 36.46
C ARG E 210 5.15 -11.19 35.47
N PHE E 211 3.89 -10.81 35.23
CA PHE E 211 3.07 -11.45 34.21
C PHE E 211 3.33 -10.80 32.85
N SER E 212 3.88 -11.58 31.91
CA SER E 212 4.20 -11.10 30.58
C SER E 212 3.57 -12.01 29.54
N GLY E 213 3.00 -11.40 28.51
CA GLY E 213 2.45 -12.12 27.38
C GLY E 213 3.31 -11.90 26.15
N SER E 214 3.43 -12.94 25.33
CA SER E 214 4.27 -12.89 24.15
C SER E 214 3.64 -13.72 23.05
N GLY E 215 4.12 -13.51 21.84
CA GLY E 215 3.68 -14.26 20.69
C GLY E 215 2.83 -13.44 19.74
N SER E 216 2.67 -14.01 18.54
CA SER E 216 1.86 -13.37 17.52
C SER E 216 1.42 -14.46 16.55
N GLY E 217 0.26 -14.26 15.95
CA GLY E 217 -0.24 -15.22 15.00
C GLY E 217 -0.94 -16.39 15.68
N THR E 218 -0.24 -17.52 15.77
CA THR E 218 -0.80 -18.75 16.31
C THR E 218 -0.09 -19.25 17.56
N ASP E 219 1.11 -18.78 17.85
CA ASP E 219 1.90 -19.29 18.96
C ASP E 219 2.04 -18.17 19.99
N PHE E 220 1.59 -18.43 21.22
CA PHE E 220 1.58 -17.41 22.25
C PHE E 220 2.10 -17.99 23.55
N THR E 221 2.62 -17.11 24.40
CA THR E 221 3.26 -17.54 25.64
C THR E 221 2.85 -16.62 26.77
N LEU E 222 2.61 -17.21 27.94
CA LEU E 222 2.42 -16.48 29.19
C LEU E 222 3.59 -16.82 30.10
N THR E 223 4.30 -15.80 30.57
CA THR E 223 5.48 -16.01 31.41
C THR E 223 5.27 -15.35 32.76
N ILE E 224 5.58 -16.10 33.81
CA ILE E 224 5.51 -15.62 35.18
C ILE E 224 6.94 -15.70 35.71
N SER E 225 7.59 -14.55 35.82
CA SER E 225 8.91 -14.49 36.44
C SER E 225 8.74 -14.36 37.95
N SER E 226 9.76 -14.78 38.68
CA SER E 226 9.76 -14.68 40.13
C SER E 226 8.39 -15.06 40.69
N LEU E 227 8.05 -16.33 40.48
CA LEU E 227 6.76 -16.86 40.90
C LEU E 227 6.52 -16.61 42.39
N GLN E 228 5.28 -16.27 42.73
CA GLN E 228 4.88 -16.08 44.12
C GLN E 228 3.77 -17.06 44.48
N ALA E 229 3.55 -17.23 45.78
CA ALA E 229 2.56 -18.20 46.25
C ALA E 229 1.16 -17.86 45.76
N GLU E 230 0.83 -16.56 45.69
CA GLU E 230 -0.51 -16.16 45.24
C GLU E 230 -0.75 -16.49 43.78
N ASP E 231 0.30 -16.81 43.02
CA ASP E 231 0.17 -17.08 41.60
C ASP E 231 -0.22 -18.53 41.29
N VAL E 232 -0.30 -19.39 42.30
CA VAL E 232 -0.79 -20.75 42.09
C VAL E 232 -2.25 -20.64 41.66
N ALA E 233 -2.54 -21.12 40.47
CA ALA E 233 -3.88 -20.98 39.91
C ALA E 233 -3.92 -21.76 38.60
N VAL E 234 -5.07 -21.71 37.95
CA VAL E 234 -5.24 -22.26 36.61
C VAL E 234 -5.25 -21.09 35.63
N TYR E 235 -4.52 -21.24 34.53
CA TYR E 235 -4.36 -20.20 33.52
C TYR E 235 -4.96 -20.67 32.20
N TYR E 236 -5.76 -19.79 31.60
CA TYR E 236 -6.40 -20.06 30.32
C TYR E 236 -6.04 -18.97 29.32
N CYS E 237 -5.90 -19.37 28.06
CA CYS E 237 -5.93 -18.41 26.97
C CYS E 237 -7.31 -18.41 26.34
N GLN E 238 -7.60 -17.35 25.59
CA GLN E 238 -8.88 -17.20 24.93
C GLN E 238 -8.66 -16.38 23.68
N GLN E 239 -9.26 -16.83 22.57
CA GLN E 239 -9.30 -16.06 21.34
C GLN E 239 -10.66 -15.39 21.25
N TYR E 240 -10.67 -14.12 20.89
CA TYR E 240 -11.88 -13.38 20.57
C TYR E 240 -11.78 -12.80 19.16
N TYR E 241 -11.27 -13.63 18.24
CA TYR E 241 -11.08 -13.29 16.83
C TYR E 241 -12.28 -13.71 15.99
N SER E 242 -12.85 -14.88 16.26
CA SER E 242 -13.96 -15.39 15.47
C SER E 242 -14.89 -16.20 16.36
N ALA E 243 -16.19 -16.02 16.15
CA ALA E 243 -17.18 -16.78 16.89
C ALA E 243 -17.18 -18.22 16.40
N PRO E 244 -17.39 -19.21 17.29
CA PRO E 244 -17.62 -19.04 18.73
C PRO E 244 -16.36 -18.70 19.51
N ILE E 245 -16.54 -18.02 20.65
CA ILE E 245 -15.46 -17.79 21.58
C ILE E 245 -14.95 -19.14 22.10
N THR E 246 -13.63 -19.30 22.15
CA THR E 246 -13.03 -20.55 22.60
C THR E 246 -11.89 -20.27 23.57
N PHE E 247 -11.79 -21.12 24.60
CA PHE E 247 -10.74 -21.06 25.60
C PHE E 247 -9.83 -22.26 25.46
N GLY E 248 -8.60 -22.11 25.92
CA GLY E 248 -7.73 -23.26 26.12
C GLY E 248 -8.29 -24.17 27.19
N GLN E 249 -7.67 -25.35 27.29
CA GLN E 249 -8.13 -26.33 28.26
C GLN E 249 -7.68 -26.03 29.67
N GLY E 250 -6.73 -25.10 29.83
CA GLY E 250 -6.23 -24.74 31.15
C GLY E 250 -4.86 -25.30 31.46
N THR E 251 -4.04 -24.51 32.16
CA THR E 251 -2.73 -24.95 32.63
C THR E 251 -2.70 -24.75 34.14
N ARG E 252 -2.70 -25.85 34.89
CA ARG E 252 -2.58 -25.80 36.33
C ARG E 252 -1.13 -25.51 36.72
N LEU E 253 -0.95 -24.49 37.54
CA LEU E 253 0.36 -24.07 38.02
C LEU E 253 0.42 -24.35 39.51
N GLU E 254 1.36 -25.21 39.92
CA GLU E 254 1.59 -25.56 41.32
C GLU E 254 3.03 -25.21 41.70
N ILE E 255 3.36 -25.46 42.97
CA ILE E 255 4.70 -25.18 43.47
C ILE E 255 5.50 -26.47 43.66
N GLN F 3 17.87 25.01 -32.17
CA GLN F 3 17.24 24.10 -33.18
C GLN F 3 18.08 22.83 -33.34
N VAL F 4 17.73 21.81 -32.55
CA VAL F 4 18.51 20.57 -32.52
C VAL F 4 18.69 20.02 -33.93
N GLN F 5 19.92 19.66 -34.26
CA GLN F 5 20.27 19.08 -35.55
C GLN F 5 21.37 18.05 -35.34
N LEU F 6 21.28 16.97 -36.12
CA LEU F 6 22.30 15.92 -36.12
C LEU F 6 22.64 15.63 -37.57
N VAL F 7 23.89 15.86 -37.94
CA VAL F 7 24.37 15.73 -39.31
C VAL F 7 25.42 14.63 -39.36
N GLN F 8 25.21 13.64 -40.21
CA GLN F 8 26.06 12.47 -40.27
C GLN F 8 26.99 12.54 -41.48
N SER F 9 28.01 11.69 -41.44
CA SER F 9 28.95 11.61 -42.54
C SER F 9 28.31 10.94 -43.74
N GLY F 10 29.02 11.00 -44.87
CA GLY F 10 28.49 10.50 -46.12
C GLY F 10 28.49 8.98 -46.24
N ALA F 11 27.85 8.51 -47.31
CA ALA F 11 27.72 7.08 -47.56
C ALA F 11 29.09 6.48 -47.90
N GLU F 12 29.25 5.21 -47.55
CA GLU F 12 30.51 4.51 -47.79
C GLU F 12 30.22 3.11 -48.34
N VAL F 13 31.11 2.67 -49.22
CA VAL F 13 31.13 1.29 -49.72
C VAL F 13 32.41 0.66 -49.18
N LYS F 14 32.29 -0.53 -48.60
CA LYS F 14 33.41 -1.14 -47.90
C LYS F 14 33.55 -2.59 -48.32
N LYS F 15 34.80 -3.06 -48.36
CA LYS F 15 35.06 -4.46 -48.65
C LYS F 15 34.72 -5.32 -47.43
N PRO F 16 34.28 -6.57 -47.65
CA PRO F 16 34.05 -7.46 -46.51
C PRO F 16 35.32 -7.62 -45.70
N GLY F 17 35.15 -7.61 -44.37
CA GLY F 17 36.27 -7.75 -43.46
C GLY F 17 36.89 -6.45 -43.02
N ALA F 18 36.53 -5.33 -43.65
CA ALA F 18 37.07 -4.03 -43.28
C ALA F 18 36.21 -3.38 -42.21
N SER F 19 36.61 -2.17 -41.81
CA SER F 19 35.88 -1.39 -40.82
C SER F 19 35.44 -0.06 -41.41
N VAL F 20 34.45 0.55 -40.78
CA VAL F 20 33.88 1.83 -41.21
C VAL F 20 33.63 2.66 -39.97
N LYS F 21 33.88 3.97 -40.08
CA LYS F 21 33.63 4.92 -39.00
C LYS F 21 32.66 5.98 -39.51
N VAL F 22 31.46 6.01 -38.93
CA VAL F 22 30.42 7.00 -39.23
C VAL F 22 30.43 8.08 -38.15
N SER F 23 30.30 9.33 -38.58
CA SER F 23 30.28 10.44 -37.64
C SER F 23 28.88 11.04 -37.55
N CYS F 24 28.62 11.69 -36.43
CA CYS F 24 27.33 12.32 -36.15
C CYS F 24 27.63 13.63 -35.44
N LYS F 25 27.48 14.76 -36.14
CA LYS F 25 27.80 16.06 -35.59
C LYS F 25 26.52 16.68 -35.06
N ALA F 26 26.49 16.99 -33.77
CA ALA F 26 25.32 17.54 -33.11
C ALA F 26 25.44 19.05 -32.96
N SER F 27 24.28 19.72 -32.92
CA SER F 27 24.25 21.16 -32.68
C SER F 27 22.88 21.54 -32.16
N GLY F 28 22.82 22.71 -31.54
CA GLY F 28 21.59 23.26 -31.02
C GLY F 28 21.25 22.89 -29.59
N TYR F 29 22.15 22.21 -28.88
CA TYR F 29 21.89 21.83 -27.51
C TYR F 29 23.20 21.50 -26.81
N THR F 30 23.14 21.32 -25.50
CA THR F 30 24.33 21.02 -24.70
C THR F 30 24.67 19.55 -24.84
N PHE F 31 25.74 19.27 -25.59
CA PHE F 31 26.08 17.89 -25.91
C PHE F 31 26.31 17.04 -24.66
N THR F 32 26.87 17.65 -23.60
CA THR F 32 27.23 16.91 -22.40
C THR F 32 26.03 16.57 -21.49
N SER F 33 24.85 17.11 -21.76
CA SER F 33 23.68 16.80 -20.96
C SER F 33 22.85 15.65 -21.52
N TYR F 34 23.27 15.06 -22.63
CA TYR F 34 22.48 14.05 -23.33
C TYR F 34 23.39 12.90 -23.72
N GLY F 35 22.87 12.01 -24.56
CA GLY F 35 23.65 10.93 -25.11
C GLY F 35 23.29 10.72 -26.57
N ILE F 36 23.95 9.74 -27.18
CA ILE F 36 23.70 9.39 -28.56
C ILE F 36 23.44 7.88 -28.61
N SER F 37 22.35 7.50 -29.29
CA SER F 37 22.10 6.12 -29.63
C SER F 37 22.25 5.95 -31.13
N TRP F 38 22.72 4.77 -31.53
CA TRP F 38 22.89 4.42 -32.94
C TRP F 38 21.88 3.35 -33.30
N VAL F 39 21.19 3.54 -34.42
CA VAL F 39 20.18 2.62 -34.91
C VAL F 39 20.43 2.41 -36.39
N ARG F 40 20.41 1.15 -36.83
CA ARG F 40 20.63 0.82 -38.23
C ARG F 40 19.41 0.10 -38.79
N GLN F 41 19.28 0.19 -40.11
CA GLN F 41 18.11 -0.31 -40.82
C GLN F 41 18.62 -0.96 -42.11
N ALA F 42 18.54 -2.28 -42.18
CA ALA F 42 18.89 -3.00 -43.40
C ALA F 42 17.85 -2.71 -44.49
N PRO F 43 18.27 -2.77 -45.77
CA PRO F 43 17.34 -2.45 -46.87
C PRO F 43 16.03 -3.21 -46.78
N GLY F 44 14.93 -2.46 -46.73
CA GLY F 44 13.60 -3.04 -46.68
C GLY F 44 13.27 -3.80 -45.42
N GLN F 45 13.97 -3.52 -44.32
CA GLN F 45 13.75 -4.22 -43.06
C GLN F 45 13.51 -3.25 -41.91
N GLY F 46 13.41 -3.76 -40.70
CA GLY F 46 13.06 -2.97 -39.55
C GLY F 46 14.26 -2.26 -38.97
N LEU F 47 14.08 -1.72 -37.77
CA LEU F 47 15.09 -0.91 -37.08
C LEU F 47 15.72 -1.73 -35.97
N GLU F 48 17.05 -1.70 -35.88
CA GLU F 48 17.80 -2.42 -34.87
C GLU F 48 18.68 -1.46 -34.08
N TRP F 49 18.59 -1.55 -32.75
CA TRP F 49 19.36 -0.69 -31.86
C TRP F 49 20.76 -1.26 -31.68
N MET F 50 21.76 -0.41 -31.89
CA MET F 50 23.15 -0.83 -31.79
C MET F 50 23.79 -0.54 -30.44
N GLY F 51 23.39 0.54 -29.80
CA GLY F 51 23.98 0.90 -28.53
C GLY F 51 23.84 2.39 -28.26
N TRP F 52 24.41 2.78 -27.12
CA TRP F 52 24.26 4.13 -26.59
C TRP F 52 25.58 4.58 -26.01
N ILE F 53 25.84 5.87 -26.11
CA ILE F 53 27.04 6.48 -25.55
C ILE F 53 26.65 7.76 -24.81
N SER F 54 27.23 7.94 -23.64
CA SER F 54 27.02 9.14 -22.87
C SER F 54 27.78 10.31 -23.48
N GLY F 55 27.12 11.47 -23.52
CA GLY F 55 27.81 12.69 -23.91
C GLY F 55 28.64 13.33 -22.83
N TYR F 56 28.53 12.85 -21.60
CA TYR F 56 29.26 13.44 -20.48
C TYR F 56 30.61 12.77 -20.24
N ASN F 57 30.65 11.43 -20.15
CA ASN F 57 31.88 10.72 -19.85
C ASN F 57 32.23 9.62 -20.84
N GLY F 58 31.48 9.45 -21.92
CA GLY F 58 31.80 8.47 -22.92
C GLY F 58 31.50 7.03 -22.56
N ASN F 59 30.81 6.78 -21.45
CA ASN F 59 30.40 5.42 -21.13
C ASN F 59 29.41 4.90 -22.16
N THR F 60 29.48 3.60 -22.43
CA THR F 60 28.73 3.00 -23.51
C THR F 60 27.90 1.83 -23.01
N LYS F 61 26.84 1.55 -23.74
CA LYS F 61 26.05 0.32 -23.58
C LYS F 61 25.73 -0.19 -24.97
N TYR F 62 26.19 -1.40 -25.29
CA TYR F 62 26.06 -1.98 -26.61
C TYR F 62 25.04 -3.11 -26.61
N ALA F 63 24.42 -3.33 -27.76
CA ALA F 63 23.61 -4.52 -27.96
C ALA F 63 24.53 -5.73 -28.03
N GLN F 64 24.17 -6.80 -27.32
CA GLN F 64 25.03 -7.97 -27.25
C GLN F 64 25.31 -8.55 -28.63
N LYS F 65 24.41 -8.38 -29.58
CA LYS F 65 24.65 -8.91 -30.93
C LYS F 65 25.94 -8.33 -31.52
N LEU F 66 26.16 -7.03 -31.36
CA LEU F 66 27.29 -6.34 -31.95
C LEU F 66 28.48 -6.20 -31.02
N GLN F 67 28.37 -6.67 -29.78
CA GLN F 67 29.47 -6.50 -28.82
C GLN F 67 30.75 -7.10 -29.39
N GLY F 68 31.85 -6.35 -29.27
CA GLY F 68 33.07 -6.75 -29.91
C GLY F 68 33.29 -6.06 -31.23
N ARG F 69 32.22 -5.92 -32.03
CA ARG F 69 32.38 -5.36 -33.36
C ARG F 69 32.19 -3.85 -33.39
N VAL F 70 31.45 -3.29 -32.44
CA VAL F 70 31.07 -1.88 -32.47
C VAL F 70 31.80 -1.15 -31.36
N THR F 71 32.33 0.03 -31.69
CA THR F 71 32.99 0.93 -30.75
C THR F 71 32.43 2.33 -30.97
N MET F 72 31.93 2.95 -29.90
CA MET F 72 31.38 4.29 -29.96
C MET F 72 32.25 5.25 -29.16
N THR F 73 32.49 6.43 -29.72
CA THR F 73 33.31 7.43 -29.07
C THR F 73 32.68 8.80 -29.29
N THR F 74 33.12 9.76 -28.49
CA THR F 74 32.62 11.13 -28.59
C THR F 74 33.81 12.10 -28.60
N ASP F 75 33.55 13.30 -29.14
CA ASP F 75 34.49 14.41 -29.11
C ASP F 75 33.72 15.58 -28.52
N THR F 76 33.89 15.81 -27.21
CA THR F 76 33.10 16.81 -26.51
C THR F 76 33.34 18.21 -27.04
N SER F 77 34.60 18.51 -27.40
CA SER F 77 34.91 19.85 -27.88
C SER F 77 34.17 20.16 -29.19
N THR F 78 33.88 19.15 -30.01
CA THR F 78 33.21 19.35 -31.29
C THR F 78 31.81 18.79 -31.32
N SER F 79 31.30 18.29 -30.20
CA SER F 79 29.93 17.76 -30.13
C SER F 79 29.68 16.73 -31.22
N THR F 80 30.64 15.82 -31.41
CA THR F 80 30.58 14.82 -32.47
C THR F 80 30.62 13.44 -31.85
N ALA F 81 29.73 12.56 -32.31
CA ALA F 81 29.71 11.16 -31.90
C ALA F 81 30.15 10.29 -33.07
N TYR F 82 30.89 9.23 -32.76
CA TYR F 82 31.45 8.34 -33.78
C TYR F 82 31.05 6.90 -33.49
N MET F 83 30.79 6.14 -34.54
CA MET F 83 30.49 4.71 -34.45
C MET F 83 31.34 3.97 -35.45
N GLU F 84 32.18 3.05 -34.97
CA GLU F 84 33.00 2.20 -35.81
C GLU F 84 32.54 0.76 -35.69
N LEU F 85 32.25 0.13 -36.83
CA LEU F 85 31.85 -1.26 -36.91
C LEU F 85 32.98 -2.05 -37.58
N ARG F 86 33.37 -3.16 -36.94
CA ARG F 86 34.47 -3.99 -37.41
C ARG F 86 33.93 -5.27 -38.03
N SER F 87 34.80 -5.95 -38.79
CA SER F 87 34.50 -7.24 -39.41
C SER F 87 33.15 -7.20 -40.14
N LEU F 88 33.05 -6.30 -41.11
CA LEU F 88 31.81 -6.09 -41.82
C LEU F 88 31.40 -7.34 -42.59
N ARG F 89 30.15 -7.74 -42.45
CA ARG F 89 29.55 -8.82 -43.23
C ARG F 89 28.54 -8.24 -44.21
N SER F 90 28.12 -9.08 -45.17
CA SER F 90 27.17 -8.62 -46.17
C SER F 90 25.86 -8.16 -45.55
N ASP F 91 25.43 -8.79 -44.45
CA ASP F 91 24.19 -8.42 -43.79
C ASP F 91 24.33 -7.16 -42.94
N ASP F 92 25.51 -6.55 -42.89
CA ASP F 92 25.67 -5.25 -42.25
C ASP F 92 25.29 -4.10 -43.18
N THR F 93 24.97 -4.38 -44.44
CA THR F 93 24.50 -3.34 -45.34
C THR F 93 23.21 -2.73 -44.77
N ALA F 94 23.23 -1.43 -44.50
CA ALA F 94 22.10 -0.77 -43.87
C ALA F 94 22.33 0.73 -43.87
N VAL F 95 21.27 1.46 -43.58
CA VAL F 95 21.37 2.88 -43.27
C VAL F 95 21.60 3.00 -41.77
N TYR F 96 22.67 3.69 -41.39
CA TYR F 96 23.04 3.84 -39.99
C TYR F 96 22.60 5.22 -39.51
N TYR F 97 21.84 5.23 -38.42
CA TYR F 97 21.28 6.44 -37.87
C TYR F 97 21.88 6.72 -36.51
N CYS F 98 22.14 8.00 -36.23
CA CYS F 98 22.33 8.46 -34.87
C CYS F 98 21.06 9.20 -34.42
N ALA F 99 20.72 9.06 -33.14
CA ALA F 99 19.55 9.71 -32.56
C ALA F 99 19.98 10.26 -31.20
N ARG F 100 19.46 11.42 -30.85
CA ARG F 100 19.75 11.97 -29.52
C ARG F 100 19.02 11.16 -28.45
N ASP F 101 19.73 10.84 -27.39
CA ASP F 101 19.22 10.08 -26.25
C ASP F 101 19.45 10.90 -24.98
N LYS F 102 18.96 10.38 -23.86
CA LYS F 102 19.11 11.05 -22.58
C LYS F 102 20.44 10.65 -21.95
N TYR F 103 20.75 11.24 -20.80
CA TYR F 103 22.02 10.98 -20.12
C TYR F 103 22.10 9.55 -19.58
N ILE F 104 21.01 8.81 -19.56
CA ILE F 104 21.02 7.36 -19.35
C ILE F 104 20.21 6.74 -20.49
N PRO F 105 20.51 5.53 -20.93
CA PRO F 105 19.66 4.85 -21.92
C PRO F 105 18.40 4.28 -21.26
N VAL F 106 17.48 3.83 -22.10
CA VAL F 106 16.29 3.12 -21.66
C VAL F 106 15.45 4.00 -20.74
N ALA F 107 15.23 5.25 -21.14
CA ALA F 107 14.41 6.16 -20.35
C ALA F 107 13.40 6.92 -21.19
N ASP F 108 13.70 7.14 -22.46
CA ASP F 108 12.83 7.91 -23.33
C ASP F 108 13.02 7.44 -24.77
N PRO F 109 12.08 7.76 -25.65
CA PRO F 109 12.25 7.42 -27.08
C PRO F 109 13.09 8.44 -27.83
N PHE F 110 13.19 8.28 -29.15
CA PHE F 110 14.07 9.08 -30.00
C PHE F 110 13.26 10.11 -30.76
N ASP F 111 13.45 11.39 -30.42
CA ASP F 111 12.76 12.49 -31.09
C ASP F 111 13.60 13.17 -32.15
N TYR F 112 14.92 13.14 -32.04
CA TYR F 112 15.82 13.82 -32.96
C TYR F 112 16.73 12.80 -33.61
N TRP F 113 16.76 12.81 -34.95
CA TRP F 113 17.52 11.83 -35.71
C TRP F 113 18.42 12.51 -36.72
N GLY F 114 19.53 11.86 -37.01
CA GLY F 114 20.33 12.23 -38.16
C GLY F 114 19.68 11.79 -39.45
N GLN F 115 20.24 12.28 -40.57
CA GLN F 115 19.69 11.98 -41.88
C GLN F 115 20.01 10.57 -42.36
N GLY F 116 20.89 9.86 -41.68
CA GLY F 116 21.25 8.51 -42.06
C GLY F 116 22.49 8.46 -42.95
N THR F 117 23.27 7.40 -42.77
CA THR F 117 24.45 7.13 -43.56
C THR F 117 24.31 5.73 -44.14
N LEU F 118 24.30 5.62 -45.46
CA LEU F 118 24.23 4.32 -46.10
C LEU F 118 25.60 3.68 -46.11
N VAL F 119 25.68 2.45 -45.59
CA VAL F 119 26.89 1.65 -45.61
C VAL F 119 26.59 0.36 -46.37
N THR F 120 27.23 0.18 -47.51
CA THR F 120 27.02 -0.99 -48.34
C THR F 120 28.25 -1.89 -48.28
N VAL F 121 28.04 -3.16 -47.92
CA VAL F 121 29.09 -4.17 -47.88
C VAL F 121 28.83 -5.14 -49.02
N SER F 122 29.79 -5.26 -49.92
CA SER F 122 29.67 -6.16 -51.07
C SER F 122 30.01 -7.60 -50.69
N ASP F 144 15.47 -10.45 -24.24
CA ASP F 144 15.12 -9.37 -25.16
C ASP F 144 13.62 -9.31 -25.38
N ILE F 145 13.04 -8.13 -25.27
CA ILE F 145 11.60 -7.97 -25.49
C ILE F 145 11.34 -7.93 -26.98
N VAL F 146 10.44 -8.80 -27.44
CA VAL F 146 10.09 -8.92 -28.85
C VAL F 146 8.84 -8.11 -29.11
N MET F 147 8.88 -7.29 -30.15
CA MET F 147 7.76 -6.44 -30.54
C MET F 147 7.19 -6.98 -31.84
N THR F 148 5.89 -7.24 -31.85
CA THR F 148 5.22 -7.81 -33.01
C THR F 148 4.05 -6.91 -33.42
N GLN F 149 4.09 -6.42 -34.66
CA GLN F 149 3.03 -5.61 -35.23
C GLN F 149 2.13 -6.48 -36.09
N SER F 150 0.81 -6.35 -35.90
CA SER F 150 -0.09 -7.37 -36.43
C SER F 150 -0.14 -7.35 -37.95
N PRO F 151 -0.62 -6.28 -38.62
CA PRO F 151 -0.60 -6.33 -40.09
C PRO F 151 0.74 -5.82 -40.63
N ASP F 152 1.40 -6.60 -41.49
CA ASP F 152 2.62 -6.08 -42.11
C ASP F 152 2.32 -4.99 -43.13
N SER F 153 1.21 -5.13 -43.86
CA SER F 153 0.80 -4.14 -44.86
C SER F 153 -0.70 -3.89 -44.76
N LEU F 154 -1.11 -2.66 -45.05
CA LEU F 154 -2.50 -2.24 -44.94
C LEU F 154 -2.78 -1.17 -45.99
N ALA F 155 -3.90 -1.30 -46.69
CA ALA F 155 -4.38 -0.28 -47.62
C ALA F 155 -5.76 0.21 -47.16
N VAL F 156 -5.90 1.53 -47.01
CA VAL F 156 -7.14 2.13 -46.54
C VAL F 156 -7.50 3.30 -47.44
N SER F 157 -8.78 3.65 -47.46
CA SER F 157 -9.26 4.76 -48.28
C SER F 157 -9.10 6.08 -47.54
N LEU F 158 -8.96 7.15 -48.33
CA LEU F 158 -8.86 8.49 -47.77
C LEU F 158 -10.07 8.81 -46.90
N GLY F 159 -9.83 9.39 -45.73
CA GLY F 159 -10.91 9.77 -44.84
C GLY F 159 -11.39 8.71 -43.89
N GLU F 160 -10.83 7.51 -43.96
CA GLU F 160 -11.26 6.38 -43.15
C GLU F 160 -10.21 6.03 -42.09
N ARG F 161 -10.62 5.17 -41.14
CA ARG F 161 -9.77 4.78 -40.03
C ARG F 161 -8.83 3.65 -40.43
N ALA F 162 -7.59 3.74 -39.97
CA ALA F 162 -6.61 2.66 -40.08
C ALA F 162 -6.14 2.27 -38.68
N THR F 163 -6.03 0.97 -38.42
CA THR F 163 -5.64 0.43 -37.12
C THR F 163 -4.40 -0.43 -37.27
N ILE F 164 -3.41 -0.19 -36.41
CA ILE F 164 -2.18 -0.98 -36.37
C ILE F 164 -1.96 -1.44 -34.93
N ASN F 165 -1.71 -2.73 -34.74
CA ASN F 165 -1.53 -3.30 -33.42
C ASN F 165 -0.06 -3.64 -33.17
N CYS F 166 0.33 -3.58 -31.90
CA CYS F 166 1.69 -3.90 -31.47
C CYS F 166 1.62 -4.71 -30.19
N LYS F 167 2.20 -5.90 -30.21
CA LYS F 167 2.21 -6.81 -29.07
C LYS F 167 3.64 -6.98 -28.60
N SER F 168 3.86 -6.80 -27.30
CA SER F 168 5.16 -7.06 -26.68
C SER F 168 5.16 -8.39 -25.97
N SER F 169 6.30 -9.09 -26.04
CA SER F 169 6.42 -10.40 -25.41
C SER F 169 6.37 -10.34 -23.88
N GLN F 170 6.55 -9.16 -23.28
CA GLN F 170 6.36 -9.00 -21.86
C GLN F 170 5.87 -7.57 -21.58
N SER F 171 5.31 -7.37 -20.39
CA SER F 171 4.71 -6.08 -20.07
C SER F 171 5.75 -4.98 -20.07
N VAL F 172 5.38 -3.82 -20.64
CA VAL F 172 6.21 -2.63 -20.63
C VAL F 172 5.61 -1.54 -19.75
N LEU F 173 4.69 -1.91 -18.86
CA LEU F 173 4.09 -0.97 -17.92
C LEU F 173 4.97 -0.88 -16.67
N TYR F 174 5.47 0.32 -16.38
CA TYR F 174 6.29 0.55 -15.21
C TYR F 174 5.37 0.83 -14.02
N SER F 175 5.47 0.00 -12.98
CA SER F 175 4.57 0.10 -11.85
C SER F 175 4.80 1.37 -11.03
N SER F 176 6.01 1.92 -11.04
CA SER F 176 6.29 3.07 -10.20
C SER F 176 5.67 4.35 -10.72
N ASN F 177 5.29 4.41 -12.00
CA ASN F 177 4.64 5.60 -12.54
C ASN F 177 3.44 5.29 -13.44
N ASN F 178 3.04 4.02 -13.55
CA ASN F 178 1.85 3.64 -14.31
C ASN F 178 1.90 4.17 -15.75
N LYS F 179 3.09 4.12 -16.34
CA LYS F 179 3.29 4.54 -17.72
C LYS F 179 3.85 3.37 -18.51
N ASN F 180 3.32 3.19 -19.72
CA ASN F 180 3.82 2.17 -20.64
C ASN F 180 4.97 2.76 -21.45
N TYR F 181 6.11 2.09 -21.43
CA TYR F 181 7.31 2.59 -22.10
C TYR F 181 7.31 2.12 -23.56
N LEU F 182 6.37 2.69 -24.31
CA LEU F 182 6.10 2.33 -25.69
C LEU F 182 5.92 3.58 -26.52
N ALA F 183 6.53 3.60 -27.71
CA ALA F 183 6.49 4.73 -28.61
C ALA F 183 6.08 4.27 -30.00
N TRP F 184 5.55 5.19 -30.79
CA TRP F 184 5.18 4.95 -32.18
C TRP F 184 5.92 5.90 -33.11
N TYR F 185 6.40 5.36 -34.24
CA TYR F 185 7.16 6.14 -35.21
C TYR F 185 6.52 6.03 -36.60
N GLN F 186 6.70 7.09 -37.38
CA GLN F 186 6.28 7.16 -38.78
C GLN F 186 7.55 7.41 -39.60
N GLN F 187 7.80 6.57 -40.59
CA GLN F 187 8.99 6.70 -41.43
C GLN F 187 8.60 6.82 -42.90
N LYS F 188 9.02 7.93 -43.53
CA LYS F 188 8.88 8.15 -44.96
C LYS F 188 10.13 7.71 -45.69
N PRO F 189 10.03 7.41 -46.99
CA PRO F 189 11.20 6.93 -47.74
C PRO F 189 12.37 7.89 -47.63
N GLY F 190 13.57 7.34 -47.38
CA GLY F 190 14.76 8.15 -47.38
C GLY F 190 14.93 9.01 -46.17
N GLN F 191 14.04 8.89 -45.18
CA GLN F 191 14.02 9.73 -44.01
C GLN F 191 14.19 8.89 -42.75
N PRO F 192 14.73 9.45 -41.68
CA PRO F 192 14.70 8.75 -40.39
C PRO F 192 13.28 8.66 -39.88
N PRO F 193 13.01 7.72 -38.96
CA PRO F 193 11.71 7.68 -38.30
C PRO F 193 11.40 8.99 -37.58
N LYS F 194 10.14 9.37 -37.60
CA LYS F 194 9.62 10.52 -36.88
C LYS F 194 8.80 10.04 -35.70
N LEU F 195 9.11 10.56 -34.51
CA LEU F 195 8.36 10.18 -33.30
C LEU F 195 6.98 10.81 -33.31
N LEU F 196 5.96 9.98 -33.16
CA LEU F 196 4.57 10.43 -33.08
C LEU F 196 4.03 10.40 -31.66
N ILE F 197 4.16 9.26 -30.99
CA ILE F 197 3.55 9.02 -29.68
C ILE F 197 4.58 8.39 -28.75
N TYR F 198 4.60 8.86 -27.50
CA TYR F 198 5.35 8.25 -26.42
C TYR F 198 4.39 8.06 -25.25
N TRP F 199 4.84 7.28 -24.27
CA TRP F 199 3.95 6.80 -23.20
C TRP F 199 2.72 6.10 -23.76
N ALA F 200 2.83 5.61 -24.99
CA ALA F 200 1.82 4.80 -25.67
C ALA F 200 0.56 5.58 -26.08
N SER F 201 0.36 6.78 -25.53
CA SER F 201 -0.79 7.57 -25.95
C SER F 201 -0.57 9.07 -25.98
N THR F 202 0.63 9.57 -25.69
CA THR F 202 0.88 11.01 -25.65
C THR F 202 1.51 11.43 -26.97
N ARG F 203 0.88 12.39 -27.66
CA ARG F 203 1.42 12.88 -28.91
C ARG F 203 2.58 13.85 -28.69
N GLU F 204 3.60 13.73 -29.53
CA GLU F 204 4.64 14.74 -29.63
C GLU F 204 4.06 16.02 -30.22
N SER F 205 4.69 17.14 -29.92
CA SER F 205 4.19 18.42 -30.39
C SER F 205 4.09 18.41 -31.91
N GLY F 206 2.99 18.96 -32.41
CA GLY F 206 2.76 19.08 -33.82
C GLY F 206 2.10 17.87 -34.45
N VAL F 207 1.98 16.78 -33.73
CA VAL F 207 1.40 15.56 -34.28
C VAL F 207 -0.11 15.72 -34.36
N PRO F 208 -0.72 15.49 -35.52
CA PRO F 208 -2.17 15.72 -35.65
C PRO F 208 -2.97 14.86 -34.69
N ASP F 209 -4.19 15.33 -34.42
CA ASP F 209 -5.06 14.64 -33.47
C ASP F 209 -5.61 13.32 -34.01
N ARG F 210 -5.61 13.14 -35.32
CA ARG F 210 -6.11 11.89 -35.88
C ARG F 210 -5.21 10.69 -35.55
N PHE F 211 -3.98 10.94 -35.09
CA PHE F 211 -3.12 9.88 -34.57
C PHE F 211 -3.41 9.68 -33.09
N SER F 212 -3.92 8.51 -32.74
CA SER F 212 -4.26 8.16 -31.36
C SER F 212 -3.56 6.87 -30.99
N GLY F 213 -2.99 6.84 -29.79
CA GLY F 213 -2.38 5.64 -29.25
C GLY F 213 -3.18 5.14 -28.07
N SER F 214 -3.29 3.82 -27.95
CA SER F 214 -4.07 3.22 -26.88
C SER F 214 -3.44 1.89 -26.48
N GLY F 215 -3.88 1.38 -25.34
CA GLY F 215 -3.44 0.09 -24.85
C GLY F 215 -2.53 0.24 -23.63
N SER F 216 -2.31 -0.91 -22.98
CA SER F 216 -1.49 -0.95 -21.78
C SER F 216 -0.98 -2.37 -21.60
N GLY F 217 0.16 -2.49 -20.95
CA GLY F 217 0.73 -3.79 -20.66
C GLY F 217 1.51 -4.36 -21.82
N THR F 218 0.88 -5.25 -22.57
CA THR F 218 1.51 -5.92 -23.70
C THR F 218 0.83 -5.64 -25.02
N ASP F 219 -0.40 -5.15 -25.03
CA ASP F 219 -1.19 -4.97 -26.25
C ASP F 219 -1.43 -3.47 -26.47
N PHE F 220 -0.98 -2.98 -27.62
CA PHE F 220 -1.05 -1.55 -27.94
C PHE F 220 -1.55 -1.38 -29.36
N THR F 221 -2.14 -0.23 -29.61
CA THR F 221 -2.77 0.06 -30.89
C THR F 221 -2.48 1.49 -31.31
N LEU F 222 -2.19 1.66 -32.59
CA LEU F 222 -2.09 2.99 -33.20
C LEU F 222 -3.27 3.13 -34.15
N THR F 223 -4.07 4.18 -33.96
CA THR F 223 -5.24 4.43 -34.77
C THR F 223 -5.07 5.75 -35.49
N ILE F 224 -5.33 5.74 -36.79
CA ILE F 224 -5.24 6.93 -37.64
C ILE F 224 -6.63 7.15 -38.21
N SER F 225 -7.35 8.14 -37.67
CA SER F 225 -8.65 8.53 -38.18
C SER F 225 -8.51 9.48 -39.35
N SER F 226 -9.54 9.55 -40.18
CA SER F 226 -9.59 10.46 -41.33
C SER F 226 -8.24 10.48 -42.06
N LEU F 227 -7.88 9.31 -42.57
CA LEU F 227 -6.58 9.16 -43.21
C LEU F 227 -6.41 10.18 -44.33
N GLN F 228 -5.21 10.72 -44.45
CA GLN F 228 -4.85 11.66 -45.49
C GLN F 228 -3.67 11.12 -46.31
N ALA F 229 -3.44 11.77 -47.45
CA ALA F 229 -2.41 11.30 -48.37
C ALA F 229 -1.02 11.33 -47.71
N GLU F 230 -0.75 12.34 -46.88
CA GLU F 230 0.56 12.45 -46.25
C GLU F 230 0.83 11.33 -45.26
N ASP F 231 -0.18 10.55 -44.86
CA ASP F 231 0.02 9.50 -43.87
C ASP F 231 0.56 8.21 -44.46
N VAL F 232 0.69 8.11 -45.78
CA VAL F 232 1.26 6.91 -46.38
C VAL F 232 2.70 6.76 -45.93
N ALA F 233 2.99 5.67 -45.24
CA ALA F 233 4.30 5.47 -44.66
C ALA F 233 4.40 4.11 -44.01
N VAL F 234 5.57 3.81 -43.43
CA VAL F 234 5.77 2.63 -42.59
C VAL F 234 5.76 3.09 -41.14
N TYR F 235 5.04 2.36 -40.30
CA TYR F 235 4.88 2.72 -38.89
C TYR F 235 5.53 1.63 -38.03
N TYR F 236 6.30 2.05 -37.03
CA TYR F 236 6.94 1.14 -36.10
C TYR F 236 6.52 1.48 -34.68
N CYS F 237 6.37 0.46 -33.84
CA CYS F 237 6.33 0.63 -32.40
C CYS F 237 7.71 0.34 -31.84
N GLN F 238 7.94 0.82 -30.63
CA GLN F 238 9.22 0.65 -29.95
C GLN F 238 9.00 0.64 -28.45
N GLN F 239 9.65 -0.30 -27.77
CA GLN F 239 9.69 -0.32 -26.31
C GLN F 239 11.02 0.26 -25.85
N TYR F 240 10.97 1.12 -24.85
CA TYR F 240 12.17 1.61 -24.17
C TYR F 240 12.07 1.26 -22.68
N TYR F 241 11.62 0.03 -22.40
CA TYR F 241 11.43 -0.48 -21.06
C TYR F 241 12.66 -1.21 -20.54
N SER F 242 13.32 -1.99 -21.38
CA SER F 242 14.47 -2.77 -20.96
C SER F 242 15.43 -2.92 -22.12
N ALA F 243 16.73 -2.84 -21.83
CA ALA F 243 17.73 -3.05 -22.86
C ALA F 243 17.79 -4.53 -23.25
N PRO F 244 18.06 -4.84 -24.53
CA PRO F 244 18.27 -3.85 -25.61
C PRO F 244 16.95 -3.23 -26.07
N ILE F 245 17.02 -1.99 -26.56
CA ILE F 245 15.89 -1.36 -27.21
C ILE F 245 15.47 -2.18 -28.42
N THR F 246 14.17 -2.42 -28.58
CA THR F 246 13.67 -3.24 -29.67
C THR F 246 12.49 -2.60 -30.36
N PHE F 247 12.44 -2.74 -31.68
CA PHE F 247 11.38 -2.19 -32.50
C PHE F 247 10.54 -3.33 -33.08
N GLY F 248 9.29 -3.02 -33.39
CA GLY F 248 8.50 -3.89 -34.23
C GLY F 248 9.09 -3.95 -35.62
N GLN F 249 8.56 -4.87 -36.42
CA GLN F 249 9.09 -5.07 -37.76
C GLN F 249 8.58 -4.06 -38.78
N GLY F 250 7.53 -3.31 -38.45
CA GLY F 250 7.02 -2.30 -39.37
C GLY F 250 5.73 -2.71 -40.05
N THR F 251 4.84 -1.73 -40.24
CA THR F 251 3.56 -1.92 -40.91
C THR F 251 3.46 -0.91 -42.04
N ARG F 252 3.51 -1.38 -43.29
CA ARG F 252 3.38 -0.48 -44.42
C ARG F 252 1.93 -0.08 -44.60
N LEU F 253 1.67 1.23 -44.64
CA LEU F 253 0.32 1.76 -44.81
C LEU F 253 0.25 2.49 -46.15
N GLU F 254 -0.64 2.05 -47.03
CA GLU F 254 -0.89 2.70 -48.31
C GLU F 254 -2.36 3.13 -48.35
N ILE F 255 -2.71 3.83 -49.41
CA ILE F 255 -4.07 4.36 -49.60
C ILE F 255 -4.81 3.54 -50.64
N LYS F 256 -6.13 3.57 -50.54
CA LYS F 256 -7.02 2.84 -51.43
C LYS F 256 -8.05 3.77 -52.08
N GLN G 3 -49.13 28.82 -29.27
CA GLN G 3 -48.38 29.87 -30.03
C GLN G 3 -46.96 29.42 -30.34
N VAL G 4 -46.74 28.10 -30.40
CA VAL G 4 -45.41 27.58 -30.65
C VAL G 4 -44.89 28.10 -31.97
N GLN G 5 -43.67 28.63 -31.96
CA GLN G 5 -43.04 29.14 -33.17
C GLN G 5 -41.53 28.87 -33.12
N LEU G 6 -40.97 28.54 -34.28
CA LEU G 6 -39.52 28.37 -34.43
C LEU G 6 -39.12 29.14 -35.67
N VAL G 7 -38.29 30.16 -35.49
CA VAL G 7 -37.89 31.06 -36.56
C VAL G 7 -36.38 30.93 -36.73
N GLN G 8 -35.97 30.59 -37.95
CA GLN G 8 -34.58 30.30 -38.26
C GLN G 8 -33.96 31.43 -39.08
N SER G 9 -32.62 31.47 -39.09
CA SER G 9 -31.87 32.44 -39.84
C SER G 9 -31.94 32.15 -41.34
N GLY G 10 -31.54 33.13 -42.15
CA GLY G 10 -31.71 33.04 -43.58
C GLY G 10 -30.71 32.12 -44.28
N ALA G 11 -31.01 31.86 -45.56
CA ALA G 11 -30.18 30.96 -46.36
C ALA G 11 -28.80 31.56 -46.59
N GLU G 12 -27.81 30.67 -46.69
CA GLU G 12 -26.43 31.08 -46.89
C GLU G 12 -25.77 30.20 -47.94
N VAL G 13 -24.87 30.81 -48.70
CA VAL G 13 -24.00 30.11 -49.64
C VAL G 13 -22.58 30.16 -49.10
N LYS G 14 -21.93 29.00 -49.09
CA LYS G 14 -20.62 28.84 -48.49
C LYS G 14 -19.68 28.13 -49.45
N LYS G 15 -18.40 28.53 -49.42
CA LYS G 15 -17.39 27.83 -50.17
C LYS G 15 -17.06 26.51 -49.48
N PRO G 16 -16.64 25.50 -50.23
CA PRO G 16 -16.22 24.25 -49.58
C PRO G 16 -15.13 24.51 -48.56
N GLY G 17 -15.21 23.81 -47.43
CA GLY G 17 -14.23 23.93 -46.38
C GLY G 17 -14.55 24.95 -45.31
N ALA G 18 -15.57 25.78 -45.51
CA ALA G 18 -15.95 26.77 -44.52
C ALA G 18 -16.97 26.19 -43.53
N SER G 19 -17.38 27.01 -42.57
CA SER G 19 -18.36 26.65 -41.56
C SER G 19 -19.58 27.54 -41.66
N VAL G 20 -20.68 27.07 -41.07
CA VAL G 20 -21.96 27.76 -41.08
C VAL G 20 -22.61 27.58 -39.72
N LYS G 21 -23.25 28.63 -39.21
CA LYS G 21 -23.99 28.57 -37.95
C LYS G 21 -25.43 29.03 -38.21
N VAL G 22 -26.39 28.10 -38.04
CA VAL G 22 -27.81 28.37 -38.18
C VAL G 22 -28.42 28.58 -36.80
N SER G 23 -29.32 29.55 -36.70
CA SER G 23 -30.00 29.85 -35.45
C SER G 23 -31.46 29.46 -35.52
N CYS G 24 -32.04 29.20 -34.35
CA CYS G 24 -33.42 28.78 -34.22
C CYS G 24 -33.98 29.45 -32.98
N LYS G 25 -34.84 30.45 -33.18
CA LYS G 25 -35.44 31.22 -32.09
C LYS G 25 -36.79 30.63 -31.74
N ALA G 26 -36.96 30.19 -30.50
CA ALA G 26 -38.20 29.57 -30.05
C ALA G 26 -39.01 30.57 -29.23
N SER G 27 -40.33 30.44 -29.32
CA SER G 27 -41.25 31.28 -28.57
C SER G 27 -42.58 30.56 -28.46
N GLY G 28 -43.37 30.98 -27.48
CA GLY G 28 -44.68 30.42 -27.25
C GLY G 28 -44.72 29.24 -26.29
N TYR G 29 -43.60 28.90 -25.66
CA TYR G 29 -43.57 27.78 -24.71
C TYR G 29 -42.37 27.95 -23.79
N THR G 30 -42.32 27.11 -22.77
CA THR G 30 -41.23 27.15 -21.79
C THR G 30 -40.02 26.44 -22.37
N PHE G 31 -39.01 27.21 -22.77
CA PHE G 31 -37.87 26.67 -23.51
C PHE G 31 -37.16 25.58 -22.72
N THR G 32 -37.03 25.75 -21.41
CA THR G 32 -36.24 24.87 -20.58
C THR G 32 -36.93 23.55 -20.28
N SER G 33 -38.18 23.38 -20.67
CA SER G 33 -38.89 22.14 -20.47
C SER G 33 -38.79 21.21 -21.66
N TYR G 34 -38.11 21.63 -22.73
CA TYR G 34 -38.08 20.87 -23.96
C TYR G 34 -36.65 20.84 -24.48
N GLY G 35 -36.51 20.36 -25.72
CA GLY G 35 -35.23 20.36 -26.41
C GLY G 35 -35.42 20.71 -27.86
N ILE G 36 -34.30 20.71 -28.59
CA ILE G 36 -34.29 21.00 -30.01
C ILE G 36 -33.59 19.85 -30.72
N SER G 37 -34.21 19.33 -31.75
CA SER G 37 -33.56 18.39 -32.66
C SER G 37 -33.37 19.06 -34.00
N TRP G 38 -32.25 18.76 -34.65
CA TRP G 38 -31.92 19.31 -35.95
C TRP G 38 -32.01 18.21 -36.99
N VAL G 39 -32.68 18.51 -38.10
CA VAL G 39 -32.86 17.58 -39.21
C VAL G 39 -32.52 18.33 -40.49
N ARG G 40 -31.79 17.68 -41.37
CA ARG G 40 -31.42 18.31 -42.62
C ARG G 40 -31.99 17.52 -43.79
N GLN G 41 -32.15 18.21 -44.92
CA GLN G 41 -32.78 17.64 -46.10
C GLN G 41 -32.03 18.11 -47.34
N ALA G 42 -31.31 17.21 -47.98
CA ALA G 42 -30.66 17.55 -49.24
C ALA G 42 -31.70 17.78 -50.33
N PRO G 43 -31.38 18.63 -51.33
CA PRO G 43 -32.36 18.92 -52.39
C PRO G 43 -32.99 17.71 -53.05
N GLY G 44 -34.32 17.63 -52.99
CA GLY G 44 -35.01 16.54 -53.62
C GLY G 44 -34.74 15.19 -53.03
N GLN G 45 -34.24 15.15 -51.79
CA GLN G 45 -33.83 13.92 -51.12
C GLN G 45 -34.47 13.82 -49.75
N GLY G 46 -34.04 12.82 -48.97
CA GLY G 46 -34.65 12.50 -47.69
C GLY G 46 -34.17 13.34 -46.52
N LEU G 47 -34.57 12.89 -45.33
CA LEU G 47 -34.30 13.59 -44.07
C LEU G 47 -33.29 12.82 -43.22
N GLU G 48 -32.32 13.57 -42.67
CA GLU G 48 -31.29 13.00 -41.82
C GLU G 48 -31.25 13.74 -40.48
N TRP G 49 -31.25 12.97 -39.39
CA TRP G 49 -31.20 13.55 -38.05
C TRP G 49 -29.75 13.86 -37.68
N MET G 50 -29.51 15.10 -37.26
CA MET G 50 -28.17 15.57 -36.93
C MET G 50 -27.84 15.49 -35.44
N GLY G 51 -28.83 15.65 -34.57
CA GLY G 51 -28.58 15.62 -33.15
C GLY G 51 -29.69 16.31 -32.38
N TRP G 52 -29.48 16.36 -31.07
CA TRP G 52 -30.46 16.86 -30.11
C TRP G 52 -29.71 17.60 -29.02
N ILE G 53 -30.32 18.66 -28.49
CA ILE G 53 -29.75 19.42 -27.40
C ILE G 53 -30.84 19.72 -26.37
N SER G 54 -30.48 19.58 -25.10
CA SER G 54 -31.41 19.87 -24.01
C SER G 54 -31.62 21.36 -23.84
N GLY G 55 -32.86 21.75 -23.63
CA GLY G 55 -33.19 23.11 -23.28
C GLY G 55 -32.97 23.45 -21.83
N TYR G 56 -32.70 22.45 -21.00
CA TYR G 56 -32.50 22.66 -19.58
C TYR G 56 -31.03 22.86 -19.22
N ASN G 57 -30.15 21.95 -19.69
CA ASN G 57 -28.74 22.00 -19.31
C ASN G 57 -27.78 22.00 -20.49
N GLY G 58 -28.28 22.03 -21.73
CA GLY G 58 -27.41 22.10 -22.89
C GLY G 58 -26.71 20.80 -23.26
N ASN G 59 -27.08 19.70 -22.62
CA ASN G 59 -26.52 18.41 -23.01
C ASN G 59 -26.94 18.09 -24.43
N THR G 60 -26.06 17.40 -25.15
CA THR G 60 -26.26 17.14 -26.57
C THR G 60 -26.14 15.65 -26.84
N LYS G 61 -26.79 15.23 -27.92
CA LYS G 61 -26.59 13.89 -28.47
C LYS G 61 -26.50 14.05 -29.97
N TYR G 62 -25.37 13.67 -30.53
CA TYR G 62 -25.08 13.87 -31.95
C TYR G 62 -25.17 12.53 -32.67
N ALA G 63 -25.53 12.60 -33.95
CA ALA G 63 -25.43 11.44 -34.82
C ALA G 63 -23.97 11.16 -35.14
N GLN G 64 -23.57 9.90 -35.00
CA GLN G 64 -22.18 9.55 -35.28
C GLN G 64 -21.78 9.92 -36.69
N LYS G 65 -22.75 9.99 -37.61
CA LYS G 65 -22.47 10.34 -39.00
C LYS G 65 -21.77 11.68 -39.09
N LEU G 66 -22.23 12.67 -38.32
CA LEU G 66 -21.70 14.01 -38.34
C LEU G 66 -20.73 14.31 -37.19
N GLN G 67 -20.46 13.34 -36.32
CA GLN G 67 -19.60 13.61 -35.17
C GLN G 67 -18.25 14.17 -35.61
N GLY G 68 -17.82 15.21 -34.90
CA GLY G 68 -16.66 16.01 -35.21
C GLY G 68 -16.99 17.32 -35.90
N ARG G 69 -17.96 17.32 -36.83
CA ARG G 69 -18.23 18.50 -37.64
C ARG G 69 -19.33 19.37 -37.07
N VAL G 70 -20.22 18.83 -36.25
CA VAL G 70 -21.42 19.53 -35.81
C VAL G 70 -21.31 19.91 -34.34
N THR G 71 -21.72 21.13 -34.02
CA THR G 71 -21.79 21.62 -32.64
C THR G 71 -23.15 22.25 -32.41
N MET G 72 -23.83 21.84 -31.36
CA MET G 72 -25.11 22.43 -30.98
C MET G 72 -24.97 23.14 -29.64
N THR G 73 -25.56 24.33 -29.56
CA THR G 73 -25.53 25.14 -28.36
C THR G 73 -26.90 25.78 -28.16
N THR G 74 -27.15 26.28 -26.95
CA THR G 74 -28.37 26.99 -26.64
C THR G 74 -28.03 28.29 -25.92
N ASP G 75 -28.96 29.24 -26.01
CA ASP G 75 -28.92 30.48 -25.25
C ASP G 75 -30.28 30.52 -24.54
N THR G 76 -30.32 30.09 -23.28
CA THR G 76 -31.58 29.99 -22.57
C THR G 76 -32.24 31.35 -22.39
N SER G 77 -31.45 32.40 -22.13
CA SER G 77 -32.04 33.71 -21.91
C SER G 77 -32.79 34.20 -23.15
N THR G 78 -32.37 33.78 -24.34
CA THR G 78 -33.00 34.20 -25.58
C THR G 78 -33.76 33.07 -26.27
N SER G 79 -33.86 31.91 -25.63
CA SER G 79 -34.63 30.79 -26.20
C SER G 79 -34.19 30.48 -27.62
N THR G 80 -32.87 30.48 -27.84
CA THR G 80 -32.30 30.29 -29.16
C THR G 80 -31.36 29.08 -29.14
N ALA G 81 -31.52 28.23 -30.13
CA ALA G 81 -30.65 27.08 -30.33
C ALA G 81 -29.82 27.32 -31.58
N TYR G 82 -28.57 26.84 -31.55
CA TYR G 82 -27.63 27.06 -32.63
C TYR G 82 -27.04 25.74 -33.10
N MET G 83 -26.82 25.64 -34.40
CA MET G 83 -26.16 24.49 -35.00
C MET G 83 -25.03 25.02 -35.88
N GLU G 84 -23.81 24.58 -35.62
CA GLU G 84 -22.67 24.94 -36.44
C GLU G 84 -22.15 23.67 -37.12
N LEU G 85 -22.07 23.70 -38.44
CA LEU G 85 -21.49 22.60 -39.21
C LEU G 85 -20.17 23.09 -39.79
N ARG G 86 -19.12 22.31 -39.58
CA ARG G 86 -17.76 22.66 -40.00
C ARG G 86 -17.32 21.84 -41.20
N SER G 87 -16.28 22.33 -41.86
CA SER G 87 -15.65 21.65 -43.00
C SER G 87 -16.70 21.20 -44.01
N LEU G 88 -17.45 22.18 -44.50
CA LEU G 88 -18.56 21.90 -45.39
C LEU G 88 -18.10 21.25 -46.68
N ARG G 89 -18.79 20.19 -47.07
CA ARG G 89 -18.62 19.51 -48.35
C ARG G 89 -19.82 19.80 -49.24
N SER G 90 -19.68 19.46 -50.52
CA SER G 90 -20.77 19.66 -51.47
C SER G 90 -22.03 18.90 -51.07
N ASP G 91 -21.87 17.71 -50.47
CA ASP G 91 -23.02 16.92 -50.05
C ASP G 91 -23.64 17.42 -48.75
N ASP G 92 -23.11 18.49 -48.16
CA ASP G 92 -23.76 19.14 -47.03
C ASP G 92 -24.81 20.14 -47.45
N THR G 93 -24.97 20.39 -48.76
CA THR G 93 -26.02 21.26 -49.26
C THR G 93 -27.39 20.70 -48.88
N ALA G 94 -28.17 21.47 -48.15
CA ALA G 94 -29.43 20.96 -47.66
C ALA G 94 -30.23 22.10 -47.05
N VAL G 95 -31.51 21.83 -46.80
CA VAL G 95 -32.31 22.67 -45.94
C VAL G 95 -32.14 22.12 -44.53
N TYR G 96 -31.73 22.99 -43.61
CA TYR G 96 -31.50 22.60 -42.23
C TYR G 96 -32.69 23.07 -41.39
N TYR G 97 -33.31 22.12 -40.69
CA TYR G 97 -34.50 22.38 -39.91
C TYR G 97 -34.19 22.22 -38.42
N CYS G 98 -34.79 23.08 -37.61
CA CYS G 98 -34.92 22.83 -36.19
C CYS G 98 -36.34 22.37 -35.90
N ALA G 99 -36.47 21.46 -34.96
CA ALA G 99 -37.76 20.92 -34.56
C ALA G 99 -37.75 20.85 -33.04
N ARG G 100 -38.89 21.19 -32.44
CA ARG G 100 -38.98 21.08 -30.98
C ARG G 100 -39.02 19.61 -30.61
N ASP G 101 -38.25 19.25 -29.60
CA ASP G 101 -38.17 17.88 -29.11
C ASP G 101 -38.49 17.90 -27.62
N LYS G 102 -38.56 16.72 -27.02
CA LYS G 102 -38.86 16.60 -25.61
C LYS G 102 -37.56 16.75 -24.80
N TYR G 103 -37.70 16.75 -23.48
CA TYR G 103 -36.55 16.93 -22.59
C TYR G 103 -35.59 15.75 -22.64
N ILE G 104 -35.99 14.64 -23.26
CA ILE G 104 -35.07 13.58 -23.69
C ILE G 104 -35.36 13.29 -25.16
N PRO G 105 -34.36 12.94 -25.96
CA PRO G 105 -34.63 12.53 -27.34
C PRO G 105 -35.13 11.10 -27.38
N VAL G 106 -35.58 10.69 -28.56
CA VAL G 106 -36.02 9.31 -28.78
C VAL G 106 -37.17 8.98 -27.84
N ALA G 107 -38.17 9.87 -27.77
CA ALA G 107 -39.37 9.57 -26.97
C ALA G 107 -40.65 9.90 -27.74
N ASP G 108 -40.58 10.88 -28.65
CA ASP G 108 -41.75 11.29 -29.40
C ASP G 108 -41.31 11.83 -30.74
N PRO G 109 -42.24 11.93 -31.71
CA PRO G 109 -41.90 12.50 -33.01
C PRO G 109 -41.95 14.03 -32.99
N PHE G 110 -41.83 14.67 -34.15
CA PHE G 110 -41.70 16.11 -34.27
C PHE G 110 -42.99 16.73 -34.78
N ASP G 111 -43.68 17.48 -33.92
CA ASP G 111 -44.89 18.19 -34.30
C ASP G 111 -44.67 19.65 -34.70
N TYR G 112 -43.64 20.31 -34.15
CA TYR G 112 -43.39 21.73 -34.41
C TYR G 112 -42.01 21.88 -35.02
N TRP G 113 -41.96 22.57 -36.17
CA TRP G 113 -40.76 22.71 -36.98
C TRP G 113 -40.46 24.16 -37.28
N GLY G 114 -39.17 24.47 -37.49
CA GLY G 114 -38.80 25.73 -38.08
C GLY G 114 -39.06 25.75 -39.59
N GLN G 115 -38.95 26.93 -40.18
CA GLN G 115 -39.24 27.04 -41.61
C GLN G 115 -38.11 26.49 -42.47
N GLY G 116 -36.96 26.18 -41.87
CA GLY G 116 -35.84 25.64 -42.63
C GLY G 116 -34.89 26.72 -43.10
N THR G 117 -33.61 26.35 -43.17
CA THR G 117 -32.56 27.24 -43.65
C THR G 117 -31.80 26.51 -44.75
N LEU G 118 -31.77 27.09 -45.95
CA LEU G 118 -31.01 26.50 -47.05
C LEU G 118 -29.53 26.87 -46.91
N VAL G 119 -28.67 25.86 -46.94
CA VAL G 119 -27.23 26.05 -46.94
C VAL G 119 -26.69 25.45 -48.23
N THR G 120 -26.14 26.30 -49.10
CA THR G 120 -25.63 25.88 -50.40
C THR G 120 -24.11 25.89 -50.38
N VAL G 121 -23.50 24.77 -50.72
CA VAL G 121 -22.05 24.65 -50.82
C VAL G 121 -21.69 24.52 -52.29
N SER G 122 -20.89 25.45 -52.79
CA SER G 122 -20.49 25.44 -54.20
C SER G 122 -19.34 24.47 -54.45
N ASP G 144 -27.74 0.85 -36.07
CA ASP G 144 -28.70 1.82 -36.57
C ASP G 144 -29.90 1.17 -37.27
N ILE G 145 -31.09 1.65 -36.94
CA ILE G 145 -32.31 1.14 -37.58
C ILE G 145 -32.45 1.79 -38.95
N VAL G 146 -32.60 0.97 -39.99
CA VAL G 146 -32.75 1.44 -41.36
C VAL G 146 -34.23 1.43 -41.72
N MET G 147 -34.72 2.52 -42.28
CA MET G 147 -36.10 2.65 -42.74
C MET G 147 -36.12 2.67 -44.26
N THR G 148 -36.91 1.77 -44.85
CA THR G 148 -37.02 1.63 -46.30
C THR G 148 -38.48 1.79 -46.72
N GLN G 149 -38.75 2.81 -47.53
CA GLN G 149 -40.10 3.06 -48.05
C GLN G 149 -40.20 2.53 -49.47
N SER G 150 -41.32 1.82 -49.76
CA SER G 150 -41.32 0.94 -50.92
C SER G 150 -41.25 1.72 -52.23
N PRO G 151 -42.21 2.51 -52.57
CA PRO G 151 -42.17 3.31 -53.79
C PRO G 151 -41.47 4.63 -53.57
N ASP G 152 -40.38 4.90 -54.32
CA ASP G 152 -39.73 6.20 -54.24
C ASP G 152 -40.61 7.30 -54.84
N SER G 153 -41.36 6.97 -55.89
CA SER G 153 -42.29 7.87 -56.54
C SER G 153 -43.58 7.12 -56.81
N LEU G 154 -44.69 7.84 -56.75
CA LEU G 154 -46.02 7.25 -56.91
C LEU G 154 -46.92 8.24 -57.61
N ALA G 155 -47.61 7.78 -58.65
CA ALA G 155 -48.60 8.56 -59.37
C ALA G 155 -49.95 7.86 -59.24
N VAL G 156 -50.96 8.57 -58.76
CA VAL G 156 -52.29 8.02 -58.54
C VAL G 156 -53.31 9.01 -59.11
N SER G 157 -54.48 8.48 -59.43
CA SER G 157 -55.55 9.32 -59.97
C SER G 157 -56.37 9.95 -58.87
N LEU G 158 -56.99 11.08 -59.20
CA LEU G 158 -57.88 11.75 -58.26
C LEU G 158 -58.97 10.81 -57.81
N GLY G 159 -59.24 10.78 -56.52
CA GLY G 159 -60.29 9.95 -55.97
C GLY G 159 -59.87 8.54 -55.66
N GLU G 160 -58.63 8.17 -55.97
CA GLU G 160 -58.16 6.82 -55.79
C GLU G 160 -57.26 6.80 -54.56
N ARG G 161 -57.07 5.62 -53.98
CA ARG G 161 -56.21 5.51 -52.81
C ARG G 161 -54.77 5.24 -53.27
N ALA G 162 -53.84 5.83 -52.53
CA ALA G 162 -52.40 5.58 -52.68
C ALA G 162 -51.92 4.88 -51.41
N THR G 163 -51.02 3.92 -51.59
CA THR G 163 -50.47 3.13 -50.49
C THR G 163 -48.96 3.28 -50.49
N ILE G 164 -48.41 3.57 -49.31
CA ILE G 164 -46.96 3.71 -49.12
C ILE G 164 -46.55 2.74 -48.02
N ASN G 165 -45.50 1.96 -48.28
CA ASN G 165 -45.00 0.96 -47.35
C ASN G 165 -43.70 1.42 -46.70
N CYS G 166 -43.49 1.01 -45.44
CA CYS G 166 -42.28 1.35 -44.71
C CYS G 166 -41.85 0.12 -43.91
N LYS G 167 -40.63 -0.35 -44.13
CA LYS G 167 -40.07 -1.48 -43.40
C LYS G 167 -38.88 -1.00 -42.57
N SER G 168 -38.91 -1.30 -41.28
CA SER G 168 -37.79 -1.03 -40.39
C SER G 168 -36.98 -2.30 -40.23
N SER G 169 -35.66 -2.15 -40.16
CA SER G 169 -34.78 -3.31 -40.06
C SER G 169 -34.95 -4.08 -38.75
N GLN G 170 -35.54 -3.48 -37.73
CA GLN G 170 -35.87 -4.20 -36.50
C GLN G 170 -37.14 -3.62 -35.90
N SER G 171 -37.75 -4.39 -35.01
CA SER G 171 -39.04 -4.02 -34.46
C SER G 171 -38.96 -2.71 -33.68
N VAL G 172 -39.96 -1.85 -33.88
CA VAL G 172 -40.09 -0.61 -33.14
C VAL G 172 -41.29 -0.67 -32.20
N LEU G 173 -41.75 -1.86 -31.87
CA LEU G 173 -42.84 -2.04 -30.91
C LEU G 173 -42.26 -2.16 -29.51
N TYR G 174 -42.67 -1.27 -28.61
CA TYR G 174 -42.21 -1.27 -27.23
C TYR G 174 -43.10 -2.21 -26.42
N SER G 175 -42.48 -3.21 -25.79
CA SER G 175 -43.26 -4.22 -25.06
C SER G 175 -43.93 -3.64 -23.81
N SER G 176 -43.36 -2.59 -23.21
CA SER G 176 -43.93 -2.04 -21.98
C SER G 176 -45.20 -1.24 -22.19
N ASN G 177 -45.49 -0.80 -23.43
CA ASN G 177 -46.74 -0.12 -23.71
C ASN G 177 -47.43 -0.56 -24.99
N ASN G 178 -46.90 -1.56 -25.69
CA ASN G 178 -47.56 -2.11 -26.88
C ASN G 178 -47.83 -1.04 -27.93
N LYS G 179 -46.89 -0.11 -28.09
CA LYS G 179 -46.99 0.95 -29.08
C LYS G 179 -45.79 0.92 -30.03
N ASN G 180 -46.07 1.16 -31.31
CA ASN G 180 -45.05 1.23 -32.34
C ASN G 180 -44.53 2.66 -32.41
N TYR G 181 -43.23 2.85 -32.22
CA TYR G 181 -42.63 4.18 -32.21
C TYR G 181 -42.31 4.58 -33.64
N LEU G 182 -43.39 4.82 -34.39
CA LEU G 182 -43.35 5.03 -35.83
C LEU G 182 -44.25 6.21 -36.15
N ALA G 183 -43.75 7.12 -37.00
CA ALA G 183 -44.46 8.33 -37.35
C ALA G 183 -44.50 8.49 -38.86
N TRP G 184 -45.50 9.23 -39.34
CA TRP G 184 -45.64 9.58 -40.75
C TRP G 184 -45.70 11.09 -40.90
N TYR G 185 -45.04 11.60 -41.94
CA TYR G 185 -44.98 13.04 -42.21
C TYR G 185 -45.40 13.33 -43.65
N GLN G 186 -45.92 14.53 -43.85
CA GLN G 186 -46.27 15.09 -45.15
C GLN G 186 -45.51 16.40 -45.31
N GLN G 187 -44.75 16.54 -46.40
CA GLN G 187 -44.00 17.76 -46.68
C GLN G 187 -44.43 18.29 -48.04
N LYS G 188 -45.05 19.44 -48.04
CA LYS G 188 -45.43 20.14 -49.25
C LYS G 188 -44.33 21.13 -49.61
N PRO G 189 -44.28 21.55 -50.87
CA PRO G 189 -43.18 22.43 -51.31
C PRO G 189 -43.07 23.66 -50.43
N GLY G 190 -41.84 23.99 -50.07
CA GLY G 190 -41.53 25.17 -49.28
C GLY G 190 -41.85 25.06 -47.81
N GLN G 191 -42.27 23.89 -47.35
CA GLN G 191 -42.68 23.76 -45.96
C GLN G 191 -41.87 22.68 -45.25
N PRO G 192 -41.74 22.78 -43.93
CA PRO G 192 -41.18 21.67 -43.17
C PRO G 192 -42.14 20.49 -43.20
N PRO G 193 -41.64 19.30 -42.89
CA PRO G 193 -42.54 18.14 -42.73
C PRO G 193 -43.62 18.41 -41.68
N LYS G 194 -44.83 17.91 -41.96
CA LYS G 194 -45.96 17.98 -41.04
C LYS G 194 -46.21 16.60 -40.45
N LEU G 195 -46.34 16.54 -39.13
CA LEU G 195 -46.67 15.27 -38.48
C LEU G 195 -48.13 14.93 -38.78
N LEU G 196 -48.36 13.75 -39.36
CA LEU G 196 -49.70 13.25 -39.65
C LEU G 196 -50.10 12.17 -38.66
N ILE G 197 -49.23 11.17 -38.46
CA ILE G 197 -49.53 10.01 -37.64
C ILE G 197 -48.35 9.73 -36.71
N TYR G 198 -48.67 9.43 -35.45
CA TYR G 198 -47.71 8.90 -34.49
C TYR G 198 -48.33 7.64 -33.87
N TRP G 199 -47.50 6.87 -33.17
CA TRP G 199 -47.87 5.53 -32.71
C TRP G 199 -48.37 4.65 -33.87
N ALA G 200 -48.00 5.03 -35.09
CA ALA G 200 -48.26 4.31 -36.32
C ALA G 200 -49.71 4.33 -36.79
N SER G 201 -50.63 4.73 -35.92
CA SER G 201 -52.03 4.82 -36.32
C SER G 201 -52.82 5.97 -35.70
N THR G 202 -52.20 6.80 -34.87
CA THR G 202 -52.91 7.88 -34.18
C THR G 202 -52.69 9.17 -34.96
N ARG G 203 -53.78 9.79 -35.40
CA ARG G 203 -53.72 11.00 -36.19
C ARG G 203 -53.41 12.21 -35.32
N GLU G 204 -52.54 13.09 -35.82
CA GLU G 204 -52.35 14.39 -35.21
C GLU G 204 -53.61 15.23 -35.42
N SER G 205 -53.80 16.22 -34.55
CA SER G 205 -55.00 17.03 -34.63
C SER G 205 -55.12 17.69 -36.01
N GLY G 206 -56.33 17.65 -36.58
CA GLY G 206 -56.57 18.25 -37.87
C GLY G 206 -56.29 17.34 -39.06
N VAL G 207 -55.72 16.17 -38.84
CA VAL G 207 -55.37 15.28 -39.95
C VAL G 207 -56.62 14.55 -40.41
N PRO G 208 -56.96 14.61 -41.70
CA PRO G 208 -58.18 13.96 -42.18
C PRO G 208 -58.16 12.45 -41.93
N ASP G 209 -59.36 11.88 -41.89
CA ASP G 209 -59.50 10.44 -41.64
C ASP G 209 -59.11 9.62 -42.87
N ARG G 210 -59.06 10.24 -44.05
CA ARG G 210 -58.63 9.51 -45.24
C ARG G 210 -57.15 9.14 -45.18
N PHE G 211 -56.37 9.78 -44.31
CA PHE G 211 -54.99 9.37 -44.02
C PHE G 211 -55.04 8.31 -42.91
N SER G 212 -54.63 7.08 -43.24
CA SER G 212 -54.65 6.00 -42.27
C SER G 212 -53.28 5.34 -42.20
N GLY G 213 -52.83 5.07 -40.97
CA GLY G 213 -51.61 4.33 -40.72
C GLY G 213 -51.91 2.97 -40.14
N SER G 214 -51.16 1.97 -40.56
CA SER G 214 -51.39 0.61 -40.10
C SER G 214 -50.06 -0.13 -40.03
N GLY G 215 -50.09 -1.29 -39.39
CA GLY G 215 -48.93 -2.13 -39.26
C GLY G 215 -48.42 -2.17 -37.83
N SER G 216 -47.52 -3.11 -37.60
CA SER G 216 -46.90 -3.29 -36.29
C SER G 216 -45.58 -4.04 -36.47
N GLY G 217 -44.65 -3.78 -35.55
CA GLY G 217 -43.38 -4.48 -35.59
C GLY G 217 -42.41 -3.84 -36.56
N THR G 218 -42.28 -4.43 -37.75
CA THR G 218 -41.35 -3.93 -38.76
C THR G 218 -42.01 -3.47 -40.05
N ASP G 219 -43.28 -3.82 -40.30
CA ASP G 219 -43.96 -3.52 -41.56
C ASP G 219 -45.11 -2.55 -41.29
N PHE G 220 -45.06 -1.38 -41.93
CA PHE G 220 -46.05 -0.33 -41.70
C PHE G 220 -46.54 0.21 -43.04
N THR G 221 -47.75 0.75 -43.03
CA THR G 221 -48.36 1.23 -44.26
C THR G 221 -49.07 2.54 -43.98
N LEU G 222 -48.95 3.47 -44.93
CA LEU G 222 -49.72 4.71 -44.94
C LEU G 222 -50.67 4.65 -46.13
N THR G 223 -51.95 4.84 -45.86
CA THR G 223 -52.99 4.78 -46.88
C THR G 223 -53.67 6.11 -46.98
N ILE G 224 -53.81 6.62 -48.21
CA ILE G 224 -54.51 7.87 -48.48
C ILE G 224 -55.67 7.53 -49.39
N SER G 225 -56.88 7.50 -48.85
CA SER G 225 -58.07 7.27 -49.65
C SER G 225 -58.57 8.58 -50.25
N SER G 226 -59.33 8.45 -51.33
CA SER G 226 -59.92 9.60 -52.00
C SER G 226 -58.89 10.73 -52.20
N LEU G 227 -57.85 10.40 -52.97
CA LEU G 227 -56.77 11.36 -53.18
C LEU G 227 -57.31 12.66 -53.73
N GLN G 228 -56.78 13.77 -53.21
CA GLN G 228 -57.10 15.11 -53.66
C GLN G 228 -55.83 15.82 -54.09
N ALA G 229 -55.99 16.93 -54.82
CA ALA G 229 -54.84 17.67 -55.29
C ALA G 229 -54.00 18.17 -54.13
N GLU G 230 -54.63 18.54 -53.03
CA GLU G 230 -53.89 19.04 -51.87
C GLU G 230 -52.97 17.99 -51.26
N ASP G 231 -53.14 16.72 -51.60
CA ASP G 231 -52.32 15.67 -51.03
C ASP G 231 -51.00 15.45 -51.75
N VAL G 232 -50.79 16.13 -52.88
CA VAL G 232 -49.52 16.00 -53.60
C VAL G 232 -48.39 16.51 -52.70
N ALA G 233 -47.45 15.65 -52.38
CA ALA G 233 -46.39 15.97 -51.42
C ALA G 233 -45.41 14.80 -51.39
N VAL G 234 -44.40 14.92 -50.53
CA VAL G 234 -43.49 13.83 -50.23
C VAL G 234 -43.81 13.33 -48.82
N TYR G 235 -43.88 12.01 -48.67
CA TYR G 235 -44.26 11.37 -47.41
C TYR G 235 -43.08 10.57 -46.88
N TYR G 236 -42.82 10.72 -45.58
CA TYR G 236 -41.73 10.03 -44.91
C TYR G 236 -42.26 9.26 -43.71
N CYS G 237 -41.65 8.10 -43.44
CA CYS G 237 -41.80 7.44 -42.15
C CYS G 237 -40.58 7.73 -41.28
N GLN G 238 -40.74 7.57 -39.97
CA GLN G 238 -39.66 7.81 -39.03
C GLN G 238 -39.84 6.94 -37.80
N GLN G 239 -38.76 6.31 -37.38
CA GLN G 239 -38.71 5.59 -36.12
C GLN G 239 -38.08 6.48 -35.06
N TYR G 240 -38.71 6.54 -33.90
CA TYR G 240 -38.16 7.18 -32.72
C TYR G 240 -38.08 6.15 -31.61
N TYR G 241 -37.65 4.95 -31.98
CA TYR G 241 -37.50 3.83 -31.07
C TYR G 241 -36.09 3.80 -30.49
N SER G 242 -35.08 4.07 -31.31
CA SER G 242 -33.69 3.96 -30.87
C SER G 242 -32.85 4.98 -31.62
N ALA G 243 -31.90 5.59 -30.91
CA ALA G 243 -31.01 6.53 -31.54
C ALA G 243 -30.02 5.79 -32.45
N PRO G 244 -29.63 6.38 -33.58
CA PRO G 244 -30.08 7.70 -34.05
C PRO G 244 -31.49 7.66 -34.61
N ILE G 245 -32.19 8.79 -34.53
CA ILE G 245 -33.46 8.93 -35.24
C ILE G 245 -33.19 8.75 -36.73
N THR G 246 -34.04 7.99 -37.40
CA THR G 246 -33.87 7.69 -38.81
C THR G 246 -35.19 7.83 -39.53
N PHE G 247 -35.11 8.30 -40.78
CA PHE G 247 -36.25 8.48 -41.66
C PHE G 247 -36.15 7.54 -42.86
N GLY G 248 -37.29 7.21 -43.44
CA GLY G 248 -37.29 6.62 -44.76
C GLY G 248 -36.77 7.60 -45.80
N GLN G 249 -36.54 7.10 -47.01
CA GLN G 249 -35.95 7.96 -48.04
C GLN G 249 -36.97 8.90 -48.67
N GLY G 250 -38.26 8.69 -48.45
CA GLY G 250 -39.29 9.58 -48.96
C GLY G 250 -40.03 8.98 -50.14
N THR G 251 -41.33 9.27 -50.21
CA THR G 251 -42.17 8.84 -51.32
C THR G 251 -42.86 10.06 -51.90
N ARG G 252 -42.43 10.48 -53.10
CA ARG G 252 -43.05 11.61 -53.79
C ARG G 252 -44.36 11.15 -54.41
N LEU G 253 -45.43 11.88 -54.11
CA LEU G 253 -46.76 11.55 -54.61
C LEU G 253 -47.22 12.60 -55.60
N GLU G 254 -47.46 12.19 -56.83
CA GLU G 254 -47.99 13.03 -57.90
C GLU G 254 -49.33 12.46 -58.34
N ILE G 255 -49.99 13.14 -59.26
CA ILE G 255 -51.30 12.72 -59.75
C ILE G 255 -51.16 12.17 -61.17
N LYS G 256 -51.73 10.97 -61.39
CA LYS G 256 -51.71 10.31 -62.69
C LYS G 256 -52.36 11.19 -63.76
N GLN H 3 46.81 13.54 40.67
CA GLN H 3 46.73 12.65 41.88
C GLN H 3 45.30 12.18 42.09
N VAL H 4 44.98 11.05 41.42
CA VAL H 4 43.63 10.50 41.46
C VAL H 4 43.22 10.23 42.90
N GLN H 5 41.99 10.65 43.23
CA GLN H 5 41.39 10.38 44.53
C GLN H 5 39.89 10.18 44.34
N LEU H 6 39.33 9.25 45.11
CA LEU H 6 37.90 8.98 45.12
C LEU H 6 37.44 8.93 46.57
N VAL H 7 36.54 9.84 46.94
CA VAL H 7 36.05 9.93 48.31
C VAL H 7 34.55 9.63 48.31
N GLN H 8 34.15 8.67 49.13
CA GLN H 8 32.77 8.18 49.14
C GLN H 8 32.04 8.70 50.37
N SER H 9 30.71 8.59 50.31
CA SER H 9 29.84 9.03 51.38
C SER H 9 29.92 8.08 52.59
N GLY H 10 29.33 8.52 53.70
CA GLY H 10 29.43 7.80 54.95
C GLY H 10 28.56 6.55 55.05
N ALA H 11 28.82 5.79 56.11
CA ALA H 11 28.13 4.53 56.32
C ALA H 11 26.65 4.77 56.61
N GLU H 12 25.83 3.77 56.25
CA GLU H 12 24.38 3.85 56.36
C GLU H 12 23.85 2.57 56.96
N VAL H 13 22.82 2.70 57.80
CA VAL H 13 22.05 1.57 58.31
C VAL H 13 20.63 1.70 57.78
N LYS H 14 20.11 0.61 57.21
CA LYS H 14 18.83 0.64 56.53
C LYS H 14 17.97 -0.54 56.91
N LYS H 15 16.66 -0.31 57.00
CA LYS H 15 15.70 -1.38 57.17
C LYS H 15 15.52 -2.12 55.85
N PRO H 16 15.20 -3.41 55.88
CA PRO H 16 14.92 -4.12 54.63
C PRO H 16 13.79 -3.45 53.86
N GLY H 17 13.94 -3.40 52.54
CA GLY H 17 12.96 -2.80 51.67
C GLY H 17 13.20 -1.34 51.33
N ALA H 18 14.11 -0.68 52.02
CA ALA H 18 14.39 0.71 51.72
C ALA H 18 15.48 0.79 50.65
N SER H 19 15.84 2.01 50.26
CA SER H 19 16.87 2.26 49.26
C SER H 19 18.00 3.08 49.86
N VAL H 20 19.15 3.06 49.18
CA VAL H 20 20.34 3.77 49.62
C VAL H 20 21.05 4.37 48.42
N LYS H 21 21.56 5.59 48.58
CA LYS H 21 22.32 6.28 47.54
C LYS H 21 23.71 6.60 48.07
N VAL H 22 24.74 5.99 47.47
CA VAL H 22 26.14 6.24 47.81
C VAL H 22 26.72 7.20 46.77
N SER H 23 27.54 8.15 47.21
CA SER H 23 28.18 9.09 46.31
C SER H 23 29.68 8.79 46.24
N CYS H 24 30.30 9.20 45.14
CA CYS H 24 31.73 8.98 44.90
C CYS H 24 32.28 10.23 44.22
N LYS H 25 33.02 11.03 44.99
CA LYS H 25 33.58 12.28 44.50
C LYS H 25 35.02 12.06 44.03
N ALA H 26 35.28 12.36 42.76
CA ALA H 26 36.58 12.18 42.14
C ALA H 26 37.33 13.50 42.03
N SER H 27 38.66 13.42 42.03
CA SER H 27 39.51 14.58 41.81
C SER H 27 40.84 14.09 41.27
N GLY H 28 41.60 15.00 40.68
CA GLY H 28 42.92 14.68 40.18
C GLY H 28 42.96 14.21 38.74
N TYR H 29 41.85 14.23 38.02
CA TYR H 29 41.83 13.79 36.63
C TYR H 29 40.59 14.37 35.97
N THR H 30 40.55 14.27 34.64
CA THR H 30 39.41 14.77 33.88
C THR H 30 38.29 13.75 33.98
N PHE H 31 37.24 14.10 34.73
CA PHE H 31 36.17 13.14 35.04
C PHE H 31 35.53 12.61 33.77
N THR H 32 35.38 13.46 32.74
CA THR H 32 34.65 13.10 31.54
C THR H 32 35.43 12.19 30.60
N SER H 33 36.71 11.95 30.87
CA SER H 33 37.53 11.07 30.05
C SER H 33 37.55 9.63 30.57
N TYR H 34 36.85 9.35 31.67
CA TYR H 34 36.90 8.04 32.30
C TYR H 34 35.48 7.60 32.66
N GLY H 35 35.40 6.53 33.45
CA GLY H 35 34.15 6.06 33.99
C GLY H 35 34.31 5.59 35.43
N ILE H 36 33.20 5.16 36.00
CA ILE H 36 33.18 4.64 37.35
C ILE H 36 32.56 3.26 37.31
N SER H 37 33.21 2.29 37.93
CA SER H 37 32.67 0.98 38.19
C SER H 37 32.41 0.86 39.68
N TRP H 38 31.34 0.14 40.03
CA TRP H 38 30.96 -0.08 41.42
C TRP H 38 31.17 -1.55 41.77
N VAL H 39 31.78 -1.77 42.92
CA VAL H 39 32.08 -3.11 43.42
C VAL H 39 31.68 -3.18 44.88
N ARG H 40 31.00 -4.26 45.25
CA ARG H 40 30.58 -4.45 46.63
C ARG H 40 31.20 -5.73 47.18
N GLN H 41 31.30 -5.79 48.51
CA GLN H 41 31.96 -6.88 49.20
C GLN H 41 31.16 -7.15 50.47
N ALA H 42 30.45 -8.27 50.52
CA ALA H 42 29.75 -8.65 51.73
C ALA H 42 30.75 -8.98 52.84
N PRO H 43 30.38 -8.74 54.10
CA PRO H 43 31.32 -9.00 55.21
C PRO H 43 31.94 -10.40 55.14
N GLY H 44 33.27 -10.45 55.08
CA GLY H 44 33.98 -11.71 55.01
C GLY H 44 33.79 -12.50 53.74
N GLN H 45 33.40 -11.84 52.65
CA GLN H 45 33.12 -12.55 51.41
C GLN H 45 33.89 -11.93 50.25
N GLY H 46 33.62 -12.36 49.02
CA GLY H 46 34.36 -11.91 47.88
C GLY H 46 33.83 -10.60 47.32
N LEU H 47 34.36 -10.24 46.15
CA LEU H 47 34.08 -8.97 45.50
C LEU H 47 33.15 -9.24 44.32
N GLU H 48 32.11 -8.42 44.19
CA GLU H 48 31.16 -8.53 43.10
C GLU H 48 31.05 -7.21 42.34
N TRP H 49 31.18 -7.29 41.02
CA TRP H 49 31.06 -6.12 40.16
C TRP H 49 29.59 -5.79 39.93
N MET H 50 29.21 -4.55 40.21
CA MET H 50 27.82 -4.12 40.11
C MET H 50 27.48 -3.46 38.79
N GLY H 51 28.43 -2.79 38.17
CA GLY H 51 28.15 -2.11 36.93
C GLY H 51 29.12 -0.98 36.70
N TRP H 52 28.88 -0.27 35.60
CA TRP H 52 29.78 0.77 35.10
C TRP H 52 28.95 1.91 34.56
N ILE H 53 29.48 3.13 34.67
CA ILE H 53 28.85 4.32 34.13
C ILE H 53 29.91 5.20 33.46
N SER H 54 29.57 5.71 32.27
CA SER H 54 30.46 6.60 31.54
C SER H 54 30.48 7.99 32.17
N GLY H 55 31.67 8.55 32.32
CA GLY H 55 31.80 9.91 32.79
C GLY H 55 31.53 10.97 31.75
N TYR H 56 31.37 10.59 30.48
CA TYR H 56 31.14 11.52 29.38
C TYR H 56 29.65 11.73 29.11
N ASN H 57 28.88 10.65 29.00
CA ASN H 57 27.46 10.74 28.66
C ASN H 57 26.52 10.01 29.62
N GLY H 58 27.03 9.44 30.71
CA GLY H 58 26.17 8.79 31.68
C GLY H 58 25.62 7.44 31.26
N ASN H 59 26.09 6.88 30.15
CA ASN H 59 25.67 5.55 29.74
C ASN H 59 26.13 4.54 30.78
N THR H 60 25.33 3.49 30.95
CA THR H 60 25.55 2.51 32.01
C THR H 60 25.58 1.11 31.45
N LYS H 61 26.26 0.23 32.18
CA LYS H 61 26.23 -1.22 31.96
C LYS H 61 26.12 -1.88 33.32
N TYR H 62 25.05 -2.63 33.54
CA TYR H 62 24.74 -3.24 34.83
C TYR H 62 24.96 -4.75 34.76
N ALA H 63 25.30 -5.33 35.91
CA ALA H 63 25.30 -6.77 36.05
C ALA H 63 23.87 -7.28 36.09
N GLN H 64 23.59 -8.33 35.30
CA GLN H 64 22.21 -8.81 35.22
C GLN H 64 21.65 -9.19 36.58
N LYS H 65 22.50 -9.59 37.52
CA LYS H 65 22.01 -9.93 38.85
C LYS H 65 21.29 -8.73 39.48
N LEU H 66 21.85 -7.54 39.35
CA LEU H 66 21.32 -6.34 39.99
C LEU H 66 20.37 -5.54 39.09
N GLN H 67 20.15 -5.97 37.85
CA GLN H 67 19.27 -5.23 36.96
C GLN H 67 17.90 -5.07 37.60
N GLY H 68 17.37 -3.86 37.52
CA GLY H 68 16.13 -3.54 38.19
C GLY H 68 16.32 -2.81 39.50
N ARG H 69 17.30 -3.23 40.30
CA ARG H 69 17.47 -2.67 41.63
C ARG H 69 18.51 -1.56 41.71
N VAL H 70 19.46 -1.51 40.78
CA VAL H 70 20.60 -0.59 40.86
C VAL H 70 20.47 0.48 39.78
N THR H 71 20.74 1.73 40.16
CA THR H 71 20.77 2.85 39.23
C THR H 71 22.04 3.64 39.48
N MET H 72 22.81 3.87 38.42
CA MET H 72 24.04 4.66 38.50
C MET H 72 23.88 5.96 37.73
N THR H 73 24.33 7.06 38.33
CA THR H 73 24.26 8.38 37.71
C THR H 73 25.54 9.14 38.01
N THR H 74 25.79 10.19 37.23
CA THR H 74 26.96 11.04 37.42
C THR H 74 26.54 12.50 37.38
N ASP H 75 27.36 13.33 37.99
CA ASP H 75 27.20 14.79 37.95
C ASP H 75 28.52 15.39 37.46
N THR H 76 28.56 15.72 36.17
CA THR H 76 29.79 16.26 35.59
C THR H 76 30.18 17.58 36.24
N SER H 77 29.19 18.40 36.64
CA SER H 77 29.51 19.68 37.24
C SER H 77 30.29 19.51 38.55
N THR H 78 30.05 18.43 39.28
CA THR H 78 30.71 18.19 40.57
C THR H 78 31.66 16.99 40.54
N SER H 79 31.86 16.37 39.38
CA SER H 79 32.75 15.21 39.26
C SER H 79 32.38 14.14 40.29
N THR H 80 31.09 13.90 40.43
CA THR H 80 30.56 12.98 41.43
C THR H 80 29.74 11.88 40.75
N ALA H 81 29.96 10.63 41.19
CA ALA H 81 29.19 9.49 40.74
C ALA H 81 28.31 8.98 41.87
N TYR H 82 27.11 8.51 41.52
CA TYR H 82 26.14 8.03 42.49
C TYR H 82 25.69 6.63 42.13
N MET H 83 25.46 5.80 43.15
CA MET H 83 24.92 4.46 43.00
C MET H 83 23.75 4.35 43.96
N GLU H 84 22.58 4.05 43.42
CA GLU H 84 21.38 3.84 44.24
C GLU H 84 20.98 2.38 44.16
N LEU H 85 20.83 1.74 45.31
CA LEU H 85 20.37 0.37 45.40
C LEU H 85 18.98 0.39 46.00
N ARG H 86 18.04 -0.28 45.34
CA ARG H 86 16.65 -0.28 45.74
C ARG H 86 16.25 -1.60 46.37
N SER H 87 15.14 -1.55 47.11
CA SER H 87 14.54 -2.73 47.71
C SER H 87 15.59 -3.57 48.41
N LEU H 88 16.25 -2.94 49.38
CA LEU H 88 17.38 -3.58 50.05
C LEU H 88 16.92 -4.84 50.76
N ARG H 89 17.67 -5.91 50.56
CA ARG H 89 17.51 -7.18 51.26
C ARG H 89 18.67 -7.35 52.22
N SER H 90 18.53 -8.30 53.15
CA SER H 90 19.57 -8.53 54.13
C SER H 90 20.89 -8.90 53.46
N ASP H 91 20.84 -9.58 52.32
CA ASP H 91 22.04 -9.99 51.60
C ASP H 91 22.69 -8.85 50.83
N ASP H 92 22.13 -7.64 50.87
CA ASP H 92 22.77 -6.46 50.31
C ASP H 92 23.77 -5.82 51.27
N THR H 93 23.87 -6.32 52.49
CA THR H 93 24.87 -5.82 53.44
C THR H 93 26.27 -6.04 52.87
N ALA H 94 27.03 -4.96 52.72
CA ALA H 94 28.35 -5.04 52.12
C ALA H 94 29.05 -3.70 52.24
N VAL H 95 30.36 -3.73 51.97
CA VAL H 95 31.12 -2.51 51.72
C VAL H 95 31.02 -2.26 50.22
N TYR H 96 30.55 -1.07 49.85
CA TYR H 96 30.39 -0.66 48.47
C TYR H 96 31.55 0.25 48.09
N TYR H 97 32.25 -0.11 47.01
CA TYR H 97 33.40 0.62 46.53
C TYR H 97 33.09 1.20 45.16
N CYS H 98 33.57 2.41 44.92
CA CYS H 98 33.70 2.95 43.58
C CYS H 98 35.15 2.82 43.15
N ALA H 99 35.37 2.60 41.86
CA ALA H 99 36.70 2.48 41.29
C ALA H 99 36.74 3.22 39.96
N ARG H 100 37.83 3.92 39.68
CA ARG H 100 37.92 4.58 38.39
C ARG H 100 38.09 3.52 37.31
N ASP H 101 37.35 3.66 36.23
CA ASP H 101 37.39 2.78 35.08
C ASP H 101 37.67 3.62 33.85
N LYS H 102 37.80 2.96 32.71
CA LYS H 102 38.08 3.65 31.46
C LYS H 102 36.78 4.10 30.79
N TYR H 103 36.91 4.80 29.67
CA TYR H 103 35.75 5.31 28.96
C TYR H 103 34.90 4.19 28.34
N ILE H 104 35.41 2.97 28.29
CA ILE H 104 34.58 1.79 28.05
C ILE H 104 34.87 0.80 29.18
N PRO H 105 33.91 -0.01 29.60
CA PRO H 105 34.22 -1.07 30.57
C PRO H 105 34.90 -2.25 29.88
N VAL H 106 35.39 -3.17 30.69
CA VAL H 106 35.96 -4.42 30.20
C VAL H 106 37.16 -4.12 29.29
N ALA H 107 38.04 -3.23 29.75
CA ALA H 107 39.26 -2.95 29.00
C ALA H 107 40.50 -2.93 29.88
N ASP H 108 40.34 -2.59 31.15
CA ASP H 108 41.49 -2.49 32.06
C ASP H 108 41.01 -2.78 33.48
N PRO H 109 41.93 -3.11 34.38
CA PRO H 109 41.54 -3.36 35.77
C PRO H 109 41.44 -2.09 36.60
N PHE H 110 41.21 -2.23 37.89
CA PHE H 110 40.95 -1.10 38.77
C PHE H 110 42.21 -0.74 39.55
N ASP H 111 42.81 0.40 39.22
CA ASP H 111 44.00 0.84 39.93
C ASP H 111 43.71 1.83 41.04
N TYR H 112 42.63 2.61 40.93
CA TYR H 112 42.27 3.61 41.92
C TYR H 112 40.89 3.34 42.48
N TRP H 113 40.79 3.31 43.81
CA TRP H 113 39.58 2.94 44.50
C TRP H 113 39.22 4.00 45.54
N GLY H 114 37.90 4.14 45.80
CA GLY H 114 37.44 4.86 46.96
C GLY H 114 37.64 4.05 48.23
N GLN H 115 37.44 4.71 49.37
CA GLN H 115 37.68 4.05 50.65
C GLN H 115 36.61 3.04 51.02
N GLY H 116 35.49 3.01 50.30
CA GLY H 116 34.41 2.09 50.61
C GLY H 116 33.37 2.71 51.53
N THR H 117 32.12 2.29 51.34
CA THR H 117 30.99 2.77 52.13
C THR H 117 30.24 1.57 52.69
N LEU H 118 30.17 1.47 54.00
CA LEU H 118 29.46 0.35 54.60
C LEU H 118 27.97 0.61 54.57
N VAL H 119 27.23 -0.35 54.00
CA VAL H 119 25.77 -0.32 54.01
C VAL H 119 25.31 -1.56 54.76
N THR H 120 24.65 -1.33 55.89
CA THR H 120 24.17 -2.39 56.75
C THR H 120 22.66 -2.46 56.62
N VAL H 121 22.14 -3.64 56.30
CA VAL H 121 20.71 -3.89 56.23
C VAL H 121 20.33 -4.75 57.43
N SER H 122 19.43 -4.23 58.27
CA SER H 122 18.98 -4.93 59.46
C SER H 122 17.94 -5.99 59.14
N ASP H 144 28.71 -16.15 31.90
CA ASP H 144 29.61 -15.51 32.86
C ASP H 144 30.86 -16.36 33.07
N ILE H 145 32.02 -15.72 33.03
CA ILE H 145 33.29 -16.40 33.28
C ILE H 145 33.46 -16.57 34.78
N VAL H 146 33.68 -17.81 35.21
CA VAL H 146 33.83 -18.14 36.63
C VAL H 146 35.31 -18.18 36.98
N MET H 147 35.68 -17.52 38.06
CA MET H 147 37.04 -17.46 38.55
C MET H 147 37.10 -18.25 39.85
N THR H 148 37.99 -19.23 39.91
CA THR H 148 38.15 -20.11 41.06
C THR H 148 39.59 -20.08 41.52
N GLN H 149 39.80 -19.71 42.78
CA GLN H 149 41.13 -19.68 43.40
C GLN H 149 41.36 -20.93 44.24
N SER H 150 42.53 -21.59 44.06
CA SER H 150 42.71 -22.94 44.58
C SER H 150 42.82 -23.01 46.12
N PRO H 151 43.87 -22.48 46.74
CA PRO H 151 43.84 -22.48 48.20
C PRO H 151 42.97 -21.30 48.62
N ASP H 152 41.87 -21.60 49.30
CA ASP H 152 41.02 -20.54 49.85
C ASP H 152 41.71 -19.89 51.04
N SER H 153 42.52 -20.65 51.76
CA SER H 153 43.30 -20.15 52.88
C SER H 153 44.70 -20.76 52.80
N LEU H 154 45.68 -19.98 53.22
CA LEU H 154 47.07 -20.41 53.10
C LEU H 154 47.81 -19.89 54.31
N ALA H 155 48.58 -20.76 54.97
CA ALA H 155 49.46 -20.36 56.06
C ALA H 155 50.87 -20.73 55.65
N VAL H 156 51.76 -19.74 55.67
CA VAL H 156 53.15 -19.92 55.25
C VAL H 156 54.04 -19.28 56.30
N SER H 157 55.26 -19.77 56.38
CA SER H 157 56.24 -19.22 57.31
C SER H 157 56.93 -18.02 56.68
N LEU H 158 57.40 -17.11 57.52
CA LEU H 158 58.21 -16.00 57.03
C LEU H 158 59.41 -16.55 56.27
N GLY H 159 59.69 -15.95 55.12
CA GLY H 159 60.81 -16.36 54.29
C GLY H 159 60.55 -17.48 53.31
N GLU H 160 59.35 -18.03 53.29
CA GLU H 160 58.96 -19.14 52.43
C GLU H 160 58.07 -18.68 51.29
N ARG H 161 57.96 -19.54 50.28
CA ARG H 161 57.15 -19.24 49.10
C ARG H 161 55.69 -19.54 49.37
N ALA H 162 54.83 -18.66 48.89
CA ALA H 162 53.39 -18.85 48.91
C ALA H 162 52.91 -18.87 47.47
N THR H 163 52.06 -19.84 47.14
CA THR H 163 51.56 -20.01 45.77
C THR H 163 50.05 -19.96 45.81
N ILE H 164 49.47 -19.12 44.94
CA ILE H 164 48.03 -18.99 44.79
C ILE H 164 47.68 -19.21 43.33
N ASN H 165 46.71 -20.08 43.08
CA ASN H 165 46.27 -20.43 41.74
C ASN H 165 44.90 -19.84 41.44
N CYS H 166 44.67 -19.56 40.17
CA CYS H 166 43.38 -19.03 39.71
C CYS H 166 43.01 -19.71 38.41
N LYS H 167 41.82 -20.30 38.36
CA LYS H 167 41.32 -20.98 37.17
C LYS H 167 40.12 -20.21 36.65
N SER H 168 40.14 -19.86 35.35
CA SER H 168 39.00 -19.25 34.69
C SER H 168 38.26 -20.31 33.88
N SER H 169 36.94 -20.20 33.84
CA SER H 169 36.12 -21.17 33.12
C SER H 169 36.34 -21.12 31.61
N GLN H 170 36.90 -20.04 31.10
CA GLN H 170 37.24 -19.95 29.69
C GLN H 170 38.47 -19.07 29.54
N SER H 171 39.11 -19.18 28.38
CA SER H 171 40.35 -18.45 28.15
C SER H 171 40.09 -16.96 28.22
N VAL H 172 41.01 -16.24 28.86
CA VAL H 172 41.01 -14.79 28.89
C VAL H 172 42.16 -14.24 28.06
N LEU H 173 42.70 -15.06 27.16
CA LEU H 173 43.78 -14.67 26.26
C LEU H 173 43.18 -14.08 24.99
N TYR H 174 43.50 -12.83 24.71
CA TYR H 174 43.03 -12.13 23.53
C TYR H 174 43.99 -12.42 22.37
N SER H 175 43.45 -12.99 21.29
CA SER H 175 44.30 -13.40 20.18
C SER H 175 44.89 -12.20 19.43
N SER H 176 44.21 -11.05 19.46
CA SER H 176 44.66 -9.90 18.68
C SER H 176 45.90 -9.24 19.28
N ASN H 177 46.18 -9.46 20.56
CA ASN H 177 47.37 -8.87 21.16
C ASN H 177 48.13 -9.85 22.06
N ASN H 178 47.73 -11.12 22.12
CA ASN H 178 48.44 -12.13 22.89
C ASN H 178 48.63 -11.73 24.36
N LYS H 179 47.63 -11.10 24.93
CA LYS H 179 47.67 -10.70 26.33
C LYS H 179 46.52 -11.36 27.08
N ASN H 180 46.81 -11.77 28.31
CA ASN H 180 45.78 -12.31 29.19
C ASN H 180 45.15 -11.19 29.99
N TYR H 181 43.82 -11.11 29.91
CA TYR H 181 43.04 -10.09 30.62
C TYR H 181 42.75 -10.61 32.03
N LEU H 182 43.81 -10.67 32.83
CA LEU H 182 43.79 -11.26 34.17
C LEU H 182 44.59 -10.36 35.11
N ALA H 183 44.02 -10.06 36.28
CA ALA H 183 44.64 -9.18 37.26
C ALA H 183 44.64 -9.86 38.63
N TRP H 184 45.58 -9.44 39.48
CA TRP H 184 45.67 -9.89 40.86
C TRP H 184 45.61 -8.70 41.81
N TYR H 185 44.86 -8.86 42.91
CA TYR H 185 44.67 -7.80 43.89
C TYR H 185 45.03 -8.25 45.29
N GLN H 186 45.48 -7.30 46.11
CA GLN H 186 45.79 -7.51 47.52
C GLN H 186 44.92 -6.58 48.34
N GLN H 187 44.18 -7.14 49.30
CA GLN H 187 43.32 -6.36 50.17
C GLN H 187 43.65 -6.63 51.63
N LYS H 188 44.04 -5.58 52.36
CA LYS H 188 44.25 -5.61 53.80
C LYS H 188 43.04 -5.06 54.54
N PRO H 189 42.87 -5.42 55.81
CA PRO H 189 41.65 -5.02 56.54
C PRO H 189 41.46 -3.51 56.52
N GLY H 190 40.22 -3.10 56.24
CA GLY H 190 39.85 -1.70 56.24
C GLY H 190 40.25 -0.93 55.00
N GLN H 191 40.81 -1.59 53.99
CA GLN H 191 41.26 -0.91 52.79
C GLN H 191 40.57 -1.50 51.57
N PRO H 192 40.42 -0.73 50.50
CA PRO H 192 39.98 -1.31 49.23
C PRO H 192 41.07 -2.22 48.68
N PRO H 193 40.74 -3.10 47.75
CA PRO H 193 41.79 -3.90 47.09
C PRO H 193 42.82 -3.01 46.41
N LYS H 194 44.07 -3.45 46.47
CA LYS H 194 45.17 -2.80 45.78
C LYS H 194 45.55 -3.67 44.59
N LEU H 195 45.66 -3.06 43.41
CA LEU H 195 46.05 -3.78 42.21
C LEU H 195 47.55 -4.11 42.25
N LEU H 196 47.87 -5.38 42.06
CA LEU H 196 49.25 -5.86 42.05
C LEU H 196 49.76 -6.18 40.64
N ILE H 197 48.99 -6.97 39.89
CA ILE H 197 49.41 -7.51 38.60
C ILE H 197 48.27 -7.29 37.61
N TYR H 198 48.61 -6.86 36.39
CA TYR H 198 47.69 -6.86 35.27
C TYR H 198 48.40 -7.55 34.10
N TRP H 199 47.62 -7.87 33.06
CA TRP H 199 48.12 -8.72 31.97
C TRP H 199 48.72 -10.01 32.51
N ALA H 200 48.33 -10.38 33.71
CA ALA H 200 48.70 -11.64 34.36
C ALA H 200 50.15 -11.68 34.82
N SER H 201 51.00 -10.76 34.35
CA SER H 201 52.38 -10.74 34.82
C SER H 201 53.01 -9.35 34.95
N THR H 202 52.31 -8.26 34.66
CA THR H 202 52.91 -6.93 34.70
C THR H 202 52.59 -6.32 36.06
N ARG H 203 53.63 -5.99 36.80
CA ARG H 203 53.47 -5.42 38.13
C ARG H 203 53.05 -3.96 38.04
N GLU H 204 52.12 -3.57 38.89
CA GLU H 204 51.80 -2.16 39.09
C GLU H 204 52.97 -1.47 39.78
N SER H 205 53.05 -0.16 39.61
CA SER H 205 54.15 0.60 40.18
C SER H 205 54.24 0.39 41.69
N GLY H 206 55.46 0.18 42.18
CA GLY H 206 55.70 0.01 43.60
C GLY H 206 55.56 -1.39 44.12
N VAL H 207 55.09 -2.33 43.32
CA VAL H 207 54.87 -3.70 43.79
C VAL H 207 56.21 -4.42 43.88
N PRO H 208 56.56 -4.99 45.03
CA PRO H 208 57.88 -5.65 45.16
C PRO H 208 58.05 -6.82 44.20
N ASP H 209 59.32 -7.17 43.95
CA ASP H 209 59.64 -8.24 43.02
C ASP H 209 59.30 -9.63 43.53
N ARG H 210 59.14 -9.80 44.85
CA ARG H 210 58.75 -11.13 45.34
C ARG H 210 57.35 -11.51 44.91
N PHE H 211 56.53 -10.55 44.45
CA PHE H 211 55.23 -10.84 43.85
C PHE H 211 55.41 -11.13 42.36
N SER H 212 55.14 -12.35 41.94
CA SER H 212 55.25 -12.73 40.54
C SER H 212 53.96 -13.38 40.06
N GLY H 213 53.51 -12.97 38.88
CA GLY H 213 52.34 -13.55 38.24
C GLY H 213 52.77 -14.34 37.01
N SER H 214 52.11 -15.47 36.78
CA SER H 214 52.46 -16.36 35.68
C SER H 214 51.21 -17.04 35.18
N GLY H 215 51.33 -17.69 34.03
CA GLY H 215 50.24 -18.45 33.44
C GLY H 215 49.67 -17.76 32.21
N SER H 216 48.85 -18.52 31.48
CA SER H 216 48.22 -18.04 30.26
C SER H 216 46.97 -18.86 29.99
N GLY H 217 46.00 -18.25 29.30
CA GLY H 217 44.82 -18.99 28.93
C GLY H 217 43.79 -19.06 30.04
N THR H 218 43.75 -20.21 30.72
CA THR H 218 42.80 -20.45 31.79
C THR H 218 43.43 -20.67 33.15
N ASP H 219 44.73 -20.98 33.22
CA ASP H 219 45.40 -21.39 34.45
C ASP H 219 46.43 -20.34 34.84
N PHE H 220 46.26 -19.77 36.02
CA PHE H 220 47.11 -18.66 36.44
C PHE H 220 47.60 -18.87 37.87
N THR H 221 48.74 -18.23 38.16
CA THR H 221 49.41 -18.39 39.44
C THR H 221 49.98 -17.05 39.92
N LEU H 222 49.79 -16.79 41.21
CA LEU H 222 50.45 -15.68 41.91
C LEU H 222 51.42 -16.31 42.90
N THR H 223 52.69 -15.94 42.81
CA THR H 223 53.72 -16.50 43.66
C THR H 223 54.32 -15.39 44.51
N ILE H 224 54.40 -15.64 45.80
CA ILE H 224 55.02 -14.72 46.75
C ILE H 224 56.20 -15.46 47.36
N SER H 225 57.41 -15.13 46.92
CA SER H 225 58.59 -15.71 47.53
C SER H 225 59.00 -14.86 48.75
N SER H 226 59.74 -15.50 49.66
CA SER H 226 60.25 -14.83 50.85
C SER H 226 59.15 -13.96 51.49
N LEU H 227 58.10 -14.64 51.96
CA LEU H 227 56.97 -13.96 52.56
C LEU H 227 57.42 -13.06 53.71
N GLN H 228 56.80 -11.89 53.80
CA GLN H 228 57.03 -10.95 54.89
C GLN H 228 55.72 -10.68 55.61
N ALA H 229 55.84 -10.10 56.81
CA ALA H 229 54.66 -9.86 57.64
C ALA H 229 53.67 -8.95 56.94
N GLU H 230 54.17 -7.97 56.18
CA GLU H 230 53.29 -7.03 55.50
C GLU H 230 52.43 -7.68 54.41
N ASP H 231 52.74 -8.92 54.03
CA ASP H 231 52.02 -9.59 52.96
C ASP H 231 50.76 -10.29 53.46
N VAL H 232 50.50 -10.25 54.76
CA VAL H 232 49.27 -10.82 55.32
C VAL H 232 48.07 -10.07 54.75
N ALA H 233 47.22 -10.78 54.02
CA ALA H 233 46.13 -10.16 53.33
C ALA H 233 45.24 -11.19 52.66
N VAL H 234 44.21 -10.74 51.96
CA VAL H 234 43.38 -11.56 51.08
C VAL H 234 43.73 -11.22 49.65
N TYR H 235 43.91 -12.24 48.82
CA TYR H 235 44.32 -12.06 47.42
C TYR H 235 43.20 -12.51 46.50
N TYR H 236 42.91 -11.69 45.49
CA TYR H 236 41.89 -11.98 44.49
C TYR H 236 42.48 -11.91 43.09
N CYS H 237 41.99 -12.77 42.21
CA CYS H 237 42.16 -12.61 40.77
C CYS H 237 40.89 -12.00 40.17
N GLN H 238 41.05 -11.42 38.98
CA GLN H 238 39.95 -10.79 38.28
C GLN H 238 40.19 -10.87 36.78
N GLN H 239 39.16 -11.23 36.03
CA GLN H 239 39.20 -11.17 34.58
C GLN H 239 38.46 -9.92 34.12
N TYR H 240 39.05 -9.20 33.15
CA TYR H 240 38.40 -8.09 32.47
C TYR H 240 38.36 -8.38 30.97
N TYR H 241 38.03 -9.64 30.63
CA TYR H 241 37.91 -10.13 29.26
C TYR H 241 36.49 -10.03 28.74
N SER H 242 35.49 -10.31 29.58
CA SER H 242 34.10 -10.28 29.16
C SER H 242 33.20 -9.86 30.31
N ALA H 243 32.22 -9.02 30.01
CA ALA H 243 31.25 -8.63 31.02
C ALA H 243 30.34 -9.81 31.33
N PRO H 244 29.90 -9.96 32.59
CA PRO H 244 30.26 -9.05 33.70
C PRO H 244 31.67 -9.31 34.20
N ILE H 245 32.31 -8.26 34.74
CA ILE H 245 33.60 -8.43 35.41
C ILE H 245 33.41 -9.39 36.57
N THR H 246 34.34 -10.35 36.72
CA THR H 246 34.21 -11.36 37.77
C THR H 246 35.52 -11.51 38.52
N PHE H 247 35.41 -11.70 39.82
CA PHE H 247 36.53 -11.90 40.72
C PHE H 247 36.51 -13.33 41.25
N GLY H 248 37.69 -13.84 41.60
CA GLY H 248 37.77 -15.05 42.38
C GLY H 248 37.22 -14.86 43.79
N GLN H 249 37.05 -15.97 44.51
CA GLN H 249 36.46 -15.91 45.83
C GLN H 249 37.44 -15.44 46.90
N GLY H 250 38.73 -15.38 46.60
CA GLY H 250 39.69 -14.91 47.57
C GLY H 250 40.52 -15.99 48.21
N THR H 251 41.77 -15.67 48.49
CA THR H 251 42.71 -16.56 49.17
C THR H 251 43.27 -15.80 50.37
N ARG H 252 42.91 -16.20 51.58
CA ARG H 252 43.47 -15.59 52.77
C ARG H 252 44.88 -16.10 52.99
N LEU H 253 45.83 -15.19 53.16
CA LEU H 253 47.21 -15.52 53.42
C LEU H 253 47.53 -15.09 54.84
N GLU H 254 47.87 -16.05 55.69
CA GLU H 254 48.28 -15.82 57.06
C GLU H 254 49.68 -16.38 57.28
N ILE H 255 50.20 -16.19 58.48
CA ILE H 255 51.52 -16.67 58.88
C ILE H 255 51.34 -17.88 59.77
N LYS H 256 52.28 -18.81 59.69
CA LYS H 256 52.21 -20.08 60.43
C LYS H 256 53.14 -20.04 61.63
#